data_1OHW
#
_entry.id   1OHW
#
_cell.length_a   69.660
_cell.length_b   226.712
_cell.length_c   71.366
_cell.angle_alpha   90.00
_cell.angle_beta   108.77
_cell.angle_gamma   90.00
#
_symmetry.space_group_name_H-M   'P 1 21 1'
#
loop_
_entity.id
_entity.type
_entity.pdbx_description
1 polymer '4-AMINOBUTYRATE AMINOTRANSFERASE'
2 non-polymer "PYRIDOXAL-5'-PHOSPHATE"
3 non-polymer '4-AMINO HEXANOIC ACID'
4 non-polymer 'FE2/S2 (INORGANIC) CLUSTER'
5 water water
#
_entity_poly.entity_id   1
_entity_poly.type   'polypeptide(L)'
_entity_poly.pdbx_seq_one_letter_code
;SQAAAKVDVEFDYDGPLMKTEVPGPRSRELMKQLNIIQNAEAVHFFCNYEESRGNYLVDVDGNRMLDLYSQISSIPIGYS
HPALVKLVQQPQNVSTFINRPALGILPPENFVEKLRESLLSVAPKGMSQLITMACGSCSNENAFKTIFMWYRSKERGQSA
FSKEELETCMINQAPGCPDYSILSFMGAFHGRTMGCLATTHSKAIHKIDIPSFDWPIAPFPRLKYPLEEFVKENQQEEAR
CLEEVEDLIVKYRKKKKTVAGIIVEPIQSEGGDNHASDDFFRKLRDISRKHGCAFLVDEVQTGGGSTGKFWAHEHWGLDD
PADVMTFSKKMMTGGFFHKEEFRPNAPYRIFNTWLGDPSKNLLLAEVINIIKREDLLSNAAHAGKVLLTGLLDLQARYPQ
FISRVRGRGTFCSFDTPDESIRNKLISIARNKGVMLGGCGDKSIRFRPTLVFRDHHAHLFLNIFSDILADFK
;
_entity_poly.pdbx_strand_id   A,B,C,D
#
# COMPACT_ATOMS: atom_id res chain seq x y z
N PHE A 11 33.07 4.23 -7.80
CA PHE A 11 33.62 3.28 -8.82
C PHE A 11 34.28 4.04 -9.97
N ASP A 12 35.59 3.85 -10.12
CA ASP A 12 36.39 4.60 -11.09
C ASP A 12 37.73 3.88 -11.35
N TYR A 13 38.30 4.05 -12.54
CA TYR A 13 39.63 3.51 -12.85
C TYR A 13 40.72 4.43 -12.30
N ASP A 14 41.97 3.98 -12.31
CA ASP A 14 43.08 4.75 -11.73
C ASP A 14 43.69 5.77 -12.70
N GLY A 15 43.35 5.65 -13.98
CA GLY A 15 43.91 6.53 -15.01
C GLY A 15 43.66 5.97 -16.40
N PRO A 16 44.06 6.72 -17.42
CA PRO A 16 43.85 6.28 -18.81
C PRO A 16 44.82 5.20 -19.24
N LEU A 17 44.44 4.41 -20.24
CA LEU A 17 45.27 3.34 -20.80
C LEU A 17 45.00 3.23 -22.27
N MET A 18 45.96 3.61 -23.10
CA MET A 18 45.82 3.57 -24.55
C MET A 18 46.52 2.34 -25.15
N LYS A 19 45.84 1.68 -26.09
CA LYS A 19 46.39 0.56 -26.85
C LYS A 19 46.60 0.95 -28.33
N THR A 20 45.74 1.80 -28.88
CA THR A 20 45.82 2.22 -30.28
C THR A 20 45.55 3.70 -30.46
N GLU A 21 45.91 4.20 -31.64
CA GLU A 21 45.33 5.42 -32.21
C GLU A 21 43.79 5.38 -32.14
N VAL A 22 43.14 6.55 -32.03
CA VAL A 22 41.69 6.66 -31.99
C VAL A 22 41.23 7.56 -33.14
N PRO A 23 40.27 7.12 -33.97
CA PRO A 23 39.62 5.81 -33.86
C PRO A 23 40.54 4.66 -34.26
N GLY A 24 40.47 3.54 -33.57
CA GLY A 24 41.25 2.36 -33.88
C GLY A 24 40.56 1.48 -34.93
N PRO A 25 41.18 0.35 -35.26
CA PRO A 25 40.71 -0.53 -36.34
C PRO A 25 39.24 -0.97 -36.22
N ARG A 26 38.82 -1.43 -35.04
CA ARG A 26 37.45 -1.89 -34.84
C ARG A 26 36.46 -0.72 -34.97
N SER A 27 36.83 0.45 -34.47
CA SER A 27 36.00 1.64 -34.66
C SER A 27 35.86 2.01 -36.13
N ARG A 28 36.97 1.97 -36.88
CA ARG A 28 36.96 2.41 -38.28
C ARG A 28 36.09 1.47 -39.10
N GLU A 29 36.11 0.19 -38.75
CA GLU A 29 35.26 -0.80 -39.40
C GLU A 29 33.77 -0.56 -39.12
N LEU A 30 33.42 -0.25 -37.87
CA LEU A 30 32.02 0.00 -37.53
C LEU A 30 31.54 1.32 -38.14
N MET A 31 32.46 2.27 -38.29
CA MET A 31 32.18 3.55 -38.93
C MET A 31 31.87 3.38 -40.41
N LYS A 32 32.55 2.44 -41.06
CA LYS A 32 32.32 2.14 -42.47
C LYS A 32 30.95 1.49 -42.67
N GLN A 33 30.58 0.56 -41.79
CA GLN A 33 29.28 -0.08 -41.80
C GLN A 33 28.15 0.95 -41.61
N LEU A 34 28.33 1.82 -40.63
CA LEU A 34 27.28 2.76 -40.30
C LEU A 34 27.11 3.76 -41.44
N ASN A 35 28.21 4.10 -42.11
CA ASN A 35 28.23 5.08 -43.21
C ASN A 35 27.40 4.67 -44.44
N ILE A 36 27.14 3.37 -44.60
CA ILE A 36 26.22 2.88 -45.63
C ILE A 36 24.79 3.40 -45.42
N ILE A 37 24.41 3.52 -44.16
CA ILE A 37 23.03 3.75 -43.76
C ILE A 37 22.73 5.24 -43.52
N GLN A 38 23.76 6.02 -43.18
CA GLN A 38 23.61 7.43 -42.90
C GLN A 38 24.97 8.12 -43.01
N ASN A 39 24.97 9.45 -43.05
CA ASN A 39 26.23 10.18 -42.98
C ASN A 39 26.81 10.02 -41.59
N ALA A 40 28.00 9.43 -41.52
CA ALA A 40 28.62 9.09 -40.26
C ALA A 40 29.92 9.86 -40.03
N GLU A 41 30.12 10.96 -40.75
CA GLU A 41 31.34 11.75 -40.61
C GLU A 41 31.54 12.38 -39.22
N ALA A 42 30.45 12.65 -38.51
CA ALA A 42 30.54 13.21 -37.15
C ALA A 42 31.09 12.23 -36.12
N VAL A 43 30.98 10.93 -36.40
CA VAL A 43 31.34 9.90 -35.43
C VAL A 43 32.82 9.97 -35.05
N HIS A 44 33.07 10.14 -33.76
CA HIS A 44 34.44 10.16 -33.24
C HIS A 44 35.00 8.75 -33.16
N PHE A 45 34.25 7.88 -32.50
CA PHE A 45 34.57 6.45 -32.40
C PHE A 45 33.43 5.70 -31.74
N PHE A 46 33.50 4.38 -31.80
CA PHE A 46 32.49 3.49 -31.21
C PHE A 46 32.92 3.05 -29.81
N CYS A 47 31.94 2.89 -28.92
CA CYS A 47 32.21 2.76 -27.49
C CYS A 47 31.74 1.45 -26.90
N ASN A 48 32.47 0.99 -25.90
CA ASN A 48 32.08 -0.10 -25.03
C ASN A 48 31.58 0.48 -23.71
N TYR A 49 30.29 0.83 -23.66
CA TYR A 49 29.69 1.41 -22.47
C TYR A 49 29.64 0.46 -21.28
N GLU A 50 29.59 -0.85 -21.57
CA GLU A 50 29.55 -1.88 -20.53
C GLU A 50 30.83 -1.86 -19.67
N GLU A 51 31.97 -1.50 -20.26
CA GLU A 51 33.25 -1.50 -19.55
C GLU A 51 33.65 -0.08 -19.10
N SER A 52 32.86 0.91 -19.52
CA SER A 52 33.08 2.28 -19.11
C SER A 52 32.61 2.46 -17.66
N ARG A 53 33.37 3.25 -16.90
CA ARG A 53 33.14 3.46 -15.47
C ARG A 53 33.63 4.85 -14.98
N GLY A 54 32.79 5.54 -14.22
CA GLY A 54 33.10 6.85 -13.66
C GLY A 54 33.45 7.91 -14.70
N ASN A 55 34.66 8.47 -14.59
CA ASN A 55 35.17 9.44 -15.55
C ASN A 55 35.79 8.85 -16.82
N TYR A 56 35.78 7.53 -16.96
CA TYR A 56 36.49 6.85 -18.05
C TYR A 56 35.57 6.19 -19.10
N LEU A 57 35.70 6.65 -20.34
CA LEU A 57 35.03 6.06 -21.48
C LEU A 57 35.95 5.05 -22.16
N VAL A 58 35.49 3.83 -22.34
CA VAL A 58 36.25 2.78 -22.99
C VAL A 58 35.71 2.57 -24.40
N ASP A 59 36.60 2.48 -25.40
CA ASP A 59 36.17 2.29 -26.77
C ASP A 59 36.28 0.81 -27.19
N VAL A 60 35.85 0.51 -28.41
CA VAL A 60 35.79 -0.88 -28.89
C VAL A 60 37.16 -1.48 -29.22
N ASP A 61 38.21 -0.66 -29.23
CA ASP A 61 39.59 -1.12 -29.42
C ASP A 61 40.34 -1.29 -28.09
N GLY A 62 39.61 -1.20 -26.98
CA GLY A 62 40.19 -1.35 -25.66
C GLY A 62 40.83 -0.11 -25.07
N ASN A 63 40.77 1.02 -25.78
CA ASN A 63 41.31 2.28 -25.27
C ASN A 63 40.43 2.81 -24.16
N ARG A 64 41.07 3.30 -23.10
CA ARG A 64 40.37 3.87 -21.96
C ARG A 64 40.82 5.31 -21.72
N MET A 65 39.89 6.25 -21.94
CA MET A 65 40.19 7.67 -21.94
C MET A 65 39.48 8.38 -20.79
N LEU A 66 40.18 9.28 -20.12
CA LEU A 66 39.56 10.26 -19.22
C LEU A 66 38.60 11.16 -20.01
N ASP A 67 37.31 11.12 -19.67
CA ASP A 67 36.29 11.77 -20.48
C ASP A 67 35.87 13.10 -19.88
N LEU A 68 36.37 14.17 -20.48
CA LEU A 68 36.04 15.52 -20.04
C LEU A 68 35.04 16.22 -20.98
N TYR A 69 34.31 15.41 -21.75
CA TYR A 69 33.25 15.89 -22.63
C TYR A 69 31.86 15.34 -22.25
N SER A 70 31.84 14.15 -21.63
CA SER A 70 30.64 13.53 -21.05
C SER A 70 29.39 13.50 -21.94
N GLN A 71 29.56 13.05 -23.19
CA GLN A 71 28.46 12.92 -24.16
C GLN A 71 27.80 14.29 -24.37
N ILE A 72 28.65 15.29 -24.56
CA ILE A 72 28.25 16.68 -24.71
C ILE A 72 27.44 17.11 -23.50
N SER A 73 28.05 16.94 -22.32
CA SER A 73 27.55 17.47 -21.06
C SER A 73 26.19 16.88 -20.63
N SER A 74 25.98 15.59 -20.90
CA SER A 74 24.70 14.94 -20.64
C SER A 74 24.76 13.76 -19.65
N ILE A 75 25.96 13.33 -19.26
CA ILE A 75 26.12 12.23 -18.31
C ILE A 75 26.41 12.85 -16.93
N PRO A 76 25.47 12.77 -16.00
CA PRO A 76 25.59 13.53 -14.75
C PRO A 76 26.60 12.98 -13.72
N ILE A 77 26.57 11.68 -13.44
CA ILE A 77 27.39 11.10 -12.37
C ILE A 77 28.26 9.94 -12.85
N GLY A 78 28.77 10.05 -14.06
CA GLY A 78 29.69 9.08 -14.61
C GLY A 78 29.02 7.84 -15.22
N TYR A 79 29.85 7.05 -15.91
CA TYR A 79 29.39 5.84 -16.56
C TYR A 79 29.15 4.71 -15.55
N SER A 80 28.14 3.90 -15.81
CA SER A 80 27.87 2.69 -15.02
C SER A 80 27.91 2.96 -13.51
N HIS A 81 27.25 4.03 -13.07
CA HIS A 81 27.22 4.34 -11.64
C HIS A 81 26.47 3.23 -10.89
N PRO A 82 27.10 2.69 -9.85
CA PRO A 82 26.54 1.58 -9.07
C PRO A 82 25.14 1.81 -8.52
N ALA A 83 24.80 3.03 -8.11
CA ALA A 83 23.45 3.34 -7.67
C ALA A 83 22.41 3.20 -8.79
N LEU A 84 22.79 3.56 -10.01
CA LEU A 84 21.89 3.43 -11.17
C LEU A 84 21.77 1.98 -11.62
N VAL A 85 22.85 1.22 -11.50
CA VAL A 85 22.85 -0.22 -11.77
C VAL A 85 21.78 -0.88 -10.89
N LYS A 86 21.78 -0.54 -9.60
CA LYS A 86 20.87 -1.15 -8.65
C LYS A 86 19.41 -0.87 -8.98
N LEU A 87 19.09 0.35 -9.43
CA LEU A 87 17.72 0.68 -9.85
C LEU A 87 17.20 -0.25 -10.94
N VAL A 88 18.02 -0.48 -11.96
CA VAL A 88 17.62 -1.33 -13.08
C VAL A 88 17.49 -2.80 -12.66
N GLN A 89 18.24 -3.19 -11.63
CA GLN A 89 18.20 -4.56 -11.13
C GLN A 89 16.96 -4.86 -10.28
N GLN A 90 16.30 -3.83 -9.75
CA GLN A 90 15.13 -4.03 -8.89
C GLN A 90 13.94 -4.52 -9.72
N PRO A 91 13.36 -5.68 -9.36
CA PRO A 91 12.19 -6.22 -10.07
C PRO A 91 10.96 -5.30 -10.15
N GLN A 92 10.77 -4.45 -9.16
CA GLN A 92 9.63 -3.52 -9.12
C GLN A 92 9.74 -2.42 -10.17
N ASN A 93 10.95 -2.19 -10.68
CA ASN A 93 11.20 -1.13 -11.68
C ASN A 93 11.07 -1.57 -13.13
N VAL A 94 10.83 -2.86 -13.36
CA VAL A 94 10.73 -3.42 -14.72
C VAL A 94 9.66 -2.73 -15.57
N SER A 95 8.47 -2.57 -15.00
CA SER A 95 7.33 -1.96 -15.68
C SER A 95 7.65 -0.57 -16.19
N THR A 96 8.39 0.19 -15.41
CA THR A 96 8.72 1.57 -15.75
C THR A 96 9.49 1.65 -17.08
N PHE A 97 10.36 0.67 -17.31
CA PHE A 97 11.16 0.60 -18.54
C PHE A 97 10.43 0.01 -19.75
N ILE A 98 9.37 -0.77 -19.56
CA ILE A 98 8.69 -1.44 -20.70
C ILE A 98 7.23 -1.03 -20.97
N ASN A 99 6.66 -0.17 -20.11
CA ASN A 99 5.29 0.32 -20.24
C ASN A 99 5.35 1.83 -20.25
N ARG A 100 5.66 2.42 -21.40
CA ARG A 100 5.77 3.86 -21.51
C ARG A 100 4.39 4.51 -21.70
N PRO A 101 4.01 5.40 -20.78
CA PRO A 101 2.69 6.03 -20.83
C PRO A 101 2.63 7.28 -21.70
N ALA A 102 1.45 7.53 -22.26
CA ALA A 102 1.08 8.86 -22.71
C ALA A 102 0.83 9.70 -21.46
N LEU A 103 1.88 10.34 -20.96
CA LEU A 103 1.88 11.00 -19.64
C LEU A 103 0.81 12.07 -19.45
N GLY A 104 0.46 12.78 -20.51
CA GLY A 104 -0.57 13.80 -20.45
C GLY A 104 -1.96 13.32 -20.09
N ILE A 105 -2.26 12.06 -20.39
CA ILE A 105 -3.60 11.51 -20.14
C ILE A 105 -3.65 10.34 -19.15
N LEU A 106 -2.59 9.55 -19.07
CA LEU A 106 -2.61 8.31 -18.31
C LEU A 106 -1.31 8.12 -17.49
N PRO A 107 -1.03 9.06 -16.59
CA PRO A 107 0.19 9.00 -15.80
C PRO A 107 0.18 7.83 -14.83
N PRO A 108 1.36 7.33 -14.48
CA PRO A 108 1.47 6.24 -13.49
C PRO A 108 1.21 6.75 -12.08
N GLU A 109 0.81 5.85 -11.18
CA GLU A 109 0.49 6.17 -9.79
C GLU A 109 1.55 7.03 -9.11
N ASN A 110 2.81 6.70 -9.32
CA ASN A 110 3.92 7.34 -8.62
C ASN A 110 4.43 8.59 -9.33
N PHE A 111 3.69 9.12 -10.29
CA PHE A 111 4.19 10.19 -11.14
C PHE A 111 4.50 11.44 -10.34
N VAL A 112 3.60 11.83 -9.44
CA VAL A 112 3.78 13.04 -8.67
C VAL A 112 4.87 12.87 -7.60
N GLU A 113 4.87 11.74 -6.90
CA GLU A 113 5.87 11.50 -5.85
C GLU A 113 7.29 11.47 -6.42
N LYS A 114 7.47 10.84 -7.57
CA LYS A 114 8.79 10.74 -8.18
C LYS A 114 9.26 12.11 -8.71
N LEU A 115 8.31 12.95 -9.12
CA LEU A 115 8.61 14.34 -9.43
C LEU A 115 9.04 15.11 -8.18
N ARG A 116 8.41 14.80 -7.03
CA ARG A 116 8.81 15.41 -5.75
C ARG A 116 10.22 14.98 -5.31
N GLU A 117 10.62 13.76 -5.65
CA GLU A 117 11.94 13.24 -5.29
C GLU A 117 13.00 13.78 -6.23
N SER A 118 12.59 14.21 -7.42
CA SER A 118 13.52 14.67 -8.46
C SER A 118 13.35 16.18 -8.73
N LEU A 119 12.63 16.53 -9.79
CA LEU A 119 12.65 17.90 -10.33
C LEU A 119 12.09 18.96 -9.39
N LEU A 120 11.05 18.63 -8.62
CA LEU A 120 10.46 19.62 -7.74
C LEU A 120 11.38 19.95 -6.57
N SER A 121 12.27 19.03 -6.19
CA SER A 121 13.21 19.30 -5.10
C SER A 121 14.30 20.28 -5.50
N VAL A 122 14.46 20.54 -6.80
CA VAL A 122 15.44 21.54 -7.28
C VAL A 122 14.79 22.67 -8.08
N ALA A 123 13.55 23.00 -7.78
CA ALA A 123 12.83 24.04 -8.51
C ALA A 123 13.51 25.39 -8.35
N PRO A 124 13.66 26.15 -9.43
CA PRO A 124 14.23 27.50 -9.33
C PRO A 124 13.30 28.41 -8.55
N LYS A 125 13.82 29.49 -8.00
CA LYS A 125 13.02 30.42 -7.21
C LYS A 125 11.88 31.03 -8.01
N GLY A 126 10.72 31.12 -7.36
CA GLY A 126 9.55 31.75 -7.94
C GLY A 126 8.81 30.96 -8.99
N MET A 127 9.22 29.72 -9.28
CA MET A 127 8.59 28.91 -10.32
C MET A 127 7.93 27.65 -9.77
N SER A 128 6.61 27.71 -9.58
CA SER A 128 5.84 26.61 -8.98
C SER A 128 5.36 25.57 -9.99
N GLN A 129 5.42 25.92 -11.28
CA GLN A 129 4.88 25.05 -12.32
C GLN A 129 5.98 24.26 -12.98
N LEU A 130 5.62 23.08 -13.49
CA LEU A 130 6.56 22.20 -14.18
C LEU A 130 5.83 21.40 -15.23
N ILE A 131 6.38 21.38 -16.43
CA ILE A 131 5.96 20.46 -17.49
C ILE A 131 7.20 19.72 -17.98
N THR A 132 7.06 18.41 -18.23
CA THR A 132 8.18 17.60 -18.68
C THR A 132 8.15 17.43 -20.19
N MET A 133 9.34 17.21 -20.76
CA MET A 133 9.57 17.04 -22.20
C MET A 133 10.75 16.07 -22.38
N ALA A 134 10.88 15.46 -23.55
CA ALA A 134 11.91 14.44 -23.78
C ALA A 134 13.34 14.96 -24.11
N CYS A 135 13.43 16.17 -24.65
CA CYS A 135 14.72 16.79 -24.95
C CYS A 135 14.70 18.32 -24.80
N GLY A 136 15.84 18.93 -25.06
CA GLY A 136 15.99 20.36 -24.95
C GLY A 136 15.28 21.13 -26.04
N SER A 137 15.13 20.52 -27.20
CA SER A 137 14.47 21.20 -28.30
C SER A 137 12.99 21.34 -28.07
N CYS A 138 12.31 20.27 -27.66
CA CYS A 138 10.87 20.40 -27.38
C CYS A 138 10.64 21.16 -26.10
N SER A 139 11.65 21.23 -25.24
CA SER A 139 11.57 22.06 -24.05
C SER A 139 11.45 23.53 -24.46
N ASN A 140 12.37 23.98 -25.33
CA ASN A 140 12.38 25.38 -25.79
C ASN A 140 11.20 25.72 -26.72
N GLU A 141 10.83 24.79 -27.60
CA GLU A 141 9.70 25.00 -28.50
C GLU A 141 8.43 25.26 -27.68
N ASN A 142 8.17 24.40 -26.70
CA ASN A 142 7.01 24.51 -25.85
C ASN A 142 7.08 25.66 -24.87
N ALA A 143 8.29 26.04 -24.47
CA ALA A 143 8.49 27.27 -23.70
C ALA A 143 8.11 28.47 -24.53
N PHE A 144 8.49 28.49 -25.81
CA PHE A 144 8.13 29.56 -26.73
C PHE A 144 6.61 29.67 -26.82
N LYS A 145 5.93 28.54 -27.03
CA LYS A 145 4.49 28.53 -27.18
C LYS A 145 3.80 28.97 -25.88
N THR A 146 4.33 28.55 -24.74
CA THR A 146 3.78 28.93 -23.44
C THR A 146 3.83 30.46 -23.29
N ILE A 147 4.93 31.04 -23.77
CA ILE A 147 5.14 32.48 -23.75
C ILE A 147 4.19 33.20 -24.72
N PHE A 148 4.00 32.68 -25.93
CA PHE A 148 3.11 33.32 -26.89
C PHE A 148 1.67 33.32 -26.37
N MET A 149 1.24 32.19 -25.80
CA MET A 149 -0.10 32.03 -25.21
C MET A 149 -0.32 33.03 -24.08
N TRP A 150 0.68 33.15 -23.21
CA TRP A 150 0.64 34.09 -22.11
C TRP A 150 0.53 35.54 -22.59
N TYR A 151 1.35 35.92 -23.58
CA TYR A 151 1.38 37.30 -24.07
C TYR A 151 0.04 37.71 -24.72
N ARG A 152 -0.59 36.78 -25.46
CA ARG A 152 -1.88 37.03 -26.10
C ARG A 152 -2.94 37.16 -25.05
N SER A 153 -2.80 36.35 -24.00
CA SER A 153 -3.74 36.33 -22.90
C SER A 153 -3.73 37.69 -22.20
N LYS A 154 -2.57 38.32 -22.12
CA LYS A 154 -2.44 39.65 -21.51
C LYS A 154 -3.23 40.67 -22.32
N GLU A 155 -3.09 40.58 -23.64
CA GLU A 155 -3.70 41.54 -24.55
C GLU A 155 -5.22 41.43 -24.57
N ARG A 156 -5.74 40.21 -24.73
CA ARG A 156 -7.17 40.04 -24.86
C ARG A 156 -7.91 40.18 -23.50
N GLY A 157 -7.17 40.06 -22.39
CA GLY A 157 -7.73 40.25 -21.06
C GLY A 157 -8.64 39.11 -20.65
N GLN A 158 -9.86 39.43 -20.24
CA GLN A 158 -10.88 38.41 -19.90
C GLN A 158 -11.66 37.93 -21.15
N SER A 159 -11.55 38.64 -22.26
CA SER A 159 -12.25 38.29 -23.51
C SER A 159 -11.96 36.86 -23.98
N ALA A 160 -12.96 36.24 -24.60
CA ALA A 160 -12.80 34.92 -25.22
C ALA A 160 -11.98 35.02 -26.51
N PHE A 161 -11.51 33.86 -26.99
CA PHE A 161 -11.02 33.77 -28.36
C PHE A 161 -12.15 34.28 -29.24
N SER A 162 -11.79 34.95 -30.32
CA SER A 162 -12.76 35.48 -31.29
C SER A 162 -13.00 34.46 -32.41
N LYS A 163 -14.11 34.61 -33.12
CA LYS A 163 -14.44 33.74 -34.25
C LYS A 163 -13.35 33.87 -35.29
N GLU A 164 -12.92 35.10 -35.56
CA GLU A 164 -11.91 35.35 -36.57
C GLU A 164 -10.60 34.61 -36.24
N GLU A 165 -10.21 34.61 -34.97
CA GLU A 165 -8.99 33.93 -34.52
C GLU A 165 -9.09 32.43 -34.64
N LEU A 166 -10.22 31.86 -34.25
CA LEU A 166 -10.45 30.42 -34.36
C LEU A 166 -10.38 29.91 -35.81
N GLU A 167 -10.90 30.71 -36.74
CA GLU A 167 -10.92 30.35 -38.16
C GLU A 167 -9.55 30.52 -38.82
N THR A 168 -8.92 31.67 -38.61
CA THR A 168 -7.63 31.97 -39.26
C THR A 168 -6.48 31.12 -38.75
N CYS A 169 -6.52 30.72 -37.48
CA CYS A 169 -5.41 29.96 -36.90
C CYS A 169 -5.27 28.59 -37.54
N MET A 170 -6.38 28.03 -38.02
CA MET A 170 -6.38 26.74 -38.69
C MET A 170 -5.67 26.78 -40.03
N ILE A 171 -5.67 27.95 -40.68
CA ILE A 171 -4.99 28.15 -41.96
C ILE A 171 -3.76 29.06 -41.86
N ASN A 172 -3.08 29.00 -40.73
CA ASN A 172 -1.76 29.64 -40.55
C ASN A 172 -1.76 31.17 -40.76
N GLN A 173 -2.88 31.83 -40.49
CA GLN A 173 -3.03 33.27 -40.75
C GLN A 173 -3.28 34.05 -39.46
N ALA A 174 -2.85 35.31 -39.46
CA ALA A 174 -3.22 36.27 -38.41
C ALA A 174 -4.71 36.59 -38.56
N PRO A 175 -5.41 37.00 -37.50
CA PRO A 175 -4.83 37.19 -36.16
C PRO A 175 -4.73 35.93 -35.32
N GLY A 176 -5.36 34.83 -35.76
CA GLY A 176 -5.30 33.57 -35.03
C GLY A 176 -3.87 33.11 -34.78
N CYS A 177 -3.00 33.31 -35.76
CA CYS A 177 -1.55 33.05 -35.64
C CYS A 177 -0.83 34.39 -35.62
N PRO A 178 -0.50 34.89 -34.44
CA PRO A 178 0.09 36.23 -34.34
C PRO A 178 1.50 36.26 -34.91
N ASP A 179 1.97 37.45 -35.27
CA ASP A 179 3.28 37.62 -35.86
C ASP A 179 4.32 37.99 -34.78
N TYR A 180 4.21 37.37 -33.62
CA TYR A 180 5.08 37.68 -32.47
C TYR A 180 6.43 37.00 -32.59
N SER A 181 7.39 37.52 -31.82
CA SER A 181 8.79 37.09 -31.94
C SER A 181 9.37 36.73 -30.58
N ILE A 182 10.46 35.98 -30.64
CA ILE A 182 11.32 35.72 -29.49
C ILE A 182 12.67 36.34 -29.83
N LEU A 183 13.18 37.20 -28.95
CA LEU A 183 14.50 37.80 -29.14
C LEU A 183 15.59 36.83 -28.69
N SER A 184 16.61 36.67 -29.52
CA SER A 184 17.75 35.80 -29.22
C SER A 184 19.10 36.53 -29.46
N PHE A 185 20.19 35.87 -29.11
CA PHE A 185 21.51 36.47 -29.15
C PHE A 185 22.42 35.82 -30.17
N MET A 186 23.30 36.61 -30.78
CA MET A 186 24.37 36.08 -31.60
C MET A 186 25.22 35.17 -30.72
N GLY A 187 25.68 34.06 -31.29
CA GLY A 187 26.41 33.04 -30.56
C GLY A 187 25.56 32.02 -29.82
N ALA A 188 24.22 32.18 -29.88
CA ALA A 188 23.33 31.32 -29.11
C ALA A 188 23.14 29.95 -29.77
N PHE A 189 22.78 28.97 -28.96
CA PHE A 189 22.32 27.69 -29.43
C PHE A 189 21.23 27.17 -28.49
N HIS A 190 20.06 26.92 -29.08
CA HIS A 190 18.91 26.50 -28.33
C HIS A 190 18.17 25.30 -28.95
N GLY A 191 18.77 24.66 -29.96
CA GLY A 191 18.19 23.50 -30.62
C GLY A 191 18.04 23.73 -32.10
N ARG A 192 17.55 22.72 -32.81
CA ARG A 192 17.57 22.73 -34.26
C ARG A 192 16.22 22.40 -34.93
N THR A 193 15.18 22.19 -34.14
CA THR A 193 13.83 22.17 -34.70
C THR A 193 13.58 23.61 -35.17
N MET A 194 12.66 23.80 -36.09
CA MET A 194 12.57 25.08 -36.83
C MET A 194 12.26 26.30 -35.95
N GLY A 195 11.60 26.10 -34.82
CA GLY A 195 11.40 27.19 -33.88
C GLY A 195 12.69 27.54 -33.15
N CYS A 196 13.27 26.54 -32.49
CA CYS A 196 14.57 26.69 -31.81
C CYS A 196 15.64 27.23 -32.73
N LEU A 197 15.66 26.76 -33.96
CA LEU A 197 16.73 27.09 -34.89
C LEU A 197 16.72 28.58 -35.17
N ALA A 198 15.54 29.19 -35.29
CA ALA A 198 15.43 30.63 -35.45
C ALA A 198 16.18 31.41 -34.33
N THR A 199 16.19 30.89 -33.11
CA THR A 199 16.87 31.54 -31.99
C THR A 199 18.35 31.14 -31.85
N THR A 200 18.80 30.22 -32.69
CA THR A 200 20.17 29.72 -32.73
C THR A 200 20.98 30.53 -33.72
N HIS A 201 22.19 30.91 -33.31
CA HIS A 201 23.11 31.68 -34.13
C HIS A 201 24.55 31.26 -33.80
N SER A 202 24.80 29.97 -33.97
CA SER A 202 26.04 29.34 -33.54
C SER A 202 27.02 29.25 -34.68
N LYS A 203 26.64 28.51 -35.73
CA LYS A 203 27.52 28.15 -36.84
C LYS A 203 26.66 28.09 -38.10
N ALA A 204 27.22 28.51 -39.24
CA ALA A 204 26.44 28.60 -40.46
C ALA A 204 25.93 27.24 -40.92
N ILE A 205 26.72 26.19 -40.73
CA ILE A 205 26.34 24.84 -41.18
C ILE A 205 25.07 24.35 -40.45
N HIS A 206 24.84 24.86 -39.25
CA HIS A 206 23.61 24.59 -38.51
C HIS A 206 22.36 25.24 -39.11
N LYS A 207 22.54 26.39 -39.77
CA LYS A 207 21.42 27.24 -40.17
C LYS A 207 21.08 27.21 -41.66
N ILE A 208 22.09 26.95 -42.50
CA ILE A 208 21.98 27.21 -43.93
C ILE A 208 20.99 26.27 -44.63
N ASP A 209 20.22 26.85 -45.56
CA ASP A 209 19.14 26.20 -46.34
C ASP A 209 17.83 25.93 -45.60
N ILE A 210 17.73 26.34 -44.34
CA ILE A 210 16.51 26.12 -43.56
C ILE A 210 15.71 27.40 -43.38
N PRO A 211 14.42 27.40 -43.76
CA PRO A 211 13.56 28.57 -43.52
C PRO A 211 13.55 29.00 -42.07
N SER A 212 13.42 30.30 -41.84
CA SER A 212 13.54 30.87 -40.52
C SER A 212 12.41 31.84 -40.22
N PHE A 213 12.56 32.55 -39.11
CA PHE A 213 11.62 33.58 -38.68
C PHE A 213 12.37 34.91 -38.62
N ASP A 214 11.71 35.99 -39.01
CA ASP A 214 12.29 37.32 -38.84
C ASP A 214 12.09 37.79 -37.40
N TRP A 215 12.99 37.37 -36.52
CA TRP A 215 12.95 37.71 -35.10
C TRP A 215 14.25 38.46 -34.74
N PRO A 216 14.18 39.35 -33.75
CA PRO A 216 15.32 40.23 -33.44
C PRO A 216 16.51 39.46 -32.87
N ILE A 217 17.71 39.83 -33.28
CA ILE A 217 18.93 39.18 -32.86
C ILE A 217 19.88 40.22 -32.27
N ALA A 218 20.14 40.12 -30.97
CA ALA A 218 20.99 41.05 -30.24
C ALA A 218 22.40 40.49 -30.07
N PRO A 219 23.39 41.37 -29.93
CA PRO A 219 24.76 40.92 -29.63
C PRO A 219 24.88 40.42 -28.20
N PHE A 220 25.61 39.33 -28.03
CA PHE A 220 26.00 38.85 -26.70
C PHE A 220 27.37 39.43 -26.38
N PRO A 221 27.58 39.89 -25.15
CA PRO A 221 28.85 40.53 -24.77
C PRO A 221 30.05 39.67 -25.08
N ARG A 222 31.10 40.27 -25.64
CA ARG A 222 32.39 39.60 -25.76
C ARG A 222 33.38 40.23 -24.79
N LEU A 223 33.60 39.52 -23.67
CA LEU A 223 34.55 39.93 -22.65
C LEU A 223 35.97 39.78 -23.14
N LYS A 224 36.83 40.69 -22.68
CA LYS A 224 38.27 40.67 -22.93
C LYS A 224 39.00 40.17 -21.67
N TYR A 225 40.09 39.44 -21.90
CA TYR A 225 40.80 38.76 -20.83
C TYR A 225 42.26 39.19 -20.83
N PRO A 226 42.93 39.19 -19.67
CA PRO A 226 42.33 38.82 -18.38
C PRO A 226 41.31 39.86 -17.87
N LEU A 227 40.35 39.40 -17.07
CA LEU A 227 39.22 40.24 -16.66
C LEU A 227 39.63 41.47 -15.84
N GLU A 228 40.68 41.33 -15.02
CA GLU A 228 41.10 42.45 -14.15
C GLU A 228 41.85 43.57 -14.89
N GLU A 229 42.28 43.32 -16.12
CA GLU A 229 42.94 44.34 -16.94
C GLU A 229 41.96 45.04 -17.91
N PHE A 230 40.69 44.64 -17.88
CA PHE A 230 39.67 45.15 -18.80
C PHE A 230 38.33 45.41 -18.06
N VAL A 231 38.40 45.94 -16.84
CA VAL A 231 37.18 46.20 -16.05
C VAL A 231 36.27 47.18 -16.78
N LYS A 232 36.82 48.33 -17.16
CA LYS A 232 36.06 49.39 -17.83
C LYS A 232 35.56 48.96 -19.21
N GLU A 233 36.43 48.31 -19.97
CA GLU A 233 36.11 47.90 -21.33
C GLU A 233 34.98 46.87 -21.32
N ASN A 234 35.04 45.92 -20.41
CA ASN A 234 34.00 44.88 -20.30
C ASN A 234 32.67 45.46 -19.78
N GLN A 235 32.74 46.41 -18.86
CA GLN A 235 31.55 47.15 -18.42
C GLN A 235 30.86 47.85 -19.59
N GLN A 236 31.65 48.52 -20.43
CA GLN A 236 31.13 49.26 -21.59
C GLN A 236 30.58 48.34 -22.68
N GLU A 237 31.20 47.16 -22.85
CA GLU A 237 30.77 46.17 -23.84
C GLU A 237 29.40 45.65 -23.44
N GLU A 238 29.26 45.29 -22.17
CA GLU A 238 27.98 44.78 -21.64
C GLU A 238 26.88 45.83 -21.71
N ALA A 239 27.22 47.09 -21.44
CA ALA A 239 26.26 48.19 -21.51
C ALA A 239 25.79 48.47 -22.93
N ARG A 240 26.70 48.33 -23.90
CA ARG A 240 26.35 48.48 -25.32
C ARG A 240 25.38 47.38 -25.74
N CYS A 241 25.61 46.16 -25.27
CA CYS A 241 24.75 45.04 -25.64
C CYS A 241 23.34 45.21 -25.06
N LEU A 242 23.26 45.66 -23.82
CA LEU A 242 21.96 45.83 -23.15
C LEU A 242 21.14 46.92 -23.83
N GLU A 243 21.80 48.00 -24.23
CA GLU A 243 21.13 49.06 -24.95
C GLU A 243 20.59 48.54 -26.29
N GLU A 244 21.37 47.72 -26.99
CA GLU A 244 20.96 47.19 -28.30
C GLU A 244 19.82 46.18 -28.18
N VAL A 245 19.75 45.47 -27.06
CA VAL A 245 18.62 44.59 -26.76
C VAL A 245 17.35 45.46 -26.69
N GLU A 246 17.42 46.53 -25.91
CA GLU A 246 16.25 47.38 -25.69
C GLU A 246 15.79 48.06 -26.97
N ASP A 247 16.73 48.57 -27.78
CA ASP A 247 16.41 49.17 -29.09
C ASP A 247 15.69 48.17 -30.00
N LEU A 248 16.09 46.91 -29.95
CA LEU A 248 15.51 45.88 -30.80
C LEU A 248 14.08 45.57 -30.37
N ILE A 249 13.81 45.55 -29.07
CA ILE A 249 12.46 45.34 -28.57
C ILE A 249 11.55 46.47 -29.07
N VAL A 250 12.05 47.71 -28.96
CA VAL A 250 11.28 48.88 -29.40
C VAL A 250 11.04 48.83 -30.91
N LYS A 251 12.06 48.46 -31.66
CA LYS A 251 12.01 48.43 -33.11
C LYS A 251 11.02 47.38 -33.60
N TYR A 252 11.00 46.22 -32.94
CA TYR A 252 10.11 45.14 -33.36
C TYR A 252 8.65 45.36 -32.92
N ARG A 253 8.44 46.17 -31.88
CA ARG A 253 7.09 46.61 -31.50
C ARG A 253 6.49 47.43 -32.63
N LYS A 254 7.29 48.36 -33.15
CA LYS A 254 6.87 49.22 -34.27
C LYS A 254 6.61 48.44 -35.57
N LYS A 255 7.41 47.41 -35.82
CA LYS A 255 7.18 46.51 -36.97
C LYS A 255 5.95 45.60 -36.81
N LYS A 256 5.30 45.65 -35.65
CA LYS A 256 4.14 44.80 -35.32
C LYS A 256 4.54 43.32 -35.31
N LYS A 257 5.75 43.07 -34.84
CA LYS A 257 6.27 41.74 -34.58
C LYS A 257 6.74 41.73 -33.12
N THR A 258 5.79 42.03 -32.23
CA THR A 258 6.05 42.23 -30.82
C THR A 258 6.90 41.12 -30.20
N VAL A 259 7.93 41.51 -29.46
CA VAL A 259 8.77 40.58 -28.72
C VAL A 259 8.01 40.09 -27.50
N ALA A 260 7.52 38.85 -27.57
CA ALA A 260 6.80 38.22 -26.48
C ALA A 260 7.73 37.70 -25.39
N GLY A 261 8.95 37.33 -25.78
CA GLY A 261 9.93 36.80 -24.85
C GLY A 261 11.37 36.94 -25.32
N ILE A 262 12.29 36.84 -24.36
CA ILE A 262 13.74 36.85 -24.61
C ILE A 262 14.31 35.53 -24.12
N ILE A 263 15.09 34.86 -24.97
CA ILE A 263 15.79 33.65 -24.57
C ILE A 263 17.32 33.89 -24.53
N VAL A 264 17.97 33.36 -23.50
CA VAL A 264 19.41 33.46 -23.31
C VAL A 264 19.97 32.29 -22.50
N GLU A 265 21.20 31.88 -22.80
CA GLU A 265 21.92 30.91 -21.99
C GLU A 265 22.73 31.66 -20.92
N PRO A 266 22.80 31.15 -19.70
CA PRO A 266 23.68 31.77 -18.69
C PRO A 266 25.15 31.82 -19.15
N ILE A 267 25.56 30.79 -19.89
CA ILE A 267 26.84 30.76 -20.59
C ILE A 267 26.55 30.17 -21.94
N GLN A 268 26.97 30.85 -23.02
CA GLN A 268 26.74 30.34 -24.38
C GLN A 268 27.69 29.17 -24.64
N SER A 269 27.16 28.00 -24.94
CA SER A 269 27.99 26.80 -25.09
C SER A 269 28.47 26.57 -26.51
N GLU A 270 27.60 26.07 -27.38
CA GLU A 270 27.99 25.68 -28.75
C GLU A 270 28.62 26.86 -29.52
N GLY A 271 28.17 28.07 -29.23
CA GLY A 271 28.70 29.27 -29.88
C GLY A 271 30.08 29.72 -29.42
N GLY A 272 30.64 29.08 -28.39
CA GLY A 272 32.03 29.31 -28.00
C GLY A 272 32.33 29.59 -26.54
N ASP A 273 31.54 29.05 -25.62
CA ASP A 273 31.67 29.31 -24.19
C ASP A 273 31.81 30.78 -23.87
N ASN A 274 30.83 31.57 -24.30
CA ASN A 274 30.83 33.01 -24.05
C ASN A 274 30.18 33.32 -22.70
N HIS A 275 30.93 34.00 -21.83
CA HIS A 275 30.49 34.40 -20.49
C HIS A 275 30.09 35.88 -20.47
N ALA A 276 29.25 36.22 -19.50
CA ALA A 276 28.98 37.61 -19.14
C ALA A 276 28.82 37.72 -17.62
N SER A 277 28.94 38.93 -17.11
CA SER A 277 28.88 39.15 -15.67
C SER A 277 27.47 38.89 -15.17
N ASP A 278 27.35 38.58 -13.88
CA ASP A 278 26.06 38.39 -13.24
C ASP A 278 25.24 39.67 -13.31
N ASP A 279 25.93 40.80 -13.23
CA ASP A 279 25.32 42.11 -13.36
C ASP A 279 24.60 42.23 -14.71
N PHE A 280 25.25 41.77 -15.78
CA PHE A 280 24.64 41.81 -17.11
C PHE A 280 23.30 41.07 -17.14
N PHE A 281 23.26 39.86 -16.58
CA PHE A 281 22.03 39.08 -16.60
C PHE A 281 20.92 39.68 -15.73
N ARG A 282 21.31 40.29 -14.61
CA ARG A 282 20.35 40.98 -13.74
C ARG A 282 19.67 42.14 -14.49
N LYS A 283 20.47 42.91 -15.23
CA LYS A 283 19.95 44.03 -16.01
C LYS A 283 19.11 43.55 -17.18
N LEU A 284 19.54 42.46 -17.82
CA LEU A 284 18.79 41.89 -18.94
C LEU A 284 17.41 41.47 -18.46
N ARG A 285 17.37 40.86 -17.28
CA ARG A 285 16.11 40.44 -16.67
C ARG A 285 15.19 41.64 -16.42
N ASP A 286 15.76 42.73 -15.93
CA ASP A 286 15.00 43.97 -15.70
C ASP A 286 14.44 44.55 -16.98
N ILE A 287 15.22 44.49 -18.07
CA ILE A 287 14.79 45.00 -19.37
C ILE A 287 13.61 44.17 -19.86
N SER A 288 13.71 42.86 -19.66
CA SER A 288 12.65 41.94 -20.06
C SER A 288 11.34 42.32 -19.39
N ARG A 289 11.38 42.49 -18.07
CA ARG A 289 10.19 42.82 -17.27
C ARG A 289 9.63 44.17 -17.70
N LYS A 290 10.52 45.14 -17.90
CA LYS A 290 10.16 46.50 -18.24
C LYS A 290 9.27 46.56 -19.50
N HIS A 291 9.57 45.70 -20.48
CA HIS A 291 8.88 45.69 -21.79
C HIS A 291 7.82 44.60 -21.91
N GLY A 292 7.50 43.93 -20.79
CA GLY A 292 6.50 42.88 -20.78
C GLY A 292 6.91 41.61 -21.52
N CYS A 293 8.21 41.41 -21.70
CA CYS A 293 8.72 40.19 -22.34
C CYS A 293 8.98 39.14 -21.29
N ALA A 294 8.53 37.92 -21.55
CA ALA A 294 8.89 36.78 -20.72
C ALA A 294 10.40 36.54 -20.79
N PHE A 295 11.04 36.30 -19.65
CA PHE A 295 12.46 36.00 -19.64
C PHE A 295 12.64 34.49 -19.55
N LEU A 296 13.15 33.92 -20.62
CA LEU A 296 13.33 32.48 -20.79
C LEU A 296 14.81 32.17 -20.64
N VAL A 297 15.19 31.45 -19.59
CA VAL A 297 16.58 31.08 -19.37
C VAL A 297 16.78 29.61 -19.76
N ASP A 298 17.70 29.39 -20.69
CA ASP A 298 18.00 28.05 -21.23
C ASP A 298 19.19 27.45 -20.50
N GLU A 299 18.89 26.50 -19.61
CA GLU A 299 19.88 25.78 -18.80
C GLU A 299 20.04 24.32 -19.24
N VAL A 300 19.68 24.02 -20.49
CA VAL A 300 19.87 22.69 -21.06
C VAL A 300 21.32 22.18 -20.87
N GLN A 301 22.29 23.05 -21.12
CA GLN A 301 23.71 22.67 -20.95
C GLN A 301 24.36 23.15 -19.65
N THR A 302 23.92 24.29 -19.09
CA THR A 302 24.50 24.81 -17.84
C THR A 302 23.90 24.19 -16.59
N GLY A 303 22.69 23.65 -16.69
CA GLY A 303 22.01 23.05 -15.57
C GLY A 303 22.58 21.71 -15.18
N GLY A 304 22.39 21.37 -13.91
CA GLY A 304 22.88 20.11 -13.35
C GLY A 304 24.17 20.21 -12.55
N GLY A 305 24.58 21.40 -12.11
CA GLY A 305 25.57 21.52 -11.05
C GLY A 305 27.00 21.87 -11.42
N SER A 306 27.38 21.72 -12.69
CA SER A 306 28.81 21.83 -13.03
C SER A 306 29.44 23.22 -12.77
N THR A 307 28.61 24.27 -12.71
CA THR A 307 29.11 25.62 -12.39
C THR A 307 29.26 25.89 -10.90
N GLY A 308 28.90 24.93 -10.06
CA GLY A 308 28.98 25.04 -8.61
C GLY A 308 27.63 25.26 -7.93
N LYS A 309 26.61 25.60 -8.72
CA LYS A 309 25.23 25.67 -8.24
C LYS A 309 24.42 24.79 -9.17
N PHE A 310 23.30 24.27 -8.67
CA PHE A 310 22.48 23.37 -9.49
C PHE A 310 22.09 24.02 -10.82
N TRP A 311 21.55 25.23 -10.75
CA TRP A 311 21.29 26.04 -11.95
C TRP A 311 22.27 27.20 -11.97
N ALA A 312 22.90 27.43 -13.13
CA ALA A 312 23.88 28.50 -13.29
C ALA A 312 23.30 29.87 -12.94
N HIS A 313 22.01 30.07 -13.20
CA HIS A 313 21.37 31.36 -12.90
C HIS A 313 21.31 31.71 -11.42
N GLU A 314 21.44 30.71 -10.56
CA GLU A 314 21.50 30.93 -9.11
C GLU A 314 22.64 31.86 -8.69
N HIS A 315 23.73 31.84 -9.46
CA HIS A 315 24.85 32.75 -9.22
C HIS A 315 24.42 34.24 -9.28
N TRP A 316 23.39 34.55 -10.07
CA TRP A 316 22.91 35.93 -10.19
C TRP A 316 22.35 36.47 -8.86
N GLY A 317 21.85 35.57 -8.02
CA GLY A 317 21.39 35.93 -6.69
C GLY A 317 20.03 36.60 -6.66
N LEU A 318 19.17 36.32 -7.64
CA LEU A 318 17.86 36.94 -7.74
C LEU A 318 16.73 36.08 -7.15
N ASP A 319 15.78 36.77 -6.51
CA ASP A 319 14.56 36.14 -6.01
C ASP A 319 13.60 35.83 -7.16
N ASP A 320 13.68 36.62 -8.23
CA ASP A 320 12.85 36.47 -9.43
C ASP A 320 13.82 36.44 -10.62
N PRO A 321 14.49 35.29 -10.82
CA PRO A 321 15.53 35.18 -11.85
C PRO A 321 14.98 35.09 -13.27
N ALA A 322 13.75 34.58 -13.41
CA ALA A 322 13.21 34.27 -14.73
C ALA A 322 11.72 33.93 -14.65
N ASP A 323 11.08 33.93 -15.81
CA ASP A 323 9.68 33.51 -15.93
C ASP A 323 9.57 32.05 -16.29
N VAL A 324 10.49 31.59 -17.14
CA VAL A 324 10.55 30.20 -17.60
C VAL A 324 12.02 29.75 -17.66
N MET A 325 12.27 28.49 -17.33
CA MET A 325 13.61 27.91 -17.42
C MET A 325 13.56 26.49 -17.97
N THR A 326 14.26 26.27 -19.07
CA THR A 326 14.33 24.94 -19.70
C THR A 326 15.58 24.20 -19.24
N PHE A 327 15.51 22.88 -19.39
CA PHE A 327 16.59 21.98 -18.98
C PHE A 327 16.49 20.69 -19.77
N SER A 328 17.59 19.93 -19.72
CA SER A 328 17.68 18.59 -20.30
C SER A 328 19.06 18.00 -19.96
N LYS A 329 19.50 17.05 -20.77
CA LYS A 329 20.84 16.50 -20.73
C LYS A 329 21.18 15.80 -19.42
N LYS A 330 21.91 16.48 -18.54
CA LYS A 330 22.21 16.01 -17.19
C LYS A 330 20.98 15.59 -16.37
N MET A 331 19.86 16.26 -16.66
CA MET A 331 18.62 16.03 -15.96
C MET A 331 17.95 14.75 -16.43
N MET A 332 18.53 14.04 -17.39
CA MET A 332 17.98 12.76 -17.92
C MET A 332 16.71 12.97 -18.78
N THR A 333 15.80 13.80 -18.28
CA THR A 333 14.64 14.23 -19.04
C THR A 333 14.75 15.73 -19.31
N GLY A 334 13.95 16.19 -20.26
CA GLY A 334 13.79 17.60 -20.47
C GLY A 334 12.59 18.13 -19.70
N GLY A 335 12.25 19.39 -19.98
CA GLY A 335 11.09 20.05 -19.39
C GLY A 335 11.33 21.54 -19.14
N PHE A 336 10.36 22.19 -18.52
CA PHE A 336 10.56 23.55 -18.10
C PHE A 336 9.75 23.93 -16.88
N PHE A 337 10.42 24.55 -15.90
CA PHE A 337 9.75 25.20 -14.79
C PHE A 337 9.21 26.56 -15.27
N HIS A 338 8.12 27.03 -14.66
CA HIS A 338 7.65 28.39 -14.93
C HIS A 338 6.81 28.99 -13.80
N LYS A 339 6.56 30.29 -13.91
CA LYS A 339 5.72 31.01 -12.94
C LYS A 339 4.28 30.61 -13.14
N GLU A 340 3.50 30.64 -12.05
CA GLU A 340 2.08 30.28 -12.07
C GLU A 340 1.33 31.02 -13.17
N GLU A 341 1.66 32.29 -13.36
CA GLU A 341 0.95 33.13 -14.34
C GLU A 341 1.14 32.66 -15.79
N PHE A 342 2.16 31.86 -16.05
CA PHE A 342 2.39 31.27 -17.37
C PHE A 342 1.68 29.93 -17.59
N ARG A 343 0.99 29.46 -16.58
CA ARG A 343 0.18 28.26 -16.67
C ARG A 343 -0.84 28.39 -17.81
N PRO A 344 -0.81 27.46 -18.76
CA PRO A 344 -1.83 27.41 -19.81
C PRO A 344 -3.25 27.41 -19.23
N ASN A 345 -4.13 28.20 -19.83
CA ASN A 345 -5.53 28.32 -19.41
C ASN A 345 -6.39 27.09 -19.72
N ALA A 346 -6.02 26.33 -20.76
CA ALA A 346 -6.77 25.15 -21.18
C ALA A 346 -5.84 23.99 -21.51
N PRO A 347 -6.34 22.76 -21.44
CA PRO A 347 -5.55 21.58 -21.83
C PRO A 347 -5.37 21.50 -23.34
N TYR A 348 -4.48 20.61 -23.77
CA TYR A 348 -4.26 20.31 -25.19
C TYR A 348 -3.65 21.46 -26.01
N ARG A 349 -3.02 22.41 -25.33
CA ARG A 349 -2.27 23.47 -25.98
C ARG A 349 -0.77 23.18 -25.86
N ILE A 350 -0.28 22.94 -24.64
CA ILE A 350 1.05 22.38 -24.42
C ILE A 350 0.86 20.89 -24.17
N PHE A 351 1.31 20.08 -25.13
CA PHE A 351 0.96 18.68 -25.15
C PHE A 351 1.76 17.94 -26.20
N ASN A 352 2.06 16.68 -25.90
CA ASN A 352 2.48 15.70 -26.91
C ASN A 352 2.29 14.29 -26.34
N THR A 353 2.64 13.27 -27.10
CA THR A 353 2.35 11.89 -26.73
C THR A 353 2.98 11.50 -25.40
N TRP A 354 4.30 11.67 -25.29
CA TRP A 354 5.08 11.09 -24.20
C TRP A 354 5.49 12.06 -23.07
N LEU A 355 5.73 13.33 -23.41
CA LEU A 355 6.07 14.37 -22.44
C LEU A 355 7.20 13.96 -21.50
N GLY A 356 8.24 13.39 -22.08
CA GLY A 356 9.32 12.79 -21.33
C GLY A 356 9.15 11.29 -21.22
N ASP A 357 9.61 10.73 -20.11
CA ASP A 357 9.60 9.28 -19.91
C ASP A 357 9.78 8.99 -18.42
N PRO A 358 8.84 8.27 -17.79
CA PRO A 358 8.98 7.95 -16.36
C PRO A 358 10.27 7.23 -16.00
N SER A 359 10.81 6.41 -16.90
CA SER A 359 12.11 5.76 -16.67
C SER A 359 13.23 6.78 -16.44
N LYS A 360 13.18 7.90 -17.14
CA LYS A 360 14.19 8.94 -16.95
C LYS A 360 14.02 9.65 -15.61
N ASN A 361 12.77 9.88 -15.18
CA ASN A 361 12.51 10.46 -13.86
C ASN A 361 13.00 9.55 -12.73
N LEU A 362 12.86 8.23 -12.93
CA LEU A 362 13.33 7.24 -11.97
C LEU A 362 14.85 7.34 -11.76
N LEU A 363 15.58 7.48 -12.87
CA LEU A 363 17.03 7.59 -12.80
C LEU A 363 17.43 8.93 -12.18
N LEU A 364 16.75 10.00 -12.58
CA LEU A 364 17.07 11.36 -12.12
C LEU A 364 16.91 11.52 -10.60
N ALA A 365 15.88 10.92 -10.02
CA ALA A 365 15.67 10.98 -8.58
C ALA A 365 16.91 10.47 -7.86
N GLU A 366 17.45 9.35 -8.34
CA GLU A 366 18.68 8.81 -7.77
C GLU A 366 19.89 9.69 -8.07
N VAL A 367 19.98 10.23 -9.28
CA VAL A 367 21.06 11.15 -9.61
C VAL A 367 21.11 12.31 -8.61
N ILE A 368 19.95 12.93 -8.38
CA ILE A 368 19.85 14.08 -7.48
C ILE A 368 20.22 13.70 -6.07
N ASN A 369 19.77 12.53 -5.61
CA ASN A 369 20.12 12.03 -4.29
C ASN A 369 21.64 11.90 -4.16
N ILE A 370 22.30 11.37 -5.20
CA ILE A 370 23.76 11.22 -5.17
C ILE A 370 24.44 12.58 -5.16
N ILE A 371 23.94 13.52 -5.93
CA ILE A 371 24.51 14.87 -5.95
C ILE A 371 24.49 15.52 -4.56
N LYS A 372 23.39 15.37 -3.83
CA LYS A 372 23.26 15.99 -2.52
C LYS A 372 24.07 15.26 -1.45
N ARG A 373 24.00 13.93 -1.43
CA ARG A 373 24.68 13.15 -0.39
C ARG A 373 26.20 13.19 -0.53
N GLU A 374 26.69 13.22 -1.76
CA GLU A 374 28.14 13.28 -2.04
C GLU A 374 28.64 14.72 -2.23
N ASP A 375 27.80 15.71 -1.97
CA ASP A 375 28.22 17.12 -1.95
C ASP A 375 28.87 17.52 -3.28
N LEU A 376 28.27 17.10 -4.39
CA LEU A 376 28.87 17.27 -5.71
C LEU A 376 28.82 18.69 -6.29
N LEU A 377 27.91 19.53 -5.83
CA LEU A 377 27.92 20.94 -6.23
C LEU A 377 29.20 21.63 -5.78
N SER A 378 29.52 21.54 -4.48
CA SER A 378 30.75 22.12 -3.93
C SER A 378 31.97 21.47 -4.54
N ASN A 379 31.91 20.17 -4.80
CA ASN A 379 33.05 19.48 -5.43
C ASN A 379 33.35 20.05 -6.82
N ALA A 380 32.30 20.43 -7.55
CA ALA A 380 32.48 21.00 -8.88
C ALA A 380 33.15 22.36 -8.80
N ALA A 381 32.80 23.15 -7.79
CA ALA A 381 33.45 24.44 -7.56
C ALA A 381 34.92 24.22 -7.25
N HIS A 382 35.21 23.25 -6.39
CA HIS A 382 36.57 23.02 -5.94
C HIS A 382 37.46 22.45 -7.11
N ALA A 383 37.00 21.36 -7.73
CA ALA A 383 37.73 20.70 -8.81
C ALA A 383 37.87 21.61 -10.03
N GLY A 384 36.82 22.38 -10.26
CA GLY A 384 36.84 23.41 -11.29
C GLY A 384 37.87 24.51 -11.02
N LYS A 385 38.04 24.88 -9.76
CA LYS A 385 39.03 25.86 -9.37
C LYS A 385 40.44 25.33 -9.63
N VAL A 386 40.68 24.07 -9.30
CA VAL A 386 41.97 23.43 -9.57
C VAL A 386 42.20 23.38 -11.09
N LEU A 387 41.17 22.99 -11.85
CA LEU A 387 41.30 22.91 -13.29
C LEU A 387 41.72 24.27 -13.85
N LEU A 388 40.97 25.31 -13.48
CA LEU A 388 41.15 26.65 -14.01
C LEU A 388 42.52 27.24 -13.64
N THR A 389 42.95 27.00 -12.41
CA THR A 389 44.26 27.44 -11.95
C THR A 389 45.36 26.83 -12.83
N GLY A 390 45.22 25.55 -13.16
CA GLY A 390 46.16 24.88 -14.02
C GLY A 390 46.16 25.39 -15.45
N LEU A 391 44.97 25.72 -15.96
CA LEU A 391 44.84 26.30 -17.29
C LEU A 391 45.50 27.67 -17.35
N LEU A 392 45.34 28.46 -16.28
CA LEU A 392 45.97 29.79 -16.21
C LEU A 392 47.49 29.66 -16.23
N ASP A 393 48.02 28.65 -15.55
CA ASP A 393 49.46 28.39 -15.53
C ASP A 393 49.93 28.05 -16.95
N LEU A 394 49.20 27.17 -17.63
CA LEU A 394 49.54 26.77 -18.99
C LEU A 394 49.45 27.91 -19.99
N GLN A 395 48.51 28.82 -19.75
CA GLN A 395 48.36 30.04 -20.54
C GLN A 395 49.60 30.93 -20.40
N ALA A 396 50.08 31.06 -19.18
CA ALA A 396 51.27 31.87 -18.90
C ALA A 396 52.52 31.27 -19.57
N ARG A 397 52.57 29.94 -19.65
CA ARG A 397 53.74 29.26 -20.20
C ARG A 397 53.69 29.05 -21.72
N TYR A 398 52.49 29.11 -22.29
CA TYR A 398 52.32 28.85 -23.71
C TYR A 398 51.35 29.84 -24.33
N PRO A 399 51.69 31.14 -24.29
CA PRO A 399 50.82 32.19 -24.87
C PRO A 399 50.69 32.09 -26.40
N GLN A 400 51.58 31.33 -27.02
CA GLN A 400 51.50 31.07 -28.45
C GLN A 400 50.40 30.07 -28.84
N PHE A 401 49.89 29.30 -27.88
CA PHE A 401 48.83 28.32 -28.14
C PHE A 401 47.54 28.57 -27.33
N ILE A 402 47.65 29.19 -26.14
CA ILE A 402 46.54 29.30 -25.19
C ILE A 402 46.21 30.76 -24.90
N SER A 403 44.95 31.14 -25.03
CA SER A 403 44.50 32.46 -24.61
C SER A 403 43.05 32.43 -24.08
N ARG A 404 42.66 33.50 -23.41
CA ARG A 404 41.31 33.68 -22.92
C ARG A 404 40.80 32.51 -22.06
N VAL A 405 41.66 32.01 -21.17
CA VAL A 405 41.28 30.98 -20.22
C VAL A 405 40.16 31.53 -19.36
N ARG A 406 39.08 30.78 -19.26
CA ARG A 406 37.88 31.23 -18.57
C ARG A 406 37.05 30.03 -18.09
N GLY A 407 36.17 30.30 -17.14
CA GLY A 407 35.31 29.26 -16.60
C GLY A 407 34.57 29.65 -15.33
N ARG A 408 33.62 28.79 -14.99
CA ARG A 408 32.91 28.82 -13.73
C ARG A 408 32.59 27.39 -13.36
N GLY A 409 32.96 27.00 -12.14
CA GLY A 409 33.01 25.59 -11.78
C GLY A 409 33.93 24.85 -12.74
N THR A 410 33.53 23.64 -13.14
CA THR A 410 34.25 22.87 -14.16
C THR A 410 33.86 23.26 -15.59
N PHE A 411 32.93 24.21 -15.72
CA PHE A 411 32.49 24.72 -17.03
C PHE A 411 33.56 25.68 -17.61
N CYS A 412 34.68 25.12 -18.05
CA CYS A 412 35.85 25.89 -18.42
C CYS A 412 36.18 25.78 -19.90
N SER A 413 37.06 26.66 -20.35
CA SER A 413 37.46 26.70 -21.75
C SER A 413 38.64 27.63 -21.97
N PHE A 414 39.21 27.54 -23.16
CA PHE A 414 40.22 28.49 -23.63
C PHE A 414 40.21 28.50 -25.16
N ASP A 415 40.82 29.51 -25.74
CA ASP A 415 40.99 29.61 -27.18
C ASP A 415 42.35 29.17 -27.64
N THR A 416 42.39 28.72 -28.89
CA THR A 416 43.63 28.46 -29.60
C THR A 416 43.71 29.41 -30.78
N PRO A 417 44.87 29.51 -31.45
CA PRO A 417 45.06 30.51 -32.50
C PRO A 417 44.17 30.35 -33.73
N ASP A 418 43.79 29.12 -34.07
CA ASP A 418 42.91 28.87 -35.22
C ASP A 418 42.28 27.47 -35.17
N GLU A 419 41.30 27.26 -36.03
CA GLU A 419 40.50 26.02 -36.04
C GLU A 419 41.36 24.76 -36.20
N SER A 420 42.43 24.88 -36.98
CA SER A 420 43.30 23.76 -37.30
C SER A 420 44.12 23.28 -36.10
N ILE A 421 44.67 24.21 -35.32
CA ILE A 421 45.42 23.89 -34.12
C ILE A 421 44.47 23.34 -33.04
N ARG A 422 43.25 23.87 -32.99
CA ARG A 422 42.24 23.44 -32.04
C ARG A 422 41.92 21.96 -32.23
N ASN A 423 41.64 21.58 -33.48
CA ASN A 423 41.37 20.18 -33.81
C ASN A 423 42.58 19.29 -33.63
N LYS A 424 43.77 19.81 -33.92
CA LYS A 424 44.99 19.04 -33.75
C LYS A 424 45.22 18.74 -32.26
N LEU A 425 45.03 19.73 -31.39
CA LEU A 425 45.26 19.55 -29.96
C LEU A 425 44.22 18.57 -29.35
N ILE A 426 42.98 18.64 -29.81
CA ILE A 426 41.95 17.69 -29.38
C ILE A 426 42.34 16.28 -29.79
N SER A 427 42.84 16.15 -31.02
CA SER A 427 43.19 14.86 -31.58
C SER A 427 44.42 14.23 -30.89
N ILE A 428 45.41 15.06 -30.53
CA ILE A 428 46.61 14.59 -29.82
C ILE A 428 46.20 14.14 -28.40
N ALA A 429 45.40 14.97 -27.74
CA ALA A 429 44.96 14.73 -26.36
C ALA A 429 44.24 13.41 -26.26
N ARG A 430 43.35 13.16 -27.22
CA ARG A 430 42.60 11.93 -27.28
C ARG A 430 43.49 10.68 -27.43
N ASN A 431 44.50 10.76 -28.28
CA ASN A 431 45.45 9.65 -28.44
C ASN A 431 46.32 9.46 -27.21
N LYS A 432 46.43 10.52 -26.38
CA LYS A 432 47.17 10.48 -25.10
C LYS A 432 46.27 10.18 -23.90
N GLY A 433 44.98 9.90 -24.16
CA GLY A 433 44.08 9.39 -23.12
C GLY A 433 43.08 10.37 -22.54
N VAL A 434 42.87 11.50 -23.20
CA VAL A 434 41.95 12.53 -22.70
C VAL A 434 41.01 13.04 -23.80
N MET A 435 39.72 12.79 -23.58
CA MET A 435 38.63 13.26 -24.44
C MET A 435 38.28 14.71 -24.12
N LEU A 436 38.57 15.61 -25.04
CA LEU A 436 38.18 17.01 -24.90
C LEU A 436 37.15 17.36 -25.95
N GLY A 437 36.45 18.48 -25.73
CA GLY A 437 35.48 18.94 -26.68
C GLY A 437 35.88 20.26 -27.30
N GLY A 438 35.33 20.58 -28.46
CA GLY A 438 35.50 21.87 -29.09
C GLY A 438 34.19 22.66 -29.10
N CYS A 439 34.30 23.98 -29.16
CA CYS A 439 33.14 24.85 -29.37
C CYS A 439 33.61 26.12 -30.09
N GLY A 440 32.68 26.81 -30.73
CA GLY A 440 33.02 27.98 -31.54
C GLY A 440 33.93 27.59 -32.69
N ASP A 441 34.75 28.52 -33.16
CA ASP A 441 35.67 28.21 -34.26
C ASP A 441 36.99 27.64 -33.78
N LYS A 442 37.46 28.10 -32.63
CA LYS A 442 38.82 27.74 -32.17
C LYS A 442 38.98 27.56 -30.66
N SER A 443 37.89 27.27 -29.95
CA SER A 443 37.93 27.07 -28.52
C SER A 443 37.88 25.58 -28.15
N ILE A 444 38.58 25.22 -27.07
CA ILE A 444 38.45 23.92 -26.45
C ILE A 444 37.64 24.09 -25.17
N ARG A 445 36.78 23.13 -24.88
CA ARG A 445 35.87 23.25 -23.74
C ARG A 445 35.95 22.02 -22.85
N PHE A 446 35.54 22.18 -21.60
CA PHE A 446 35.52 21.09 -20.63
C PHE A 446 34.10 20.91 -20.13
N ARG A 447 33.61 19.68 -20.16
CA ARG A 447 32.32 19.32 -19.56
C ARG A 447 32.51 18.01 -18.80
N PRO A 448 33.23 18.04 -17.70
CA PRO A 448 33.43 16.83 -16.92
C PRO A 448 32.15 16.44 -16.20
N THR A 449 31.95 15.14 -15.98
CA THR A 449 30.84 14.65 -15.16
C THR A 449 31.03 15.14 -13.74
N LEU A 450 30.01 15.01 -12.92
CA LEU A 450 30.05 15.49 -11.53
C LEU A 450 30.90 14.63 -10.58
N VAL A 451 31.45 13.53 -11.09
CA VAL A 451 32.41 12.73 -10.31
C VAL A 451 33.88 12.98 -10.70
N PHE A 452 34.09 14.07 -11.44
CA PHE A 452 35.42 14.57 -11.77
C PHE A 452 35.93 15.31 -10.55
N ARG A 453 37.11 14.93 -10.06
CA ARG A 453 37.72 15.52 -8.86
C ARG A 453 39.01 16.24 -9.17
N ASP A 454 39.52 16.99 -8.18
CA ASP A 454 40.79 17.67 -8.30
C ASP A 454 41.93 16.77 -8.84
N HIS A 455 41.98 15.49 -8.47
CA HIS A 455 43.02 14.61 -9.04
C HIS A 455 42.86 14.28 -10.54
N HIS A 456 41.62 14.25 -11.04
CA HIS A 456 41.35 14.11 -12.49
C HIS A 456 41.80 15.35 -13.26
N ALA A 457 41.55 16.52 -12.70
CA ALA A 457 42.10 17.76 -13.24
C ALA A 457 43.64 17.69 -13.37
N HIS A 458 44.35 17.21 -12.35
CA HIS A 458 45.82 17.11 -12.42
C HIS A 458 46.26 16.07 -13.47
N LEU A 459 45.57 14.94 -13.53
CA LEU A 459 45.82 13.93 -14.55
C LEU A 459 45.78 14.53 -15.96
N PHE A 460 44.71 15.26 -16.25
CA PHE A 460 44.60 15.96 -17.54
C PHE A 460 45.72 16.99 -17.74
N LEU A 461 45.99 17.78 -16.70
CA LEU A 461 46.91 18.90 -16.77
C LEU A 461 48.35 18.46 -17.06
N ASN A 462 48.75 17.31 -16.53
CA ASN A 462 50.06 16.73 -16.76
C ASN A 462 50.18 16.17 -18.18
N ILE A 463 49.11 15.55 -18.69
CA ILE A 463 49.10 15.04 -20.06
C ILE A 463 49.19 16.20 -21.06
N PHE A 464 48.37 17.23 -20.85
CA PHE A 464 48.31 18.36 -21.78
C PHE A 464 49.59 19.22 -21.73
N SER A 465 50.24 19.25 -20.57
CA SER A 465 51.50 19.96 -20.41
C SER A 465 52.59 19.38 -21.33
N ASP A 466 52.69 18.05 -21.36
CA ASP A 466 53.62 17.34 -22.24
C ASP A 466 53.27 17.49 -23.72
N ILE A 467 51.98 17.47 -24.03
CA ILE A 467 51.52 17.68 -25.40
C ILE A 467 51.99 19.04 -25.87
N LEU A 468 51.88 20.05 -25.01
CA LEU A 468 52.14 21.42 -25.41
C LEU A 468 53.64 21.65 -25.59
N ALA A 469 54.44 20.92 -24.80
CA ALA A 469 55.89 21.11 -24.76
C ALA A 469 56.58 20.64 -26.04
N ASP A 470 56.05 19.60 -26.67
CA ASP A 470 56.63 19.16 -27.93
C ASP A 470 55.64 19.24 -29.10
N PHE A 471 54.69 20.18 -29.01
CA PHE A 471 53.72 20.43 -30.08
C PHE A 471 54.32 21.28 -31.21
N PHE B 11 0.60 -13.28 -22.65
CA PHE B 11 -0.05 -13.35 -21.30
C PHE B 11 -1.14 -12.29 -21.20
N ASP B 12 -2.38 -12.73 -20.93
CA ASP B 12 -3.55 -11.84 -20.88
C ASP B 12 -4.58 -12.25 -19.81
N TYR B 13 -5.38 -11.26 -19.34
CA TYR B 13 -6.48 -11.55 -18.42
C TYR B 13 -7.65 -12.09 -19.24
N ASP B 14 -8.66 -12.62 -18.56
CA ASP B 14 -9.79 -13.26 -19.24
C ASP B 14 -10.89 -12.28 -19.65
N GLY B 15 -10.85 -11.06 -19.11
CA GLY B 15 -11.87 -10.06 -19.37
C GLY B 15 -11.77 -8.88 -18.41
N PRO B 16 -12.58 -7.86 -18.61
CA PRO B 16 -12.54 -6.67 -17.75
C PRO B 16 -13.19 -6.93 -16.39
N LEU B 17 -12.82 -6.14 -15.39
CA LEU B 17 -13.37 -6.24 -14.05
C LEU B 17 -13.41 -4.85 -13.44
N MET B 18 -14.61 -4.30 -13.27
CA MET B 18 -14.76 -2.95 -12.72
C MET B 18 -15.15 -3.00 -11.23
N LYS B 19 -14.50 -2.16 -10.44
CA LYS B 19 -14.85 -1.97 -9.02
C LYS B 19 -15.51 -0.60 -8.77
N THR B 20 -15.10 0.43 -9.50
CA THR B 20 -15.61 1.79 -9.34
C THR B 20 -15.81 2.48 -10.68
N GLU B 21 -16.52 3.59 -10.64
CA GLU B 21 -16.51 4.52 -11.76
C GLU B 21 -15.09 5.04 -11.99
N VAL B 22 -14.86 5.53 -13.21
CA VAL B 22 -13.53 5.99 -13.62
C VAL B 22 -13.62 7.43 -14.12
N PRO B 23 -12.80 8.34 -13.58
CA PRO B 23 -11.78 8.04 -12.55
C PRO B 23 -12.37 7.76 -11.18
N GLY B 24 -11.79 6.83 -10.44
CA GLY B 24 -12.23 6.52 -9.08
C GLY B 24 -11.59 7.44 -8.05
N PRO B 25 -11.86 7.19 -6.76
CA PRO B 25 -11.35 8.03 -5.66
C PRO B 25 -9.83 8.24 -5.65
N ARG B 26 -9.05 7.17 -5.78
CA ARG B 26 -7.60 7.28 -5.72
C ARG B 26 -7.07 8.07 -6.92
N SER B 27 -7.68 7.87 -8.09
CA SER B 27 -7.32 8.65 -9.27
C SER B 27 -7.64 10.13 -9.10
N ARG B 28 -8.80 10.44 -8.52
CA ARG B 28 -9.24 11.83 -8.36
C ARG B 28 -8.33 12.56 -7.38
N GLU B 29 -7.86 11.85 -6.36
CA GLU B 29 -6.89 12.41 -5.41
C GLU B 29 -5.54 12.72 -6.08
N LEU B 30 -5.04 11.80 -6.91
CA LEU B 30 -3.74 12.00 -7.55
C LEU B 30 -3.84 13.10 -8.61
N MET B 31 -5.02 13.22 -9.21
CA MET B 31 -5.31 14.28 -10.18
C MET B 31 -5.30 15.66 -9.54
N LYS B 32 -5.78 15.74 -8.30
CA LYS B 32 -5.77 17.00 -7.54
C LYS B 32 -4.32 17.40 -7.19
N GLN B 33 -3.51 16.44 -6.77
CA GLN B 33 -2.10 16.68 -6.45
C GLN B 33 -1.36 17.20 -7.69
N LEU B 34 -1.55 16.56 -8.84
CA LEU B 34 -0.81 16.92 -10.06
C LEU B 34 -1.18 18.32 -10.55
N ASN B 35 -2.45 18.68 -10.40
CA ASN B 35 -2.98 19.99 -10.77
C ASN B 35 -2.35 21.20 -10.04
N ILE B 36 -1.74 20.98 -8.87
CA ILE B 36 -0.94 22.03 -8.22
C ILE B 36 0.21 22.48 -9.14
N ILE B 37 0.86 21.50 -9.75
CA ILE B 37 2.11 21.67 -10.51
C ILE B 37 1.89 21.99 -11.99
N GLN B 38 0.78 21.55 -12.56
CA GLN B 38 0.52 21.77 -13.98
C GLN B 38 -0.96 21.66 -14.25
N ASN B 39 -1.40 22.09 -15.42
CA ASN B 39 -2.78 21.85 -15.85
C ASN B 39 -2.95 20.37 -16.12
N ALA B 40 -3.82 19.73 -15.36
CA ALA B 40 -4.02 18.28 -15.41
C ALA B 40 -5.40 17.90 -15.96
N GLU B 41 -6.10 18.84 -16.58
CA GLU B 41 -7.45 18.57 -17.09
C GLU B 41 -7.54 17.46 -18.14
N ALA B 42 -6.46 17.23 -18.88
CA ALA B 42 -6.41 16.15 -19.88
C ALA B 42 -6.37 14.75 -19.27
N VAL B 43 -5.93 14.65 -18.02
CA VAL B 43 -5.73 13.34 -17.38
C VAL B 43 -7.03 12.57 -17.28
N HIS B 44 -7.05 11.38 -17.87
CA HIS B 44 -8.22 10.49 -17.80
C HIS B 44 -8.27 9.84 -16.42
N PHE B 45 -7.16 9.20 -16.04
CA PHE B 45 -6.98 8.56 -14.75
C PHE B 45 -5.52 8.12 -14.56
N PHE B 46 -5.20 7.73 -13.34
CA PHE B 46 -3.86 7.24 -13.00
C PHE B 46 -3.83 5.71 -13.07
N CYS B 47 -2.68 5.17 -13.46
CA CYS B 47 -2.59 3.75 -13.82
C CYS B 47 -1.59 2.97 -12.95
N ASN B 48 -1.92 1.70 -12.74
CA ASN B 48 -1.02 0.71 -12.16
C ASN B 48 -0.46 -0.14 -13.30
N TYR B 49 0.63 0.32 -13.90
CA TYR B 49 1.26 -0.38 -15.01
C TYR B 49 1.86 -1.73 -14.60
N GLU B 50 2.28 -1.84 -13.34
CA GLU B 50 2.85 -3.07 -12.80
C GLU B 50 1.86 -4.24 -12.88
N GLU B 51 0.56 -3.97 -12.72
CA GLU B 51 -0.49 -5.01 -12.76
C GLU B 51 -1.18 -5.12 -14.14
N SER B 52 -0.82 -4.24 -15.07
CA SER B 52 -1.34 -4.32 -16.43
C SER B 52 -0.63 -5.39 -17.25
N ARG B 53 -1.39 -6.13 -18.05
CA ARG B 53 -0.85 -7.21 -18.91
C ARG B 53 -1.64 -7.30 -20.21
N GLY B 54 -0.94 -7.49 -21.32
CA GLY B 54 -1.60 -7.67 -22.62
C GLY B 54 -2.50 -6.51 -23.02
N ASN B 55 -3.77 -6.83 -23.31
CA ASN B 55 -4.76 -5.84 -23.71
C ASN B 55 -5.41 -5.08 -22.54
N TYR B 56 -5.06 -5.41 -21.30
CA TYR B 56 -5.74 -4.86 -20.13
C TYR B 56 -4.91 -3.84 -19.35
N LEU B 57 -5.43 -2.61 -19.28
CA LEU B 57 -4.88 -1.55 -18.44
C LEU B 57 -5.57 -1.58 -17.08
N VAL B 58 -4.78 -1.58 -16.01
CA VAL B 58 -5.31 -1.57 -14.65
C VAL B 58 -5.09 -0.18 -14.04
N ASP B 59 -6.10 0.39 -13.39
CA ASP B 59 -5.95 1.72 -12.79
C ASP B 59 -5.67 1.61 -11.29
N VAL B 60 -5.46 2.75 -10.64
CA VAL B 60 -5.08 2.79 -9.22
C VAL B 60 -6.24 2.47 -8.26
N ASP B 61 -7.46 2.40 -8.78
CA ASP B 61 -8.63 1.99 -8.00
C ASP B 61 -8.97 0.51 -8.23
N GLY B 62 -8.08 -0.24 -8.86
CA GLY B 62 -8.26 -1.66 -9.10
C GLY B 62 -9.11 -2.02 -10.30
N ASN B 63 -9.56 -1.01 -11.06
CA ASN B 63 -10.34 -1.26 -12.27
C ASN B 63 -9.47 -1.82 -13.37
N ARG B 64 -9.99 -2.83 -14.06
CA ARG B 64 -9.27 -3.48 -15.15
C ARG B 64 -10.08 -3.39 -16.45
N MET B 65 -9.58 -2.61 -17.39
CA MET B 65 -10.30 -2.28 -18.61
C MET B 65 -9.60 -2.88 -19.83
N LEU B 66 -10.38 -3.41 -20.76
CA LEU B 66 -9.91 -3.72 -22.10
C LEU B 66 -9.46 -2.43 -22.80
N ASP B 67 -8.19 -2.34 -23.17
CA ASP B 67 -7.61 -1.09 -23.67
C ASP B 67 -7.49 -1.08 -25.19
N LEU B 68 -8.41 -0.38 -25.83
CA LEU B 68 -8.45 -0.27 -27.28
C LEU B 68 -7.96 1.10 -27.75
N TYR B 69 -7.22 1.79 -26.91
CA TYR B 69 -6.59 3.06 -27.24
C TYR B 69 -5.04 2.99 -27.18
N SER B 70 -4.51 2.08 -26.36
CA SER B 70 -3.09 1.74 -26.28
C SER B 70 -2.11 2.91 -26.16
N GLN B 71 -2.41 3.85 -25.26
CA GLN B 71 -1.55 5.01 -25.01
C GLN B 71 -1.43 5.85 -26.28
N ILE B 72 -2.57 6.06 -26.93
CA ILE B 72 -2.66 6.73 -28.21
C ILE B 72 -1.77 6.03 -29.25
N SER B 73 -2.00 4.72 -29.38
CA SER B 73 -1.42 3.92 -30.46
C SER B 73 0.10 3.79 -30.37
N SER B 74 0.62 3.69 -29.14
CA SER B 74 2.07 3.67 -28.92
C SER B 74 2.61 2.43 -28.22
N ILE B 75 1.72 1.56 -27.74
CA ILE B 75 2.10 0.30 -27.08
C ILE B 75 1.94 -0.84 -28.10
N PRO B 76 3.05 -1.40 -28.59
CA PRO B 76 2.98 -2.34 -29.72
C PRO B 76 2.45 -3.73 -29.39
N ILE B 77 2.96 -4.38 -28.36
CA ILE B 77 2.60 -5.78 -28.07
C ILE B 77 2.05 -5.99 -26.67
N GLY B 78 1.28 -5.01 -26.18
CA GLY B 78 0.59 -5.11 -24.91
C GLY B 78 1.46 -4.71 -23.74
N TYR B 79 0.82 -4.60 -22.58
CA TYR B 79 1.48 -4.24 -21.33
C TYR B 79 2.26 -5.41 -20.75
N SER B 80 3.37 -5.12 -20.11
CA SER B 80 4.17 -6.11 -19.39
C SER B 80 4.41 -7.39 -20.19
N HIS B 81 4.80 -7.24 -21.46
CA HIS B 81 5.05 -8.41 -22.30
C HIS B 81 6.24 -9.19 -21.74
N PRO B 82 6.04 -10.50 -21.50
CA PRO B 82 7.08 -11.36 -20.92
C PRO B 82 8.43 -11.34 -21.63
N ALA B 83 8.44 -11.22 -22.95
CA ALA B 83 9.69 -11.10 -23.71
C ALA B 83 10.44 -9.81 -23.40
N LEU B 84 9.69 -8.72 -23.17
CA LEU B 84 10.31 -7.45 -22.78
C LEU B 84 10.80 -7.46 -21.33
N VAL B 85 10.05 -8.13 -20.45
CA VAL B 85 10.45 -8.34 -19.06
C VAL B 85 11.83 -8.99 -19.02
N LYS B 86 12.02 -10.04 -19.82
CA LYS B 86 13.27 -10.81 -19.84
C LYS B 86 14.46 -9.95 -20.29
N LEU B 87 14.25 -9.08 -21.28
CA LEU B 87 15.32 -8.16 -21.72
C LEU B 87 15.85 -7.27 -20.58
N VAL B 88 14.94 -6.73 -19.78
CA VAL B 88 15.33 -5.85 -18.69
C VAL B 88 16.00 -6.64 -17.57
N GLN B 89 15.67 -7.92 -17.45
CA GLN B 89 16.23 -8.79 -16.42
C GLN B 89 17.67 -9.26 -16.74
N GLN B 90 18.08 -9.18 -18.01
CA GLN B 90 19.41 -9.64 -18.40
C GLN B 90 20.48 -8.68 -17.89
N PRO B 91 21.44 -9.17 -17.10
CA PRO B 91 22.54 -8.33 -16.58
C PRO B 91 23.37 -7.60 -17.64
N GLN B 92 23.49 -8.16 -18.84
CA GLN B 92 24.28 -7.56 -19.92
C GLN B 92 23.61 -6.29 -20.49
N ASN B 93 22.30 -6.14 -20.25
CA ASN B 93 21.54 -5.03 -20.76
C ASN B 93 21.45 -3.82 -19.83
N VAL B 94 22.04 -3.92 -18.65
CA VAL B 94 22.00 -2.84 -17.66
C VAL B 94 22.58 -1.53 -18.21
N SER B 95 23.77 -1.63 -18.81
CA SER B 95 24.50 -0.47 -19.33
C SER B 95 23.67 0.33 -20.33
N THR B 96 22.94 -0.38 -21.18
CA THR B 96 22.10 0.24 -22.20
C THR B 96 21.08 1.21 -21.60
N PHE B 97 20.51 0.85 -20.45
CA PHE B 97 19.54 1.69 -19.75
C PHE B 97 20.13 2.84 -18.91
N ILE B 98 21.39 2.76 -18.49
CA ILE B 98 21.97 3.77 -17.61
C ILE B 98 23.10 4.64 -18.21
N ASN B 99 23.55 4.30 -19.42
CA ASN B 99 24.64 5.00 -20.09
C ASN B 99 24.15 5.46 -21.44
N ARG B 100 23.43 6.57 -21.46
CA ARG B 100 22.85 7.07 -22.69
C ARG B 100 23.85 7.87 -23.52
N PRO B 101 24.15 7.42 -24.73
CA PRO B 101 25.15 8.07 -25.57
C PRO B 101 24.63 9.25 -26.37
N ALA B 102 25.53 10.17 -26.66
CA ALA B 102 25.33 11.13 -27.74
C ALA B 102 25.58 10.35 -29.02
N LEU B 103 24.52 9.77 -29.56
CA LEU B 103 24.60 8.79 -30.64
C LEU B 103 25.30 9.26 -31.91
N GLY B 104 25.19 10.55 -32.21
CA GLY B 104 25.81 11.11 -33.40
C GLY B 104 27.33 11.11 -33.38
N ILE B 105 27.94 11.09 -32.20
CA ILE B 105 29.41 11.11 -32.09
C ILE B 105 30.04 9.87 -31.44
N LEU B 106 29.32 9.22 -30.51
CA LEU B 106 29.90 8.15 -29.71
C LEU B 106 28.93 6.96 -29.57
N PRO B 107 28.59 6.35 -30.70
CA PRO B 107 27.66 5.23 -30.68
C PRO B 107 28.23 3.99 -30.01
N PRO B 108 27.37 3.15 -29.44
CA PRO B 108 27.81 1.91 -28.80
C PRO B 108 28.19 0.86 -29.84
N GLU B 109 29.05 -0.08 -29.45
CA GLU B 109 29.56 -1.12 -30.34
C GLU B 109 28.48 -1.83 -31.15
N ASN B 110 27.35 -2.13 -30.51
CA ASN B 110 26.27 -2.90 -31.12
C ASN B 110 25.26 -2.05 -31.90
N PHE B 111 25.56 -0.78 -32.14
CA PHE B 111 24.58 0.16 -32.67
C PHE B 111 24.07 -0.28 -34.02
N VAL B 112 24.98 -0.68 -34.89
CA VAL B 112 24.61 -1.06 -36.25
C VAL B 112 23.90 -2.41 -36.27
N GLU B 113 24.39 -3.38 -35.52
CA GLU B 113 23.77 -4.72 -35.49
C GLU B 113 22.34 -4.67 -34.95
N LYS B 114 22.12 -3.88 -33.91
CA LYS B 114 20.80 -3.78 -33.29
C LYS B 114 19.83 -3.05 -34.24
N LEU B 115 20.36 -2.13 -35.04
CA LEU B 115 19.58 -1.51 -36.11
C LEU B 115 19.22 -2.55 -37.17
N ARG B 116 20.14 -3.46 -37.48
CA ARG B 116 19.86 -4.55 -38.42
C ARG B 116 18.78 -5.49 -37.89
N GLU B 117 18.73 -5.70 -36.57
CA GLU B 117 17.75 -6.61 -35.98
C GLU B 117 16.39 -5.94 -35.89
N SER B 118 16.37 -4.61 -35.93
CA SER B 118 15.14 -3.84 -35.73
C SER B 118 14.74 -3.08 -36.99
N LEU B 119 15.05 -1.79 -37.06
CA LEU B 119 14.51 -0.90 -38.10
C LEU B 119 14.92 -1.25 -39.53
N LEU B 120 16.15 -1.69 -39.75
CA LEU B 120 16.61 -2.01 -41.11
C LEU B 120 15.94 -3.26 -41.66
N SER B 121 15.48 -4.16 -40.79
CA SER B 121 14.75 -5.35 -41.23
C SER B 121 13.34 -5.02 -41.75
N VAL B 122 12.82 -3.83 -41.45
CA VAL B 122 11.50 -3.43 -41.95
C VAL B 122 11.56 -2.15 -42.79
N ALA B 123 12.67 -1.93 -43.48
CA ALA B 123 12.86 -0.72 -44.28
C ALA B 123 11.85 -0.67 -45.43
N PRO B 124 11.23 0.49 -45.67
CA PRO B 124 10.31 0.64 -46.79
C PRO B 124 11.05 0.51 -48.12
N LYS B 125 10.33 0.20 -49.19
CA LYS B 125 10.97 0.01 -50.49
C LYS B 125 11.67 1.28 -51.00
N GLY B 126 12.85 1.09 -51.56
CA GLY B 126 13.60 2.19 -52.15
C GLY B 126 14.31 3.13 -51.18
N MET B 127 14.28 2.85 -49.88
CA MET B 127 14.88 3.74 -48.87
C MET B 127 16.01 3.07 -48.08
N SER B 128 17.25 3.32 -48.48
CA SER B 128 18.43 2.68 -47.90
C SER B 128 18.97 3.43 -46.68
N GLN B 129 18.55 4.67 -46.50
CA GLN B 129 19.07 5.53 -45.44
C GLN B 129 18.14 5.55 -44.24
N LEU B 130 18.73 5.76 -43.05
CA LEU B 130 17.99 5.82 -41.81
C LEU B 130 18.69 6.75 -40.83
N ILE B 131 17.92 7.64 -40.23
CA ILE B 131 18.37 8.44 -39.10
C ILE B 131 17.36 8.25 -37.97
N THR B 132 17.84 8.12 -36.74
CA THR B 132 16.94 7.94 -35.58
C THR B 132 16.68 9.26 -34.88
N MET B 133 15.51 9.33 -34.24
CA MET B 133 15.06 10.49 -33.46
C MET B 133 14.23 9.96 -32.28
N ALA B 134 13.96 10.80 -31.28
CA ALA B 134 13.34 10.34 -30.04
C ALA B 134 11.81 10.42 -30.00
N CYS B 135 11.20 11.19 -30.92
CA CYS B 135 9.73 11.29 -31.02
C CYS B 135 9.25 11.56 -32.45
N GLY B 136 7.94 11.67 -32.62
CA GLY B 136 7.38 11.98 -33.94
C GLY B 136 7.69 13.41 -34.40
N SER B 137 7.62 14.37 -33.48
CA SER B 137 7.85 15.77 -33.83
C SER B 137 9.26 16.05 -34.33
N CYS B 138 10.31 15.55 -33.67
CA CYS B 138 11.67 15.80 -34.21
C CYS B 138 11.95 14.97 -35.48
N SER B 139 11.23 13.87 -35.66
CA SER B 139 11.33 13.10 -36.88
C SER B 139 10.84 13.92 -38.07
N ASN B 140 9.65 14.54 -37.94
CA ASN B 140 9.09 15.36 -39.01
C ASN B 140 9.87 16.67 -39.20
N GLU B 141 10.30 17.31 -38.11
CA GLU B 141 11.08 18.54 -38.19
C GLU B 141 12.34 18.28 -39.00
N ASN B 142 13.06 17.22 -38.66
CA ASN B 142 14.31 16.87 -39.33
C ASN B 142 14.09 16.30 -40.74
N ALA B 143 12.92 15.70 -40.97
CA ALA B 143 12.53 15.29 -42.33
C ALA B 143 12.34 16.53 -43.19
N PHE B 144 11.70 17.55 -42.63
CA PHE B 144 11.52 18.83 -43.32
C PHE B 144 12.84 19.44 -43.70
N LYS B 145 13.79 19.48 -42.75
CA LYS B 145 15.10 20.06 -42.99
C LYS B 145 15.90 19.26 -44.02
N THR B 146 15.79 17.93 -43.96
CA THR B 146 16.44 17.06 -44.92
C THR B 146 15.96 17.38 -46.33
N ILE B 147 14.65 17.63 -46.44
CA ILE B 147 14.02 18.00 -47.70
C ILE B 147 14.44 19.39 -48.19
N PHE B 148 14.52 20.37 -47.30
CA PHE B 148 14.94 21.70 -47.70
C PHE B 148 16.38 21.67 -48.22
N MET B 149 17.25 20.94 -47.52
CA MET B 149 18.66 20.82 -47.88
C MET B 149 18.82 20.16 -49.24
N TRP B 150 18.07 19.09 -49.45
CA TRP B 150 18.04 18.38 -50.73
C TRP B 150 17.59 19.30 -51.87
N TYR B 151 16.61 20.15 -51.61
CA TYR B 151 16.07 21.02 -52.65
C TYR B 151 17.08 22.10 -53.03
N ARG B 152 17.70 22.71 -52.03
CA ARG B 152 18.70 23.74 -52.30
C ARG B 152 19.91 23.12 -52.99
N SER B 153 20.20 21.87 -52.63
CA SER B 153 21.35 21.15 -53.15
C SER B 153 21.15 20.87 -54.64
N LYS B 154 19.93 20.53 -55.02
CA LYS B 154 19.67 20.26 -56.42
C LYS B 154 19.66 21.58 -57.22
N GLU B 155 19.31 22.69 -56.56
CA GLU B 155 19.39 24.03 -57.18
C GLU B 155 20.83 24.55 -57.32
N ARG B 156 21.68 24.31 -56.32
CA ARG B 156 23.07 24.82 -56.37
C ARG B 156 24.04 23.84 -57.02
N GLY B 157 23.65 22.58 -57.16
CA GLY B 157 24.51 21.56 -57.76
C GLY B 157 25.70 21.21 -56.87
N GLN B 158 26.77 20.69 -57.47
CA GLN B 158 27.97 20.28 -56.74
C GLN B 158 28.95 21.45 -56.59
N SER B 159 28.43 22.57 -56.07
CA SER B 159 29.22 23.77 -55.81
C SER B 159 29.09 24.20 -54.34
N ALA B 160 29.90 25.16 -53.95
CA ALA B 160 30.04 25.54 -52.53
C ALA B 160 28.94 26.50 -52.10
N PHE B 161 28.75 26.62 -50.79
CA PHE B 161 27.86 27.64 -50.23
C PHE B 161 28.42 29.01 -50.62
N SER B 162 27.56 29.97 -50.98
CA SER B 162 28.03 31.30 -51.34
C SER B 162 28.34 32.07 -50.06
N LYS B 163 29.14 33.12 -50.16
CA LYS B 163 29.45 33.98 -49.02
C LYS B 163 28.18 34.63 -48.50
N GLU B 164 27.34 35.13 -49.40
CA GLU B 164 26.09 35.78 -49.03
C GLU B 164 25.21 34.83 -48.20
N GLU B 165 25.11 33.56 -48.61
CA GLU B 165 24.29 32.57 -47.93
C GLU B 165 24.83 32.26 -46.53
N LEU B 166 26.13 32.12 -46.42
CA LEU B 166 26.77 31.82 -45.13
C LEU B 166 26.56 32.95 -44.12
N GLU B 167 26.59 34.19 -44.60
CA GLU B 167 26.39 35.38 -43.74
C GLU B 167 24.93 35.59 -43.36
N THR B 168 24.02 35.53 -44.33
CA THR B 168 22.60 35.80 -44.08
C THR B 168 21.91 34.71 -43.24
N CYS B 169 22.34 33.46 -43.38
CA CYS B 169 21.68 32.36 -42.69
C CYS B 169 21.85 32.49 -41.17
N MET B 170 22.95 33.08 -40.74
CA MET B 170 23.22 33.31 -39.32
C MET B 170 22.25 34.31 -38.69
N ILE B 171 21.74 35.24 -39.51
CA ILE B 171 20.76 36.24 -39.08
C ILE B 171 19.37 36.06 -39.71
N ASN B 172 19.00 34.80 -39.93
CA ASN B 172 17.62 34.43 -40.28
C ASN B 172 17.09 35.05 -41.56
N GLN B 173 17.99 35.37 -42.49
CA GLN B 173 17.62 36.09 -43.72
C GLN B 173 17.93 35.26 -44.98
N ALA B 174 17.12 35.49 -46.00
CA ALA B 174 17.38 34.97 -47.35
C ALA B 174 18.63 35.65 -47.90
N PRO B 175 19.38 35.02 -48.80
CA PRO B 175 19.10 33.69 -49.36
C PRO B 175 19.61 32.51 -48.55
N GLY B 176 20.41 32.78 -47.53
CA GLY B 176 20.87 31.73 -46.63
C GLY B 176 19.74 30.92 -46.02
N CYS B 177 18.67 31.60 -45.62
CA CYS B 177 17.45 30.97 -45.14
C CYS B 177 16.39 31.15 -46.21
N PRO B 178 16.16 30.12 -47.04
CA PRO B 178 15.21 30.25 -48.15
C PRO B 178 13.77 30.33 -47.65
N ASP B 179 12.90 30.88 -48.48
CA ASP B 179 11.49 31.03 -48.13
C ASP B 179 10.68 29.84 -48.68
N TYR B 180 11.23 28.64 -48.58
CA TYR B 180 10.58 27.43 -49.09
C TYR B 180 9.48 26.92 -48.14
N SER B 181 8.61 26.08 -48.69
CA SER B 181 7.43 25.60 -48.00
C SER B 181 7.28 24.08 -48.05
N ILE B 182 6.51 23.55 -47.11
CA ILE B 182 6.04 22.17 -47.14
C ILE B 182 4.53 22.24 -47.27
N LEU B 183 3.97 21.55 -48.27
CA LEU B 183 2.53 21.51 -48.46
C LEU B 183 1.94 20.47 -47.51
N SER B 184 0.84 20.82 -46.86
CA SER B 184 0.13 19.93 -45.94
C SER B 184 -1.38 19.94 -46.19
N PHE B 185 -2.11 19.08 -45.48
CA PHE B 185 -3.55 18.88 -45.75
C PHE B 185 -4.41 19.32 -44.57
N MET B 186 -5.60 19.84 -44.87
CA MET B 186 -6.61 20.07 -43.85
C MET B 186 -6.92 18.73 -43.17
N GLY B 187 -7.14 18.77 -41.86
CA GLY B 187 -7.32 17.56 -41.05
C GLY B 187 -6.02 16.89 -40.61
N ALA B 188 -4.88 17.40 -41.04
CA ALA B 188 -3.61 16.72 -40.75
C ALA B 188 -3.14 16.96 -39.33
N PHE B 189 -2.33 16.02 -38.85
CA PHE B 189 -1.62 16.22 -37.61
C PHE B 189 -0.23 15.60 -37.73
N HIS B 190 0.78 16.41 -37.48
CA HIS B 190 2.17 15.99 -37.66
C HIS B 190 3.08 16.39 -36.47
N GLY B 191 2.48 16.90 -35.40
CA GLY B 191 3.23 17.32 -34.23
C GLY B 191 3.00 18.79 -33.95
N ARG B 192 3.59 19.27 -32.86
CA ARG B 192 3.26 20.58 -32.31
C ARG B 192 4.47 21.49 -32.06
N THR B 193 5.67 21.03 -32.38
CA THR B 193 6.79 21.96 -32.45
C THR B 193 6.49 22.89 -33.62
N MET B 194 7.08 24.07 -33.64
CA MET B 194 6.59 25.15 -34.50
C MET B 194 6.65 24.87 -36.01
N GLY B 195 7.57 24.00 -36.42
CA GLY B 195 7.61 23.52 -37.79
C GLY B 195 6.47 22.56 -38.09
N CYS B 196 6.41 21.47 -37.34
CA CYS B 196 5.32 20.50 -37.44
C CYS B 196 3.97 21.15 -37.36
N LEU B 197 3.84 22.13 -36.46
CA LEU B 197 2.54 22.72 -36.17
C LEU B 197 2.01 23.43 -37.37
N ALA B 198 2.90 24.07 -38.14
CA ALA B 198 2.52 24.69 -39.40
C ALA B 198 1.84 23.72 -40.37
N THR B 199 2.24 22.44 -40.36
CA THR B 199 1.65 21.42 -41.24
C THR B 199 0.44 20.70 -40.62
N THR B 200 0.12 21.04 -39.38
CA THR B 200 -0.99 20.49 -38.61
C THR B 200 -2.24 21.37 -38.78
N HIS B 201 -3.39 20.72 -39.04
CA HIS B 201 -4.68 21.41 -39.23
C HIS B 201 -5.79 20.53 -38.66
N SER B 202 -5.65 20.20 -37.39
CA SER B 202 -6.51 19.24 -36.71
C SER B 202 -7.64 19.94 -35.96
N LYS B 203 -7.27 20.78 -35.00
CA LYS B 203 -8.20 21.39 -34.07
C LYS B 203 -7.67 22.79 -33.73
N ALA B 204 -8.56 23.76 -33.56
CA ALA B 204 -8.13 25.13 -33.34
C ALA B 204 -7.35 25.34 -32.03
N ILE B 205 -7.69 24.58 -30.99
CA ILE B 205 -7.00 24.69 -29.70
C ILE B 205 -5.51 24.29 -29.81
N HIS B 206 -5.21 23.41 -30.76
CA HIS B 206 -3.84 23.04 -31.07
C HIS B 206 -3.02 24.19 -31.67
N LYS B 207 -3.67 25.05 -32.45
CA LYS B 207 -2.98 26.02 -33.30
C LYS B 207 -2.98 27.47 -32.79
N ILE B 208 -4.00 27.81 -32.01
CA ILE B 208 -4.31 29.21 -31.73
C ILE B 208 -3.23 29.87 -30.86
N ASP B 209 -2.93 31.14 -31.19
CA ASP B 209 -1.93 31.97 -30.52
C ASP B 209 -0.47 31.66 -30.87
N ILE B 210 -0.22 30.65 -31.70
CA ILE B 210 1.13 30.28 -32.05
C ILE B 210 1.52 30.77 -33.44
N PRO B 211 2.63 31.49 -33.57
CA PRO B 211 3.11 31.92 -34.88
C PRO B 211 3.31 30.74 -35.82
N SER B 212 3.08 30.99 -37.11
CA SER B 212 3.08 29.94 -38.11
C SER B 212 3.88 30.34 -39.37
N PHE B 213 3.79 29.49 -40.38
CA PHE B 213 4.43 29.70 -41.66
C PHE B 213 3.34 29.80 -42.72
N ASP B 214 3.51 30.69 -43.68
CA ASP B 214 2.60 30.78 -44.81
C ASP B 214 2.95 29.69 -45.82
N TRP B 215 2.44 28.48 -45.57
CA TRP B 215 2.67 27.32 -46.44
C TRP B 215 1.31 26.85 -47.00
N PRO B 216 1.32 26.23 -48.19
CA PRO B 216 0.06 25.84 -48.84
C PRO B 216 -0.64 24.71 -48.08
N ILE B 217 -1.97 24.82 -47.99
CA ILE B 217 -2.82 23.84 -47.32
C ILE B 217 -3.89 23.34 -48.27
N ALA B 218 -3.81 22.05 -48.65
CA ALA B 218 -4.73 21.43 -49.58
C ALA B 218 -5.84 20.69 -48.85
N PRO B 219 -6.99 20.51 -49.48
CA PRO B 219 -8.05 19.68 -48.89
C PRO B 219 -7.72 18.19 -48.97
N PHE B 220 -8.01 17.46 -47.90
CA PHE B 220 -7.93 16.01 -47.89
C PHE B 220 -9.33 15.48 -48.18
N PRO B 221 -9.45 14.42 -48.97
CA PRO B 221 -10.78 13.93 -49.35
C PRO B 221 -11.64 13.50 -48.17
N ARG B 222 -12.85 14.05 -48.09
CA ARG B 222 -13.89 13.56 -47.19
C ARG B 222 -14.78 12.57 -47.94
N LEU B 223 -14.55 11.27 -47.73
CA LEU B 223 -15.31 10.21 -48.42
C LEU B 223 -16.72 10.06 -47.86
N LYS B 224 -17.65 9.60 -48.70
CA LYS B 224 -19.03 9.34 -48.31
C LYS B 224 -19.26 7.83 -48.19
N TYR B 225 -20.06 7.45 -47.20
CA TYR B 225 -20.29 6.05 -46.85
C TYR B 225 -21.78 5.69 -46.93
N PRO B 226 -22.14 4.45 -47.26
CA PRO B 226 -21.18 3.36 -47.54
C PRO B 226 -20.46 3.53 -48.87
N LEU B 227 -19.25 2.99 -48.98
CA LEU B 227 -18.37 3.22 -50.13
C LEU B 227 -18.97 2.72 -51.46
N GLU B 228 -19.73 1.63 -51.42
CA GLU B 228 -20.26 1.05 -52.66
C GLU B 228 -21.48 1.81 -53.23
N GLU B 229 -22.05 2.71 -52.45
CA GLU B 229 -23.14 3.57 -52.92
C GLU B 229 -22.65 4.94 -53.39
N PHE B 230 -21.35 5.19 -53.28
CA PHE B 230 -20.77 6.48 -53.62
C PHE B 230 -19.45 6.34 -54.41
N VAL B 231 -19.38 5.38 -55.32
CA VAL B 231 -18.18 5.15 -56.12
C VAL B 231 -17.82 6.40 -56.91
N LYS B 232 -18.76 6.90 -57.71
CA LYS B 232 -18.54 8.07 -58.57
C LYS B 232 -18.24 9.33 -57.75
N GLU B 233 -19.01 9.53 -56.69
CA GLU B 233 -18.90 10.75 -55.88
C GLU B 233 -17.54 10.80 -55.17
N ASN B 234 -17.07 9.66 -54.70
CA ASN B 234 -15.77 9.58 -54.03
C ASN B 234 -14.61 9.68 -55.02
N GLN B 235 -14.78 9.14 -56.23
CA GLN B 235 -13.81 9.34 -57.30
C GLN B 235 -13.64 10.83 -57.60
N GLN B 236 -14.76 11.54 -57.72
CA GLN B 236 -14.77 12.98 -58.06
C GLN B 236 -14.23 13.85 -56.93
N GLU B 237 -14.48 13.44 -55.70
CA GLU B 237 -13.99 14.14 -54.51
C GLU B 237 -12.46 14.07 -54.44
N GLU B 238 -11.93 12.86 -54.65
CA GLU B 238 -10.49 12.64 -54.69
C GLU B 238 -9.82 13.38 -55.86
N ALA B 239 -10.47 13.39 -57.02
CA ALA B 239 -9.92 14.09 -58.19
C ALA B 239 -9.86 15.60 -57.97
N ARG B 240 -10.88 16.15 -57.31
CA ARG B 240 -10.92 17.58 -56.98
C ARG B 240 -9.77 17.94 -56.04
N CYS B 241 -9.50 17.07 -55.07
CA CYS B 241 -8.45 17.33 -54.11
C CYS B 241 -7.06 17.31 -54.77
N LEU B 242 -6.84 16.34 -55.65
CA LEU B 242 -5.55 16.20 -56.34
C LEU B 242 -5.28 17.42 -57.23
N GLU B 243 -6.31 17.91 -57.91
CA GLU B 243 -6.19 19.09 -58.75
C GLU B 243 -5.83 20.31 -57.91
N GLU B 244 -6.43 20.42 -56.73
CA GLU B 244 -6.19 21.57 -55.84
C GLU B 244 -4.79 21.52 -55.23
N VAL B 245 -4.26 20.31 -55.02
CA VAL B 245 -2.87 20.14 -54.59
C VAL B 245 -1.94 20.73 -55.65
N GLU B 246 -2.19 20.36 -56.91
CA GLU B 246 -1.32 20.77 -58.01
C GLU B 246 -1.39 22.30 -58.21
N ASP B 247 -2.59 22.86 -58.18
CA ASP B 247 -2.76 24.32 -58.28
C ASP B 247 -2.00 25.08 -57.20
N LEU B 248 -1.96 24.50 -56.00
CA LEU B 248 -1.29 25.13 -54.87
C LEU B 248 0.24 25.10 -55.04
N ILE B 249 0.76 24.03 -55.63
CA ILE B 249 2.18 23.93 -55.91
C ILE B 249 2.56 25.00 -56.92
N VAL B 250 1.75 25.14 -57.97
CA VAL B 250 2.00 26.14 -59.01
C VAL B 250 1.90 27.54 -58.45
N LYS B 251 0.88 27.78 -57.63
CA LYS B 251 0.63 29.10 -57.06
C LYS B 251 1.77 29.52 -56.13
N TYR B 252 2.30 28.58 -55.36
CA TYR B 252 3.36 28.92 -54.41
C TYR B 252 4.73 29.07 -55.08
N ARG B 253 4.93 28.41 -56.22
CA ARG B 253 6.13 28.62 -57.05
C ARG B 253 6.17 30.09 -57.52
N LYS B 254 5.02 30.59 -57.97
CA LYS B 254 4.91 31.99 -58.41
C LYS B 254 5.10 33.00 -57.28
N LYS B 255 4.65 32.66 -56.08
CA LYS B 255 4.87 33.49 -54.89
C LYS B 255 6.31 33.45 -54.35
N LYS B 256 7.16 32.65 -55.00
CA LYS B 256 8.56 32.46 -54.60
C LYS B 256 8.68 31.85 -53.20
N LYS B 257 7.73 30.97 -52.91
CA LYS B 257 7.72 30.18 -51.70
C LYS B 257 7.61 28.72 -52.12
N THR B 258 8.57 28.32 -52.96
CA THR B 258 8.58 27.01 -53.60
C THR B 258 8.28 25.86 -52.64
N VAL B 259 7.37 24.99 -53.06
CA VAL B 259 7.04 23.77 -52.33
C VAL B 259 8.16 22.75 -52.52
N ALA B 260 9.01 22.63 -51.50
CA ALA B 260 10.11 21.67 -51.51
C ALA B 260 9.66 20.25 -51.24
N GLY B 261 8.56 20.08 -50.50
CA GLY B 261 8.01 18.77 -50.16
C GLY B 261 6.52 18.76 -49.79
N ILE B 262 5.92 17.58 -49.90
CA ILE B 262 4.54 17.35 -49.51
C ILE B 262 4.51 16.34 -48.36
N ILE B 263 3.79 16.65 -47.29
CA ILE B 263 3.61 15.71 -46.18
C ILE B 263 2.13 15.29 -46.08
N VAL B 264 1.93 13.99 -45.87
CA VAL B 264 0.60 13.40 -45.72
C VAL B 264 0.65 12.13 -44.85
N GLU B 265 -0.42 11.88 -44.09
CA GLU B 265 -0.62 10.61 -43.37
C GLU B 265 -1.36 9.65 -44.30
N PRO B 266 -1.02 8.35 -44.30
CA PRO B 266 -1.80 7.37 -45.05
C PRO B 266 -3.27 7.31 -44.60
N ILE B 267 -3.49 7.54 -43.32
CA ILE B 267 -4.81 7.76 -42.73
C ILE B 267 -4.64 8.90 -41.75
N GLN B 268 -5.47 9.95 -41.86
CA GLN B 268 -5.41 11.10 -40.95
C GLN B 268 -6.01 10.67 -39.60
N SER B 269 -5.22 10.74 -38.53
CA SER B 269 -5.66 10.24 -37.21
C SER B 269 -6.34 11.32 -36.36
N GLU B 270 -5.55 12.21 -35.78
CA GLU B 270 -6.09 13.21 -34.84
C GLU B 270 -7.19 14.05 -35.46
N GLY B 271 -7.11 14.30 -36.76
CA GLY B 271 -8.11 15.05 -37.48
C GLY B 271 -9.44 14.37 -37.73
N GLY B 272 -9.54 13.07 -37.43
CA GLY B 272 -10.81 12.35 -37.49
C GLY B 272 -10.84 11.05 -38.27
N ASP B 273 -9.73 10.30 -38.26
CA ASP B 273 -9.63 9.04 -39.02
C ASP B 273 -10.15 9.17 -40.46
N ASN B 274 -9.57 10.11 -41.21
CA ASN B 274 -9.96 10.31 -42.60
C ASN B 274 -9.15 9.39 -43.52
N HIS B 275 -9.87 8.58 -44.29
CA HIS B 275 -9.25 7.66 -45.24
C HIS B 275 -9.38 8.21 -46.67
N ALA B 276 -8.53 7.71 -47.54
CA ALA B 276 -8.65 7.89 -48.98
C ALA B 276 -8.23 6.59 -49.67
N SER B 277 -8.61 6.44 -50.94
CA SER B 277 -8.26 5.25 -51.71
C SER B 277 -6.75 5.19 -51.96
N ASP B 278 -6.26 3.98 -52.20
CA ASP B 278 -4.87 3.75 -52.57
C ASP B 278 -4.55 4.46 -53.88
N ASP B 279 -5.52 4.49 -54.77
CA ASP B 279 -5.41 5.22 -56.03
C ASP B 279 -5.08 6.70 -55.80
N PHE B 280 -5.76 7.31 -54.84
CA PHE B 280 -5.50 8.71 -54.49
C PHE B 280 -4.04 8.96 -54.08
N PHE B 281 -3.49 8.09 -53.24
CA PHE B 281 -2.11 8.25 -52.78
C PHE B 281 -1.10 8.00 -53.89
N ARG B 282 -1.40 7.08 -54.79
CA ARG B 282 -0.54 6.79 -55.93
C ARG B 282 -0.42 8.02 -56.83
N LYS B 283 -1.55 8.68 -57.07
CA LYS B 283 -1.59 9.88 -57.90
C LYS B 283 -0.94 11.05 -57.20
N LEU B 284 -1.11 11.16 -55.88
CA LEU B 284 -0.49 12.23 -55.11
C LEU B 284 1.03 12.08 -55.18
N ARG B 285 1.50 10.85 -55.12
CA ARG B 285 2.94 10.57 -55.23
C ARG B 285 3.46 11.03 -56.59
N ASP B 286 2.70 10.74 -57.65
CA ASP B 286 3.06 11.14 -59.02
C ASP B 286 3.11 12.65 -59.20
N ILE B 287 2.17 13.36 -58.57
CA ILE B 287 2.14 14.81 -58.60
C ILE B 287 3.38 15.37 -57.91
N SER B 288 3.75 14.76 -56.79
CA SER B 288 4.92 15.17 -56.03
C SER B 288 6.16 15.09 -56.91
N ARG B 289 6.37 13.94 -57.55
CA ARG B 289 7.54 13.71 -58.40
C ARG B 289 7.55 14.68 -59.58
N LYS B 290 6.38 14.87 -60.18
CA LYS B 290 6.23 15.71 -61.38
C LYS B 290 6.74 17.13 -61.14
N HIS B 291 6.50 17.67 -59.94
CA HIS B 291 6.87 19.04 -59.60
C HIS B 291 8.17 19.14 -58.77
N GLY B 292 8.90 18.04 -58.65
CA GLY B 292 10.16 18.05 -57.93
C GLY B 292 10.02 18.20 -56.42
N CYS B 293 8.85 17.89 -55.88
CA CYS B 293 8.60 17.93 -54.43
C CYS B 293 8.91 16.58 -53.82
N ALA B 294 9.64 16.59 -52.71
CA ALA B 294 9.87 15.38 -51.94
C ALA B 294 8.54 14.90 -51.36
N PHE B 295 8.29 13.60 -51.44
CA PHE B 295 7.07 13.04 -50.88
C PHE B 295 7.37 12.46 -49.52
N LEU B 296 6.83 13.10 -48.48
CA LEU B 296 7.06 12.75 -47.10
C LEU B 296 5.83 12.07 -46.54
N VAL B 297 5.93 10.78 -46.23
CA VAL B 297 4.82 10.01 -45.67
C VAL B 297 5.01 9.85 -44.18
N ASP B 298 4.02 10.34 -43.41
CA ASP B 298 4.04 10.32 -41.96
C ASP B 298 3.30 9.09 -41.42
N GLU B 299 4.08 8.10 -40.99
CA GLU B 299 3.55 6.85 -40.43
C GLU B 299 3.76 6.73 -38.91
N VAL B 300 3.91 7.88 -38.26
CA VAL B 300 4.03 7.92 -36.80
C VAL B 300 2.89 7.13 -36.12
N GLN B 301 1.66 7.31 -36.58
CA GLN B 301 0.52 6.63 -35.99
C GLN B 301 0.01 5.39 -36.78
N THR B 302 0.20 5.37 -38.10
CA THR B 302 -0.21 4.21 -38.92
C THR B 302 0.83 3.09 -38.96
N GLY B 303 2.09 3.41 -38.69
CA GLY B 303 3.18 2.44 -38.75
C GLY B 303 3.16 1.48 -37.57
N GLY B 304 3.69 0.28 -37.81
CA GLY B 304 3.74 -0.77 -36.80
C GLY B 304 2.70 -1.87 -36.89
N GLY B 305 2.03 -2.01 -38.03
CA GLY B 305 1.31 -3.22 -38.34
C GLY B 305 -0.21 -3.25 -38.21
N SER B 306 -0.80 -2.30 -37.52
CA SER B 306 -2.23 -2.41 -37.18
C SER B 306 -3.17 -2.39 -38.39
N THR B 307 -2.72 -1.84 -39.52
CA THR B 307 -3.52 -1.87 -40.77
C THR B 307 -3.42 -3.19 -41.52
N GLY B 308 -2.59 -4.12 -41.05
CA GLY B 308 -2.40 -5.41 -41.68
C GLY B 308 -1.10 -5.53 -42.46
N LYS B 309 -0.42 -4.41 -42.68
CA LYS B 309 0.94 -4.36 -43.21
C LYS B 309 1.77 -3.54 -42.26
N PHE B 310 3.07 -3.80 -42.21
CA PHE B 310 3.92 -3.09 -41.26
C PHE B 310 3.77 -1.58 -41.42
N TRP B 311 3.94 -1.09 -42.64
CA TRP B 311 3.67 0.31 -42.96
C TRP B 311 2.39 0.36 -43.79
N ALA B 312 1.50 1.28 -43.45
CA ALA B 312 0.22 1.45 -44.14
C ALA B 312 0.39 1.76 -45.63
N HIS B 313 1.46 2.47 -46.00
CA HIS B 313 1.69 2.85 -47.41
C HIS B 313 1.95 1.60 -48.28
N GLU B 314 2.36 0.47 -47.69
CA GLU B 314 2.55 -0.79 -48.41
C GLU B 314 1.29 -1.25 -49.16
N HIS B 315 0.12 -0.89 -48.64
CA HIS B 315 -1.16 -1.16 -49.32
C HIS B 315 -1.22 -0.56 -50.71
N TRP B 316 -0.54 0.57 -50.92
CA TRP B 316 -0.54 1.26 -52.21
C TRP B 316 0.10 0.39 -53.32
N GLY B 317 1.03 -0.48 -52.94
CA GLY B 317 1.64 -1.43 -53.86
C GLY B 317 2.69 -0.81 -54.78
N LEU B 318 3.38 0.23 -54.31
CA LEU B 318 4.38 0.94 -55.12
C LEU B 318 5.82 0.51 -54.83
N ASP B 319 6.62 0.45 -55.89
CA ASP B 319 8.05 0.19 -55.77
C ASP B 319 8.79 1.45 -55.27
N ASP B 320 8.21 2.61 -55.53
CA ASP B 320 8.76 3.91 -55.12
C ASP B 320 7.61 4.64 -54.43
N PRO B 321 7.32 4.29 -53.17
CA PRO B 321 6.17 4.85 -52.46
C PRO B 321 6.40 6.27 -51.94
N ALA B 322 7.65 6.63 -51.69
CA ALA B 322 7.97 7.89 -51.03
C ALA B 322 9.47 8.18 -51.08
N ASP B 323 9.81 9.42 -50.75
CA ASP B 323 11.20 9.82 -50.63
C ASP B 323 11.67 9.75 -49.18
N VAL B 324 10.79 10.09 -48.26
CA VAL B 324 11.06 10.08 -46.83
C VAL B 324 9.84 9.51 -46.10
N MET B 325 10.08 8.76 -45.04
CA MET B 325 9.00 8.22 -44.20
C MET B 325 9.37 8.31 -42.74
N THR B 326 8.56 9.01 -41.97
CA THR B 326 8.76 9.14 -40.53
C THR B 326 7.94 8.12 -39.75
N PHE B 327 8.38 7.84 -38.53
CA PHE B 327 7.75 6.87 -37.66
C PHE B 327 8.07 7.21 -36.22
N SER B 328 7.30 6.61 -35.30
CA SER B 328 7.50 6.70 -33.86
C SER B 328 6.47 5.78 -33.15
N LYS B 329 6.16 6.12 -31.90
CA LYS B 329 5.07 5.47 -31.14
C LYS B 329 5.28 3.99 -30.95
N LYS B 330 4.55 3.19 -31.71
CA LYS B 330 4.73 1.73 -31.70
C LYS B 330 6.15 1.27 -31.86
N MET B 331 6.92 1.99 -32.67
CA MET B 331 8.29 1.64 -32.98
C MET B 331 9.29 1.96 -31.83
N MET B 332 8.77 2.45 -30.70
CA MET B 332 9.52 2.72 -29.47
C MET B 332 10.37 3.99 -29.59
N THR B 333 11.23 4.02 -30.61
CA THR B 333 11.98 5.20 -31.00
C THR B 333 11.34 5.85 -32.20
N GLY B 334 11.70 7.11 -32.43
CA GLY B 334 11.35 7.80 -33.66
C GLY B 334 12.48 7.71 -34.68
N GLY B 335 12.33 8.44 -35.79
CA GLY B 335 13.34 8.52 -36.83
C GLY B 335 12.69 8.65 -38.20
N PHE B 336 13.48 8.51 -39.26
CA PHE B 336 12.89 8.45 -40.60
C PHE B 336 13.78 7.71 -41.60
N PHE B 337 13.15 6.91 -42.46
CA PHE B 337 13.83 6.34 -43.61
C PHE B 337 13.83 7.33 -44.78
N HIS B 338 14.81 7.20 -45.67
CA HIS B 338 14.83 8.02 -46.90
C HIS B 338 15.69 7.42 -47.99
N LYS B 339 15.50 7.95 -49.20
CA LYS B 339 16.30 7.56 -50.36
C LYS B 339 17.70 8.06 -50.20
N GLU B 340 18.65 7.38 -50.83
CA GLU B 340 20.08 7.75 -50.82
C GLU B 340 20.31 9.19 -51.23
N GLU B 341 19.56 9.68 -52.22
CA GLU B 341 19.75 11.02 -52.77
C GLU B 341 19.39 12.13 -51.76
N PHE B 342 18.65 11.79 -50.71
CA PHE B 342 18.32 12.73 -49.63
C PHE B 342 19.35 12.76 -48.49
N ARG B 343 20.36 11.91 -48.61
CA ARG B 343 21.45 11.88 -47.64
C ARG B 343 22.11 13.25 -47.55
N PRO B 344 22.17 13.83 -46.35
CA PRO B 344 22.90 15.09 -46.14
C PRO B 344 24.34 15.01 -46.64
N ASN B 345 24.78 16.07 -47.30
CA ASN B 345 26.13 16.18 -47.88
C ASN B 345 27.25 16.36 -46.84
N ALA B 346 26.91 16.93 -45.67
CA ALA B 346 27.87 17.18 -44.61
C ALA B 346 27.29 16.84 -43.24
N PRO B 347 28.16 16.54 -42.28
CA PRO B 347 27.71 16.28 -40.91
C PRO B 347 27.22 17.56 -40.23
N TYR B 348 26.57 17.42 -39.08
CA TYR B 348 26.17 18.54 -38.22
C TYR B 348 25.06 19.43 -38.81
N ARG B 349 24.33 18.89 -39.80
CA ARG B 349 23.16 19.56 -40.35
C ARG B 349 21.90 18.90 -39.81
N ILE B 350 21.81 17.59 -39.93
CA ILE B 350 20.79 16.80 -39.24
C ILE B 350 21.47 16.19 -38.02
N PHE B 351 21.10 16.67 -36.84
CA PHE B 351 21.85 16.37 -35.64
C PHE B 351 21.13 16.84 -34.38
N ASN B 352 21.31 16.10 -33.30
CA ASN B 352 21.02 16.58 -31.96
C ASN B 352 21.75 15.69 -30.96
N THR B 353 21.59 15.97 -29.68
CA THR B 353 22.37 15.29 -28.65
C THR B 353 22.18 13.76 -28.68
N TRP B 354 20.94 13.30 -28.59
CA TRP B 354 20.64 11.90 -28.31
C TRP B 354 20.22 11.05 -29.54
N LEU B 355 19.50 11.65 -30.48
CA LEU B 355 19.07 10.99 -31.72
C LEU B 355 18.34 9.68 -31.44
N GLY B 356 17.44 9.70 -30.48
CA GLY B 356 16.79 8.50 -30.01
C GLY B 356 17.47 7.99 -28.75
N ASP B 357 17.46 6.68 -28.57
CA ASP B 357 17.94 6.06 -27.34
C ASP B 357 18.20 4.56 -27.62
N PRO B 358 19.43 4.08 -27.41
CA PRO B 358 19.72 2.65 -27.63
C PRO B 358 18.81 1.70 -26.82
N SER B 359 18.38 2.10 -25.64
CA SER B 359 17.44 1.30 -24.87
C SER B 359 16.12 1.06 -25.63
N LYS B 360 15.68 2.05 -26.40
CA LYS B 360 14.48 1.87 -27.19
C LYS B 360 14.68 0.94 -28.37
N ASN B 361 15.87 0.98 -28.99
CA ASN B 361 16.22 0.06 -30.06
C ASN B 361 16.28 -1.38 -29.57
N LEU B 362 16.79 -1.57 -28.35
CA LEU B 362 16.88 -2.89 -27.74
C LEU B 362 15.49 -3.52 -27.60
N LEU B 363 14.54 -2.72 -27.12
CA LEU B 363 13.17 -3.18 -26.96
C LEU B 363 12.51 -3.44 -28.31
N LEU B 364 12.71 -2.55 -29.26
CA LEU B 364 12.10 -2.66 -30.58
C LEU B 364 12.53 -3.93 -31.35
N ALA B 365 13.81 -4.31 -31.23
CA ALA B 365 14.29 -5.52 -31.89
C ALA B 365 13.47 -6.71 -31.43
N GLU B 366 13.20 -6.78 -30.13
CA GLU B 366 12.36 -7.85 -29.60
C GLU B 366 10.90 -7.69 -30.03
N VAL B 367 10.39 -6.47 -30.07
CA VAL B 367 9.02 -6.26 -30.51
C VAL B 367 8.84 -6.82 -31.93
N ILE B 368 9.77 -6.48 -32.82
CA ILE B 368 9.71 -6.88 -34.22
C ILE B 368 9.81 -8.41 -34.37
N ASN B 369 10.71 -9.00 -33.59
CA ASN B 369 10.81 -10.46 -33.55
C ASN B 369 9.49 -11.11 -33.15
N ILE B 370 8.80 -10.55 -32.14
CA ILE B 370 7.51 -11.08 -31.71
C ILE B 370 6.47 -10.91 -32.83
N ILE B 371 6.44 -9.74 -33.46
CA ILE B 371 5.48 -9.49 -34.52
C ILE B 371 5.60 -10.52 -35.66
N LYS B 372 6.84 -10.88 -36.02
CA LYS B 372 7.06 -11.84 -37.10
C LYS B 372 6.79 -13.29 -36.69
N ARG B 373 7.28 -13.68 -35.52
CA ARG B 373 7.13 -15.07 -35.06
C ARG B 373 5.66 -15.41 -34.72
N GLU B 374 4.93 -14.46 -34.17
CA GLU B 374 3.51 -14.65 -33.80
C GLU B 374 2.53 -14.25 -34.92
N ASP B 375 3.07 -13.89 -36.10
CA ASP B 375 2.25 -13.61 -37.27
C ASP B 375 1.23 -12.48 -37.01
N LEU B 376 1.67 -11.43 -36.31
CA LEU B 376 0.77 -10.39 -35.83
C LEU B 376 0.21 -9.44 -36.91
N LEU B 377 0.90 -9.29 -38.04
CA LEU B 377 0.36 -8.50 -39.16
C LEU B 377 -0.92 -9.12 -39.70
N SER B 378 -0.88 -10.42 -40.00
CA SER B 378 -2.08 -11.14 -40.46
C SER B 378 -3.17 -11.19 -39.41
N ASN B 379 -2.78 -11.29 -38.14
CA ASN B 379 -3.75 -11.27 -37.05
C ASN B 379 -4.48 -9.93 -36.94
N ALA B 380 -3.78 -8.83 -37.24
CA ALA B 380 -4.42 -7.52 -37.22
C ALA B 380 -5.46 -7.42 -38.33
N ALA B 381 -5.16 -7.96 -39.51
CA ALA B 381 -6.12 -7.97 -40.61
C ALA B 381 -7.39 -8.76 -40.25
N HIS B 382 -7.21 -9.91 -39.60
CA HIS B 382 -8.32 -10.81 -39.25
C HIS B 382 -9.16 -10.26 -38.11
N ALA B 383 -8.51 -9.93 -37.00
CA ALA B 383 -9.20 -9.36 -35.84
C ALA B 383 -9.86 -8.03 -36.18
N GLY B 384 -9.20 -7.25 -37.03
CA GLY B 384 -9.75 -6.00 -37.54
C GLY B 384 -10.97 -6.23 -38.41
N LYS B 385 -10.97 -7.31 -39.19
CA LYS B 385 -12.11 -7.66 -40.00
C LYS B 385 -13.30 -8.03 -39.11
N VAL B 386 -13.04 -8.78 -38.05
CA VAL B 386 -14.10 -9.14 -37.10
C VAL B 386 -14.63 -7.88 -36.44
N LEU B 387 -13.74 -6.99 -36.02
CA LEU B 387 -14.16 -5.74 -35.39
C LEU B 387 -15.08 -4.96 -36.33
N LEU B 388 -14.63 -4.74 -37.55
CA LEU B 388 -15.32 -3.90 -38.53
C LEU B 388 -16.67 -4.49 -38.95
N THR B 389 -16.74 -5.81 -39.08
CA THR B 389 -17.99 -6.50 -39.36
C THR B 389 -19.01 -6.26 -38.25
N GLY B 390 -18.55 -6.30 -37.01
CA GLY B 390 -19.42 -6.05 -35.87
C GLY B 390 -19.89 -4.60 -35.84
N LEU B 391 -18.99 -3.67 -36.17
CA LEU B 391 -19.35 -2.25 -36.19
C LEU B 391 -20.39 -1.97 -37.25
N LEU B 392 -20.27 -2.63 -38.40
CA LEU B 392 -21.24 -2.49 -39.48
C LEU B 392 -22.62 -3.02 -39.06
N ASP B 393 -22.64 -4.11 -38.29
CA ASP B 393 -23.88 -4.65 -37.75
C ASP B 393 -24.53 -3.64 -36.81
N LEU B 394 -23.75 -3.08 -35.89
CA LEU B 394 -24.25 -2.09 -34.94
C LEU B 394 -24.74 -0.81 -35.62
N GLN B 395 -24.08 -0.43 -36.71
CA GLN B 395 -24.49 0.71 -37.55
C GLN B 395 -25.88 0.47 -38.15
N ALA B 396 -26.10 -0.74 -38.63
CA ALA B 396 -27.38 -1.12 -39.21
C ALA B 396 -28.50 -1.11 -38.16
N ARG B 397 -28.17 -1.46 -36.93
CA ARG B 397 -29.15 -1.56 -35.84
C ARG B 397 -29.39 -0.23 -35.12
N TYR B 398 -28.42 0.67 -35.16
CA TYR B 398 -28.49 1.94 -34.43
C TYR B 398 -28.00 3.09 -35.31
N PRO B 399 -28.72 3.35 -36.40
CA PRO B 399 -28.35 4.45 -37.31
C PRO B 399 -28.51 5.82 -36.66
N GLN B 400 -29.27 5.90 -35.58
CA GLN B 400 -29.45 7.14 -34.82
C GLN B 400 -28.21 7.54 -34.00
N PHE B 401 -27.28 6.60 -33.78
CA PHE B 401 -26.05 6.84 -33.03
C PHE B 401 -24.75 6.58 -33.81
N ILE B 402 -24.79 5.70 -34.81
CA ILE B 402 -23.59 5.23 -35.50
C ILE B 402 -23.68 5.53 -36.99
N SER B 403 -22.65 6.16 -37.55
CA SER B 403 -22.54 6.33 -39.00
C SER B 403 -21.10 6.29 -39.47
N ARG B 404 -20.93 6.12 -40.78
CA ARG B 404 -19.62 6.19 -41.42
C ARG B 404 -18.60 5.20 -40.83
N VAL B 405 -19.05 3.99 -40.51
CA VAL B 405 -18.16 2.95 -40.03
C VAL B 405 -17.10 2.69 -41.09
N ARG B 406 -15.84 2.72 -40.67
CA ARG B 406 -14.73 2.61 -41.59
C ARG B 406 -13.48 2.09 -40.89
N GLY B 407 -12.55 1.58 -41.68
CA GLY B 407 -11.33 1.05 -41.12
C GLY B 407 -10.47 0.27 -42.08
N ARG B 408 -9.26 0.01 -41.64
CA ARG B 408 -8.34 -0.90 -42.30
C ARG B 408 -7.54 -1.60 -41.21
N GLY B 409 -7.52 -2.93 -41.25
CA GLY B 409 -7.02 -3.70 -40.13
C GLY B 409 -7.83 -3.38 -38.89
N THR B 410 -7.17 -3.23 -37.75
CA THR B 410 -7.83 -2.77 -36.52
C THR B 410 -7.92 -1.24 -36.41
N PHE B 411 -7.37 -0.52 -37.39
CA PHE B 411 -7.39 0.94 -37.45
C PHE B 411 -8.80 1.40 -37.88
N CYS B 412 -9.76 1.27 -36.98
CA CYS B 412 -11.17 1.48 -37.29
C CYS B 412 -11.76 2.67 -36.55
N SER B 413 -12.95 3.07 -36.98
CA SER B 413 -13.65 4.22 -36.39
C SER B 413 -15.09 4.32 -36.91
N PHE B 414 -15.84 5.19 -36.23
CA PHE B 414 -17.16 5.58 -36.69
C PHE B 414 -17.50 6.95 -36.10
N ASP B 415 -18.51 7.59 -36.67
CA ASP B 415 -18.98 8.88 -36.17
C ASP B 415 -20.23 8.71 -35.32
N THR B 416 -20.43 9.69 -34.44
CA THR B 416 -21.64 9.84 -33.67
C THR B 416 -22.29 11.17 -34.10
N PRO B 417 -23.51 11.45 -33.68
CA PRO B 417 -24.24 12.63 -34.13
C PRO B 417 -23.64 13.97 -33.68
N ASP B 418 -22.97 14.02 -32.54
CA ASP B 418 -22.32 15.25 -32.08
C ASP B 418 -21.30 14.99 -30.97
N GLU B 419 -20.50 16.01 -30.65
CA GLU B 419 -19.39 15.88 -29.70
C GLU B 419 -19.84 15.36 -28.35
N SER B 420 -21.04 15.76 -27.93
CA SER B 420 -21.54 15.44 -26.61
C SER B 420 -21.87 13.95 -26.45
N ILE B 421 -22.53 13.37 -27.44
CA ILE B 421 -22.85 11.94 -27.45
C ILE B 421 -21.58 11.10 -27.58
N ARG B 422 -20.61 11.61 -28.34
CA ARG B 422 -19.32 10.96 -28.52
C ARG B 422 -18.66 10.77 -27.16
N ASN B 423 -18.53 11.87 -26.42
CA ASN B 423 -17.90 11.84 -25.10
C ASN B 423 -18.69 11.00 -24.11
N LYS B 424 -20.00 11.03 -24.24
CA LYS B 424 -20.86 10.27 -23.35
C LYS B 424 -20.69 8.77 -23.60
N LEU B 425 -20.60 8.35 -24.86
CA LEU B 425 -20.42 6.94 -25.20
C LEU B 425 -19.03 6.43 -24.78
N ILE B 426 -18.01 7.26 -24.90
CA ILE B 426 -16.66 6.91 -24.43
C ILE B 426 -16.68 6.72 -22.91
N SER B 427 -17.37 7.62 -22.23
CA SER B 427 -17.43 7.61 -20.77
C SER B 427 -18.23 6.41 -20.22
N ILE B 428 -19.31 6.03 -20.91
CA ILE B 428 -20.11 4.87 -20.51
C ILE B 428 -19.30 3.60 -20.73
N ALA B 429 -18.66 3.51 -21.89
CA ALA B 429 -17.88 2.34 -22.29
C ALA B 429 -16.76 2.07 -21.30
N ARG B 430 -16.07 3.14 -20.90
CA ARG B 430 -15.00 3.06 -19.91
C ARG B 430 -15.44 2.53 -18.55
N ASN B 431 -16.60 2.99 -18.08
CA ASN B 431 -17.17 2.50 -16.81
C ASN B 431 -17.64 1.05 -16.93
N LYS B 432 -17.88 0.60 -18.16
CA LYS B 432 -18.27 -0.79 -18.45
C LYS B 432 -17.07 -1.68 -18.79
N GLY B 433 -15.87 -1.13 -18.74
CA GLY B 433 -14.65 -1.91 -18.88
C GLY B 433 -13.94 -1.84 -20.20
N VAL B 434 -14.24 -0.84 -21.02
CA VAL B 434 -13.60 -0.67 -22.32
C VAL B 434 -13.11 0.76 -22.58
N MET B 435 -11.80 0.90 -22.72
CA MET B 435 -11.13 2.15 -23.04
C MET B 435 -11.22 2.41 -24.52
N LEU B 436 -11.95 3.44 -24.92
CA LEU B 436 -11.99 3.87 -26.32
C LEU B 436 -11.37 5.25 -26.47
N GLY B 437 -11.02 5.61 -27.69
CA GLY B 437 -10.45 6.91 -27.99
C GLY B 437 -11.37 7.73 -28.84
N GLY B 438 -11.24 9.05 -28.76
CA GLY B 438 -11.94 9.96 -29.65
C GLY B 438 -10.99 10.63 -30.62
N CYS B 439 -11.49 11.04 -31.78
CA CYS B 439 -10.74 11.86 -32.73
C CYS B 439 -11.72 12.75 -33.48
N GLY B 440 -11.21 13.83 -34.09
CA GLY B 440 -12.07 14.81 -34.76
C GLY B 440 -13.04 15.42 -33.76
N ASP B 441 -14.19 15.87 -34.23
CA ASP B 441 -15.19 16.49 -33.34
C ASP B 441 -16.12 15.45 -32.73
N LYS B 442 -16.47 14.42 -33.50
CA LYS B 442 -17.51 13.48 -33.07
C LYS B 442 -17.26 12.01 -33.46
N SER B 443 -16.01 11.64 -33.68
CA SER B 443 -15.67 10.26 -34.05
C SER B 443 -15.09 9.49 -32.85
N ILE B 444 -15.38 8.19 -32.81
CA ILE B 444 -14.72 7.27 -31.88
C ILE B 444 -13.75 6.43 -32.71
N ARG B 445 -12.58 6.15 -32.14
CA ARG B 445 -11.52 5.45 -32.87
C ARG B 445 -11.02 4.26 -32.09
N PHE B 446 -10.39 3.32 -32.81
CA PHE B 446 -9.85 2.12 -32.21
C PHE B 446 -8.36 2.03 -32.53
N ARG B 447 -7.53 1.85 -31.51
CA ARG B 447 -6.11 1.61 -31.70
C ARG B 447 -5.70 0.48 -30.76
N PRO B 448 -6.12 -0.74 -31.07
CA PRO B 448 -5.77 -1.87 -30.21
C PRO B 448 -4.32 -2.24 -30.42
N THR B 449 -3.69 -2.77 -29.38
CA THR B 449 -2.32 -3.32 -29.47
C THR B 449 -2.35 -4.52 -30.40
N LEU B 450 -1.17 -4.96 -30.81
CA LEU B 450 -1.04 -6.06 -31.76
C LEU B 450 -1.31 -7.47 -31.19
N VAL B 451 -1.53 -7.59 -29.89
CA VAL B 451 -1.98 -8.85 -29.30
C VAL B 451 -3.46 -8.81 -29.00
N PHE B 452 -4.16 -7.92 -29.70
CA PHE B 452 -5.63 -7.91 -29.77
C PHE B 452 -6.07 -9.01 -30.74
N ARG B 453 -6.77 -10.02 -30.23
CA ARG B 453 -7.26 -11.14 -31.04
C ARG B 453 -8.71 -10.91 -31.42
N ASP B 454 -9.32 -11.83 -32.18
CA ASP B 454 -10.75 -11.67 -32.47
C ASP B 454 -11.63 -11.89 -31.26
N HIS B 455 -11.22 -12.75 -30.33
CA HIS B 455 -12.06 -12.98 -29.13
C HIS B 455 -12.15 -11.71 -28.30
N HIS B 456 -11.16 -10.82 -28.44
CA HIS B 456 -11.25 -9.49 -27.86
C HIS B 456 -12.23 -8.63 -28.63
N ALA B 457 -12.14 -8.69 -29.96
CA ALA B 457 -13.13 -8.03 -30.80
C ALA B 457 -14.56 -8.42 -30.39
N HIS B 458 -14.85 -9.72 -30.27
CA HIS B 458 -16.21 -10.16 -29.91
C HIS B 458 -16.58 -9.64 -28.52
N LEU B 459 -15.62 -9.67 -27.61
CA LEU B 459 -15.80 -9.18 -26.24
C LEU B 459 -16.26 -7.72 -26.27
N PHE B 460 -15.54 -6.89 -27.02
CA PHE B 460 -15.90 -5.49 -27.17
C PHE B 460 -17.30 -5.36 -27.76
N LEU B 461 -17.54 -6.07 -28.86
CA LEU B 461 -18.80 -6.00 -29.59
C LEU B 461 -20.01 -6.40 -28.75
N ASN B 462 -19.79 -7.30 -27.80
CA ASN B 462 -20.88 -7.78 -26.97
C ASN B 462 -21.19 -6.73 -25.90
N ILE B 463 -20.16 -6.20 -25.24
CA ILE B 463 -20.30 -5.10 -24.30
C ILE B 463 -20.97 -3.87 -24.93
N PHE B 464 -20.43 -3.40 -26.05
CA PHE B 464 -20.94 -2.19 -26.71
C PHE B 464 -22.35 -2.34 -27.27
N SER B 465 -22.66 -3.54 -27.75
CA SER B 465 -24.00 -3.86 -28.23
C SER B 465 -25.03 -3.70 -27.13
N ASP B 466 -24.68 -4.13 -25.92
CA ASP B 466 -25.55 -3.97 -24.74
C ASP B 466 -25.62 -2.49 -24.35
N ILE B 467 -24.52 -1.76 -24.47
CA ILE B 467 -24.53 -0.33 -24.20
C ILE B 467 -25.52 0.40 -25.12
N LEU B 468 -25.56 0.00 -26.40
CA LEU B 468 -26.37 0.71 -27.38
C LEU B 468 -27.84 0.41 -27.19
N ALA B 469 -28.15 -0.79 -26.72
CA ALA B 469 -29.51 -1.19 -26.45
C ALA B 469 -30.09 -0.41 -25.27
N ASP B 470 -29.20 -0.10 -24.33
CA ASP B 470 -29.54 0.64 -23.13
C ASP B 470 -29.39 2.16 -23.30
N PHE B 471 -28.88 2.63 -24.43
CA PHE B 471 -28.56 4.05 -24.56
C PHE B 471 -29.80 4.95 -24.73
N PHE C 11 15.99 -16.21 13.93
CA PHE C 11 15.96 -14.92 13.16
C PHE C 11 15.80 -13.65 14.06
N ASP C 12 16.56 -12.61 13.71
CA ASP C 12 16.63 -11.35 14.48
C ASP C 12 17.25 -10.24 13.60
N TYR C 13 16.91 -8.98 13.84
CA TYR C 13 17.59 -7.82 13.18
C TYR C 13 18.87 -7.45 13.95
N ASP C 14 19.69 -6.56 13.38
CA ASP C 14 20.95 -6.19 13.99
C ASP C 14 20.81 -5.06 15.03
N GLY C 15 19.70 -4.35 15.00
CA GLY C 15 19.50 -3.20 15.86
C GLY C 15 18.25 -2.43 15.46
N PRO C 16 17.90 -1.39 16.22
CA PRO C 16 16.72 -0.58 15.92
C PRO C 16 17.00 0.38 14.75
N LEU C 17 15.92 0.84 14.10
CA LEU C 17 16.00 1.79 13.01
C LEU C 17 14.74 2.65 13.02
N MET C 18 14.89 3.92 13.36
CA MET C 18 13.76 4.83 13.44
C MET C 18 13.66 5.72 12.20
N LYS C 19 12.46 5.89 11.69
CA LYS C 19 12.16 6.81 10.58
C LYS C 19 11.34 8.02 11.04
N THR C 20 10.46 7.82 12.03
CA THR C 20 9.59 8.88 12.55
C THR C 20 9.44 8.83 14.07
N GLU C 21 8.86 9.89 14.61
CA GLU C 21 8.30 9.89 15.96
C GLU C 21 7.21 8.83 16.07
N VAL C 22 7.00 8.31 17.27
CA VAL C 22 6.03 7.24 17.51
C VAL C 22 5.01 7.73 18.53
N PRO C 23 3.71 7.66 18.23
CA PRO C 23 3.18 7.12 16.98
C PRO C 23 3.42 8.04 15.78
N GLY C 24 3.69 7.47 14.62
CA GLY C 24 3.88 8.24 13.40
C GLY C 24 2.55 8.53 12.69
N PRO C 25 2.62 9.15 11.51
CA PRO C 25 1.43 9.56 10.76
C PRO C 25 0.44 8.42 10.48
N ARG C 26 0.91 7.28 9.99
CA ARG C 26 0.03 6.17 9.63
C ARG C 26 -0.63 5.59 10.89
N SER C 27 0.12 5.51 11.99
CA SER C 27 -0.45 5.08 13.27
C SER C 27 -1.53 6.05 13.75
N ARG C 28 -1.29 7.35 13.66
CA ARG C 28 -2.22 8.34 14.19
C ARG C 28 -3.52 8.31 13.39
N GLU C 29 -3.41 8.03 12.09
CA GLU C 29 -4.58 7.87 11.23
C GLU C 29 -5.41 6.64 11.65
N LEU C 30 -4.74 5.51 11.90
CA LEU C 30 -5.46 4.29 12.23
C LEU C 30 -6.07 4.41 13.64
N MET C 31 -5.41 5.17 14.49
CA MET C 31 -5.89 5.46 15.85
C MET C 31 -7.18 6.28 15.82
N LYS C 32 -7.27 7.21 14.87
CA LYS C 32 -8.45 8.04 14.69
C LYS C 32 -9.62 7.18 14.20
N GLN C 33 -9.36 6.27 13.24
CA GLN C 33 -10.39 5.35 12.73
C GLN C 33 -10.91 4.46 13.86
N LEU C 34 -10.00 3.90 14.66
CA LEU C 34 -10.37 3.01 15.76
C LEU C 34 -11.15 3.73 16.85
N ASN C 35 -10.88 5.00 17.07
CA ASN C 35 -11.52 5.78 18.13
C ASN C 35 -13.00 6.05 17.83
N ILE C 36 -13.41 5.90 16.58
CA ILE C 36 -14.83 5.98 16.23
C ILE C 36 -15.63 4.87 16.91
N ILE C 37 -15.02 3.68 16.97
CA ILE C 37 -15.71 2.43 17.36
C ILE C 37 -15.57 2.10 18.84
N GLN C 38 -14.51 2.59 19.44
CA GLN C 38 -14.24 2.32 20.84
C GLN C 38 -13.26 3.38 21.37
N ASN C 39 -13.14 3.45 22.69
CA ASN C 39 -12.12 4.30 23.30
C ASN C 39 -10.74 3.69 22.99
N ALA C 40 -9.93 4.45 22.26
CA ALA C 40 -8.65 3.98 21.77
C ALA C 40 -7.46 4.72 22.41
N GLU C 41 -7.71 5.41 23.52
CA GLU C 41 -6.68 6.20 24.19
C GLU C 41 -5.49 5.37 24.70
N ALA C 42 -5.72 4.11 25.01
CA ALA C 42 -4.65 3.22 25.45
C ALA C 42 -3.67 2.83 24.35
N VAL C 43 -4.10 2.92 23.09
CA VAL C 43 -3.28 2.49 21.96
C VAL C 43 -1.98 3.28 21.86
N HIS C 44 -0.87 2.54 21.91
CA HIS C 44 0.46 3.10 21.75
C HIS C 44 0.72 3.45 20.28
N PHE C 45 0.54 2.43 19.44
CA PHE C 45 0.69 2.54 18.00
C PHE C 45 0.25 1.24 17.32
N PHE C 46 0.11 1.30 16.00
CA PHE C 46 -0.30 0.16 15.19
C PHE C 46 0.94 -0.54 14.65
N CYS C 47 0.86 -1.86 14.52
CA CYS C 47 2.04 -2.68 14.23
C CYS C 47 1.95 -3.45 12.93
N ASN C 48 3.12 -3.65 12.32
CA ASN C 48 3.31 -4.57 11.21
C ASN C 48 3.97 -5.83 11.76
N TYR C 49 3.15 -6.77 12.19
CA TYR C 49 3.64 -8.03 12.76
C TYR C 49 4.33 -8.92 11.70
N GLU C 50 3.90 -8.81 10.45
CA GLU C 50 4.48 -9.57 9.37
C GLU C 50 6.00 -9.29 9.20
N GLU C 51 6.42 -8.04 9.46
CA GLU C 51 7.83 -7.65 9.31
C GLU C 51 8.60 -7.67 10.65
N SER C 52 7.87 -7.89 11.75
CA SER C 52 8.48 -7.96 13.07
C SER C 52 9.16 -9.31 13.21
N ARG C 53 10.20 -9.36 14.04
CA ARG C 53 11.10 -10.50 14.06
C ARG C 53 11.97 -10.50 15.32
N GLY C 54 12.03 -11.64 16.01
CA GLY C 54 12.86 -11.80 17.20
C GLY C 54 12.50 -10.78 18.26
N ASN C 55 13.49 -9.99 18.67
CA ASN C 55 13.30 -8.94 19.67
C ASN C 55 12.78 -7.61 19.10
N TYR C 56 12.52 -7.54 17.80
CA TYR C 56 12.16 -6.27 17.16
C TYR C 56 10.70 -6.19 16.69
N LEU C 57 9.98 -5.21 17.21
CA LEU C 57 8.63 -4.86 16.76
C LEU C 57 8.70 -3.76 15.73
N VAL C 58 8.06 -4.00 14.58
CA VAL C 58 8.02 -3.01 13.49
C VAL C 58 6.63 -2.39 13.46
N ASP C 59 6.55 -1.07 13.34
CA ASP C 59 5.25 -0.38 13.29
C ASP C 59 4.86 -0.03 11.87
N VAL C 60 3.68 0.53 11.70
CA VAL C 60 3.13 0.80 10.36
C VAL C 60 3.78 1.98 9.64
N ASP C 61 4.61 2.74 10.35
CA ASP C 61 5.40 3.84 9.77
C ASP C 61 6.83 3.43 9.45
N GLY C 62 7.12 2.12 9.52
CA GLY C 62 8.43 1.58 9.22
C GLY C 62 9.46 1.66 10.35
N ASN C 63 9.03 2.11 11.53
CA ASN C 63 9.92 2.14 12.69
C ASN C 63 10.16 0.75 13.24
N ARG C 64 11.41 0.46 13.58
CA ARG C 64 11.81 -0.82 14.12
C ARG C 64 12.46 -0.64 15.48
N MET C 65 11.77 -1.11 16.51
CA MET C 65 12.15 -0.89 17.90
C MET C 65 12.53 -2.20 18.59
N LEU C 66 13.60 -2.16 19.37
CA LEU C 66 13.91 -3.21 20.33
C LEU C 66 12.79 -3.30 21.38
N ASP C 67 12.12 -4.45 21.44
CA ASP C 67 10.91 -4.59 22.24
C ASP C 67 11.18 -5.31 23.54
N LEU C 68 11.27 -4.52 24.61
CA LEU C 68 11.50 -5.03 25.95
C LEU C 68 10.22 -5.02 26.79
N TYR C 69 9.07 -5.01 26.14
CA TYR C 69 7.76 -5.13 26.79
C TYR C 69 6.98 -6.39 26.34
N SER C 70 7.26 -6.88 25.13
CA SER C 70 6.73 -8.14 24.58
C SER C 70 5.23 -8.39 24.72
N GLN C 71 4.43 -7.39 24.39
CA GLN C 71 2.96 -7.48 24.43
C GLN C 71 2.50 -7.76 25.86
N ILE C 72 3.09 -7.01 26.78
CA ILE C 72 2.88 -7.17 28.22
C ILE C 72 3.20 -8.61 28.62
N SER C 73 4.44 -9.01 28.30
CA SER C 73 5.02 -10.25 28.81
C SER C 73 4.28 -11.51 28.32
N SER C 74 3.83 -11.49 27.06
CA SER C 74 3.02 -12.58 26.53
C SER C 74 3.59 -13.27 25.28
N ILE C 75 4.65 -12.72 24.70
CA ILE C 75 5.30 -13.30 23.53
C ILE C 75 6.54 -14.04 24.03
N PRO C 76 6.52 -15.38 24.00
CA PRO C 76 7.58 -16.18 24.63
C PRO C 76 8.92 -16.20 23.91
N ILE C 77 8.94 -16.44 22.60
CA ILE C 77 10.21 -16.63 21.88
C ILE C 77 10.37 -15.73 20.66
N GLY C 78 9.88 -14.49 20.82
CA GLY C 78 10.05 -13.47 19.80
C GLY C 78 9.00 -13.52 18.71
N TYR C 79 9.01 -12.49 17.88
CA TYR C 79 8.07 -12.36 16.77
C TYR C 79 8.48 -13.24 15.60
N SER C 80 7.49 -13.78 14.89
CA SER C 80 7.69 -14.57 13.68
C SER C 80 8.78 -15.63 13.83
N HIS C 81 8.74 -16.39 14.92
CA HIS C 81 9.76 -17.42 15.15
C HIS C 81 9.64 -18.49 14.07
N PRO C 82 10.76 -18.79 13.38
CA PRO C 82 10.78 -19.75 12.27
C PRO C 82 10.19 -21.13 12.58
N ALA C 83 10.39 -21.62 13.81
CA ALA C 83 9.80 -22.88 14.23
C ALA C 83 8.28 -22.82 14.31
N LEU C 84 7.74 -21.68 14.69
CA LEU C 84 6.29 -21.49 14.71
C LEU C 84 5.70 -21.31 13.31
N VAL C 85 6.46 -20.63 12.43
CA VAL C 85 6.09 -20.48 11.03
C VAL C 85 5.88 -21.86 10.42
N LYS C 86 6.80 -22.78 10.69
CA LYS C 86 6.76 -24.12 10.09
C LYS C 86 5.52 -24.89 10.54
N LEU C 87 5.14 -24.78 11.81
CA LEU C 87 3.93 -25.43 12.30
C LEU C 87 2.67 -25.03 11.52
N VAL C 88 2.52 -23.73 11.27
CA VAL C 88 1.35 -23.23 10.55
C VAL C 88 1.39 -23.66 9.08
N GLN C 89 2.59 -23.85 8.54
CA GLN C 89 2.75 -24.27 7.16
C GLN C 89 2.46 -25.77 6.92
N GLN C 90 2.45 -26.58 7.97
CA GLN C 90 2.21 -28.02 7.82
C GLN C 90 0.73 -28.28 7.50
N PRO C 91 0.45 -28.95 6.39
CA PRO C 91 -0.94 -29.28 6.01
C PRO C 91 -1.75 -30.07 7.06
N GLN C 92 -1.08 -30.91 7.85
CA GLN C 92 -1.75 -31.72 8.87
C GLN C 92 -2.29 -30.89 10.03
N ASN C 93 -1.78 -29.66 10.18
CA ASN C 93 -2.16 -28.76 11.27
C ASN C 93 -3.31 -27.81 10.95
N VAL C 94 -3.83 -27.86 9.72
CA VAL C 94 -4.90 -26.96 9.28
C VAL C 94 -6.16 -27.09 10.14
N SER C 95 -6.57 -28.34 10.38
CA SER C 95 -7.78 -28.67 11.13
C SER C 95 -7.76 -28.07 12.52
N THR C 96 -6.60 -28.11 13.17
CA THR C 96 -6.44 -27.57 14.51
C THR C 96 -6.81 -26.08 14.59
N PHE C 97 -6.46 -25.31 13.56
CA PHE C 97 -6.79 -23.89 13.48
C PHE C 97 -8.24 -23.54 13.08
N ILE C 98 -8.94 -24.44 12.39
CA ILE C 98 -10.29 -24.13 11.87
C ILE C 98 -11.46 -24.95 12.45
N ASN C 99 -11.14 -25.92 13.29
CA ASN C 99 -12.14 -26.78 13.92
C ASN C 99 -11.94 -26.70 15.42
N ARG C 100 -12.47 -25.66 16.05
CA ARG C 100 -12.28 -25.49 17.48
C ARG C 100 -13.29 -26.31 18.30
N PRO C 101 -12.80 -27.21 19.14
CA PRO C 101 -13.68 -28.09 19.91
C PRO C 101 -14.17 -27.49 21.22
N ALA C 102 -15.35 -27.94 21.63
CA ALA C 102 -15.78 -27.84 23.01
C ALA C 102 -14.97 -28.90 23.77
N LEU C 103 -13.81 -28.48 24.27
CA LEU C 103 -12.82 -29.41 24.82
C LEU C 103 -13.29 -30.29 25.99
N GLY C 104 -14.20 -29.77 26.80
CA GLY C 104 -14.74 -30.52 27.91
C GLY C 104 -15.57 -31.73 27.54
N ILE C 105 -16.13 -31.77 26.32
CA ILE C 105 -16.96 -32.92 25.90
C ILE C 105 -16.44 -33.69 24.68
N LEU C 106 -15.74 -33.02 23.76
CA LEU C 106 -15.36 -33.60 22.49
C LEU C 106 -13.93 -33.27 22.11
N PRO C 107 -12.98 -33.69 22.95
CA PRO C 107 -11.57 -33.38 22.71
C PRO C 107 -11.03 -34.11 21.48
N PRO C 108 -10.01 -33.55 20.85
CA PRO C 108 -9.37 -34.18 19.70
C PRO C 108 -8.50 -35.37 20.12
N GLU C 109 -8.26 -36.29 19.19
CA GLU C 109 -7.49 -37.51 19.45
C GLU C 109 -6.15 -37.25 20.13
N ASN C 110 -5.45 -36.20 19.69
CA ASN C 110 -4.10 -35.89 20.19
C ASN C 110 -4.08 -35.01 21.44
N PHE C 111 -5.24 -34.84 22.09
CA PHE C 111 -5.36 -33.85 23.16
C PHE C 111 -4.42 -34.16 24.31
N VAL C 112 -4.36 -35.43 24.70
CA VAL C 112 -3.55 -35.84 25.85
C VAL C 112 -2.07 -35.83 25.50
N GLU C 113 -1.71 -36.36 24.33
CA GLU C 113 -0.31 -36.40 23.91
C GLU C 113 0.28 -34.99 23.78
N LYS C 114 -0.47 -34.06 23.22
CA LYS C 114 0.02 -32.69 23.03
C LYS C 114 0.15 -31.97 24.38
N LEU C 115 -0.70 -32.33 25.34
CA LEU C 115 -0.53 -31.87 26.72
C LEU C 115 0.73 -32.46 27.37
N ARG C 116 1.06 -33.72 27.05
CA ARG C 116 2.31 -34.33 27.50
C ARG C 116 3.54 -33.67 26.90
N GLU C 117 3.44 -33.17 25.66
CA GLU C 117 4.57 -32.50 25.01
C GLU C 117 4.73 -31.06 25.51
N SER C 118 3.68 -30.51 26.09
CA SER C 118 3.67 -29.11 26.52
C SER C 118 3.53 -28.99 28.04
N LEU C 119 2.31 -28.75 28.53
CA LEU C 119 2.12 -28.33 29.92
C LEU C 119 2.54 -29.37 30.97
N LEU C 120 2.29 -30.65 30.70
CA LEU C 120 2.61 -31.70 31.66
C LEU C 120 4.12 -31.92 31.80
N SER C 121 4.89 -31.57 30.78
CA SER C 121 6.36 -31.65 30.87
C SER C 121 6.95 -30.58 31.78
N VAL C 122 6.17 -29.55 32.13
CA VAL C 122 6.66 -28.50 33.03
C VAL C 122 5.79 -28.33 34.28
N ALA C 123 5.15 -29.42 34.70
CA ALA C 123 4.25 -29.38 35.85
C ALA C 123 5.01 -28.97 37.11
N PRO C 124 4.44 -28.09 37.94
CA PRO C 124 5.06 -27.76 39.23
C PRO C 124 5.05 -28.94 40.18
N LYS C 125 5.92 -28.93 41.18
CA LYS C 125 6.04 -30.05 42.10
C LYS C 125 4.73 -30.28 42.87
N GLY C 126 4.39 -31.54 43.02
CA GLY C 126 3.25 -31.95 43.82
C GLY C 126 1.89 -31.76 43.19
N MET C 127 1.83 -31.33 41.92
CA MET C 127 0.54 -31.01 41.26
C MET C 127 0.29 -31.87 40.02
N SER C 128 -0.46 -32.96 40.18
CA SER C 128 -0.70 -33.94 39.13
C SER C 128 -1.89 -33.57 38.23
N GLN C 129 -2.70 -32.62 38.66
CA GLN C 129 -3.91 -32.26 37.94
C GLN C 129 -3.71 -31.01 37.10
N LEU C 130 -4.44 -30.94 35.98
CA LEU C 130 -4.37 -29.82 35.06
C LEU C 130 -5.72 -29.59 34.39
N ILE C 131 -6.16 -28.34 34.42
CA ILE C 131 -7.31 -27.90 33.63
C ILE C 131 -6.87 -26.70 32.79
N THR C 132 -7.30 -26.67 31.53
CA THR C 132 -6.95 -25.56 30.65
C THR C 132 -8.06 -24.50 30.60
N MET C 133 -7.63 -23.27 30.33
CA MET C 133 -8.48 -22.09 30.22
C MET C 133 -7.89 -21.18 29.14
N ALA C 134 -8.69 -20.25 28.63
CA ALA C 134 -8.27 -19.42 27.50
C ALA C 134 -7.49 -18.17 27.88
N CYS C 135 -7.59 -17.74 29.15
CA CYS C 135 -6.90 -16.53 29.63
C CYS C 135 -6.59 -16.55 31.12
N GLY C 136 -5.88 -15.53 31.57
CA GLY C 136 -5.46 -15.44 32.96
C GLY C 136 -6.60 -15.26 33.94
N SER C 137 -7.62 -14.49 33.56
CA SER C 137 -8.78 -14.26 34.42
C SER C 137 -9.66 -15.48 34.61
N CYS C 138 -9.99 -16.22 33.55
CA CYS C 138 -10.82 -17.43 33.76
C CYS C 138 -10.00 -18.52 34.46
N SER C 139 -8.68 -18.45 34.34
CA SER C 139 -7.84 -19.33 35.15
C SER C 139 -7.98 -19.03 36.64
N ASN C 140 -7.90 -17.77 37.04
CA ASN C 140 -8.03 -17.41 38.46
C ASN C 140 -9.45 -17.62 38.98
N GLU C 141 -10.45 -17.25 38.16
CA GLU C 141 -11.85 -17.40 38.55
C GLU C 141 -12.14 -18.85 38.87
N ASN C 142 -11.72 -19.73 37.96
CA ASN C 142 -11.94 -21.17 38.15
C ASN C 142 -11.02 -21.80 39.21
N ALA C 143 -9.86 -21.20 39.44
CA ALA C 143 -9.03 -21.61 40.58
C ALA C 143 -9.79 -21.30 41.86
N PHE C 144 -10.36 -20.08 41.96
CA PHE C 144 -11.15 -19.68 43.13
C PHE C 144 -12.29 -20.67 43.39
N LYS C 145 -13.02 -21.03 42.35
CA LYS C 145 -14.15 -21.94 42.50
C LYS C 145 -13.68 -23.33 42.94
N THR C 146 -12.60 -23.80 42.33
CA THR C 146 -12.01 -25.09 42.70
C THR C 146 -11.67 -25.12 44.20
N ILE C 147 -11.17 -23.99 44.70
CA ILE C 147 -10.84 -23.82 46.10
C ILE C 147 -12.10 -23.78 46.98
N PHE C 148 -13.13 -23.07 46.55
CA PHE C 148 -14.34 -22.99 47.34
C PHE C 148 -14.97 -24.41 47.46
N MET C 149 -15.02 -25.12 46.34
CA MET C 149 -15.59 -26.48 46.29
C MET C 149 -14.83 -27.41 47.18
N TRP C 150 -13.51 -27.34 47.14
CA TRP C 150 -12.65 -28.13 48.01
C TRP C 150 -12.96 -27.87 49.50
N TYR C 151 -13.14 -26.60 49.84
CA TYR C 151 -13.27 -26.21 51.23
C TYR C 151 -14.57 -26.68 51.80
N ARG C 152 -15.64 -26.48 51.05
CA ARG C 152 -16.94 -27.01 51.41
C ARG C 152 -16.92 -28.51 51.60
N SER C 153 -16.22 -29.25 50.74
CA SER C 153 -16.23 -30.72 50.85
C SER C 153 -15.51 -31.22 52.11
N LYS C 154 -14.48 -30.48 52.56
CA LYS C 154 -13.85 -30.73 53.87
C LYS C 154 -14.89 -30.60 54.98
N GLU C 155 -15.64 -29.50 54.96
CA GLU C 155 -16.61 -29.21 56.02
C GLU C 155 -17.77 -30.19 56.10
N ARG C 156 -18.27 -30.66 54.95
CA ARG C 156 -19.43 -31.55 54.96
C ARG C 156 -19.07 -33.04 54.93
N GLY C 157 -17.77 -33.35 54.86
CA GLY C 157 -17.28 -34.71 54.85
C GLY C 157 -17.92 -35.57 53.77
N GLN C 158 -18.35 -36.77 54.14
CA GLN C 158 -19.02 -37.71 53.23
C GLN C 158 -20.49 -37.34 52.93
N SER C 159 -21.09 -36.46 53.77
CA SER C 159 -22.48 -35.99 53.58
C SER C 159 -22.75 -35.46 52.16
N ALA C 160 -23.98 -35.68 51.70
CA ALA C 160 -24.37 -35.29 50.36
C ALA C 160 -24.86 -33.85 50.37
N PHE C 161 -24.88 -33.22 49.19
CA PHE C 161 -25.50 -31.91 49.06
C PHE C 161 -26.84 -32.00 49.78
N SER C 162 -27.10 -31.04 50.66
CA SER C 162 -28.37 -31.01 51.37
C SER C 162 -29.43 -30.38 50.48
N LYS C 163 -30.69 -30.68 50.77
CA LYS C 163 -31.81 -30.11 50.02
C LYS C 163 -31.77 -28.59 50.12
N GLU C 164 -31.51 -28.08 51.33
CA GLU C 164 -31.48 -26.64 51.54
C GLU C 164 -30.41 -25.96 50.67
N GLU C 165 -29.24 -26.59 50.53
CA GLU C 165 -28.15 -26.08 49.72
C GLU C 165 -28.51 -26.07 48.23
N LEU C 166 -29.10 -27.16 47.76
CA LEU C 166 -29.48 -27.28 46.35
C LEU C 166 -30.52 -26.24 45.95
N GLU C 167 -31.44 -25.92 46.87
CA GLU C 167 -32.49 -24.93 46.61
C GLU C 167 -31.98 -23.49 46.71
N THR C 168 -31.24 -23.17 47.76
CA THR C 168 -30.74 -21.80 47.97
C THR C 168 -29.67 -21.36 46.95
N CYS C 169 -28.85 -22.29 46.48
CA CYS C 169 -27.75 -21.93 45.57
C CYS C 169 -28.27 -21.40 44.23
N MET C 170 -29.47 -21.85 43.85
CA MET C 170 -30.11 -21.42 42.62
C MET C 170 -30.56 -19.96 42.70
N ILE C 171 -30.86 -19.49 43.91
CA ILE C 171 -31.24 -18.09 44.14
C ILE C 171 -30.18 -17.28 44.92
N ASN C 172 -28.92 -17.62 44.72
CA ASN C 172 -27.80 -16.80 45.20
C ASN C 172 -27.74 -16.61 46.72
N GLN C 173 -28.25 -17.57 47.47
CA GLN C 173 -28.38 -17.48 48.92
C GLN C 173 -27.57 -18.57 49.65
N ALA C 174 -27.12 -18.23 50.86
CA ALA C 174 -26.52 -19.21 51.77
C ALA C 174 -27.63 -20.15 52.25
N PRO C 175 -27.32 -21.40 52.61
CA PRO C 175 -25.96 -21.95 52.65
C PRO C 175 -25.46 -22.52 51.33
N GLY C 176 -26.33 -22.66 50.34
CA GLY C 176 -25.94 -23.14 49.03
C GLY C 176 -24.80 -22.33 48.43
N CYS C 177 -24.85 -21.01 48.59
CA CYS C 177 -23.79 -20.09 48.19
C CYS C 177 -23.13 -19.59 49.45
N PRO C 178 -21.97 -20.13 49.81
CA PRO C 178 -21.32 -19.76 51.06
C PRO C 178 -20.74 -18.35 51.01
N ASP C 179 -20.54 -17.78 52.18
CA ASP C 179 -19.98 -16.44 52.28
C ASP C 179 -18.45 -16.49 52.48
N TYR C 180 -17.79 -17.42 51.78
CA TYR C 180 -16.34 -17.59 51.91
C TYR C 180 -15.54 -16.56 51.12
N SER C 181 -14.28 -16.41 51.48
CA SER C 181 -13.42 -15.37 50.94
C SER C 181 -12.10 -15.93 50.41
N ILE C 182 -11.46 -15.13 49.56
CA ILE C 182 -10.08 -15.33 49.13
C ILE C 182 -9.29 -14.12 49.63
N LEU C 183 -8.21 -14.38 50.37
CA LEU C 183 -7.36 -13.32 50.86
C LEU C 183 -6.40 -12.90 49.76
N SER C 184 -6.25 -11.58 49.57
CA SER C 184 -5.36 -11.03 48.55
C SER C 184 -4.49 -9.91 49.13
N PHE C 185 -3.58 -9.38 48.33
CA PHE C 185 -2.60 -8.41 48.82
C PHE C 185 -2.77 -7.06 48.15
N MET C 186 -2.47 -5.98 48.89
CA MET C 186 -2.36 -4.65 48.33
C MET C 186 -1.24 -4.71 47.27
N GLY C 187 -1.45 -3.97 46.19
CA GLY C 187 -0.56 -3.99 45.03
C GLY C 187 -0.79 -5.16 44.06
N ALA C 188 -1.74 -6.04 44.37
CA ALA C 188 -1.95 -7.23 43.54
C ALA C 188 -2.71 -6.95 42.26
N PHE C 189 -2.48 -7.80 41.26
CA PHE C 189 -3.28 -7.82 40.06
C PHE C 189 -3.49 -9.28 39.60
N HIS C 190 -4.75 -9.68 39.50
CA HIS C 190 -5.16 -11.06 39.16
C HIS C 190 -6.22 -11.12 38.05
N GLY C 191 -6.53 -9.97 37.44
CA GLY C 191 -7.54 -9.89 36.41
C GLY C 191 -8.68 -8.98 36.81
N ARG C 192 -9.64 -8.83 35.89
CA ARG C 192 -10.64 -7.78 35.99
C ARG C 192 -12.08 -8.27 35.79
N THR C 193 -12.27 -9.57 35.66
CA THR C 193 -13.60 -10.13 35.82
C THR C 193 -13.93 -9.99 37.30
N MET C 194 -15.21 -9.98 37.65
CA MET C 194 -15.64 -9.47 38.96
C MET C 194 -15.10 -10.24 40.16
N GLY C 195 -14.79 -11.52 39.97
CA GLY C 195 -14.12 -12.31 40.99
C GLY C 195 -12.67 -11.92 41.16
N CYS C 196 -11.91 -12.03 40.07
CA CYS C 196 -10.51 -11.58 40.01
C CYS C 196 -10.34 -10.16 40.51
N LEU C 197 -11.28 -9.28 40.12
CA LEU C 197 -11.13 -7.87 40.41
C LEU C 197 -11.15 -7.64 41.92
N ALA C 198 -11.96 -8.41 42.64
CA ALA C 198 -11.97 -8.33 44.09
C ALA C 198 -10.60 -8.60 44.73
N THR C 199 -9.80 -9.47 44.12
CA THR C 199 -8.45 -9.74 44.62
C THR C 199 -7.35 -8.82 44.05
N THR C 200 -7.74 -7.92 43.15
CA THR C 200 -6.86 -6.95 42.52
C THR C 200 -6.88 -5.66 43.31
N HIS C 201 -5.71 -5.08 43.54
CA HIS C 201 -5.55 -3.82 44.26
C HIS C 201 -4.35 -3.02 43.70
N SER C 202 -4.44 -2.74 42.41
CA SER C 202 -3.33 -2.20 41.64
C SER C 202 -3.44 -0.69 41.53
N LYS C 203 -4.54 -0.24 40.92
CA LYS C 203 -4.75 1.16 40.56
C LYS C 203 -6.25 1.44 40.68
N ALA C 204 -6.62 2.63 41.14
CA ALA C 204 -8.01 2.96 41.38
C ALA C 204 -8.88 2.90 40.13
N ILE C 205 -8.32 3.29 38.98
CA ILE C 205 -9.04 3.32 37.71
C ILE C 205 -9.48 1.90 37.29
N HIS C 206 -8.73 0.89 37.73
CA HIS C 206 -9.12 -0.51 37.51
C HIS C 206 -10.31 -0.95 38.34
N LYS C 207 -10.50 -0.33 39.50
CA LYS C 207 -11.48 -0.82 40.49
C LYS C 207 -12.76 -0.01 40.60
N ILE C 208 -12.68 1.28 40.33
CA ILE C 208 -13.72 2.24 40.70
C ILE C 208 -15.03 2.00 39.94
N ASP C 209 -16.15 2.15 40.64
CA ASP C 209 -17.52 1.95 40.15
C ASP C 209 -17.97 0.50 39.98
N ILE C 210 -17.09 -0.45 40.28
CA ILE C 210 -17.44 -1.86 40.12
C ILE C 210 -17.74 -2.55 41.48
N PRO C 211 -18.91 -3.18 41.60
CA PRO C 211 -19.21 -3.94 42.81
C PRO C 211 -18.14 -4.97 43.11
N SER C 212 -17.90 -5.19 44.40
CA SER C 212 -16.82 -6.02 44.87
C SER C 212 -17.30 -7.01 45.95
N PHE C 213 -16.35 -7.68 46.57
CA PHE C 213 -16.58 -8.64 47.64
C PHE C 213 -15.83 -8.18 48.87
N ASP C 214 -16.44 -8.33 50.03
CA ASP C 214 -15.77 -8.01 51.28
C ASP C 214 -14.86 -9.17 51.65
N TRP C 215 -13.66 -9.16 51.09
CA TRP C 215 -12.64 -10.18 51.35
C TRP C 215 -11.38 -9.50 51.97
N PRO C 216 -10.62 -10.24 52.76
CA PRO C 216 -9.48 -9.66 53.48
C PRO C 216 -8.34 -9.25 52.54
N ILE C 217 -7.74 -8.10 52.82
CA ILE C 217 -6.66 -7.54 52.01
C ILE C 217 -5.46 -7.26 52.91
N ALA C 218 -4.39 -8.01 52.71
CA ALA C 218 -3.17 -7.92 53.50
C ALA C 218 -2.14 -7.04 52.81
N PRO C 219 -1.23 -6.43 53.57
CA PRO C 219 -0.12 -5.69 52.98
C PRO C 219 0.92 -6.63 52.35
N PHE C 220 1.43 -6.25 51.19
CA PHE C 220 2.58 -6.92 50.59
C PHE C 220 3.83 -6.15 50.99
N PRO C 221 4.91 -6.84 51.34
CA PRO C 221 6.12 -6.15 51.79
C PRO C 221 6.58 -5.05 50.83
N ARG C 222 6.98 -3.91 51.38
CA ARG C 222 7.63 -2.86 50.60
C ARG C 222 9.11 -2.81 50.98
N LEU C 223 9.96 -3.39 50.14
CA LEU C 223 11.38 -3.52 50.48
C LEU C 223 12.08 -2.17 50.33
N LYS C 224 13.19 -2.02 51.05
CA LYS C 224 14.05 -0.86 50.91
C LYS C 224 15.37 -1.26 50.26
N TYR C 225 15.88 -0.38 49.41
CA TYR C 225 17.06 -0.66 48.60
C TYR C 225 18.15 0.39 48.86
N PRO C 226 19.43 0.01 48.73
CA PRO C 226 19.87 -1.34 48.33
C PRO C 226 19.64 -2.39 49.41
N LEU C 227 19.46 -3.65 49.01
CA LEU C 227 19.06 -4.71 49.93
C LEU C 227 20.07 -4.95 51.05
N GLU C 228 21.37 -4.81 50.76
CA GLU C 228 22.42 -5.12 51.75
C GLU C 228 22.58 -4.04 52.83
N GLU C 229 21.99 -2.86 52.62
CA GLU C 229 21.97 -1.82 53.64
C GLU C 229 20.69 -1.81 54.50
N PHE C 230 19.77 -2.73 54.22
CA PHE C 230 18.49 -2.79 54.92
C PHE C 230 18.08 -4.23 55.26
N VAL C 231 19.05 -5.06 55.66
CA VAL C 231 18.77 -6.47 56.00
C VAL C 231 17.71 -6.55 57.10
N LYS C 232 17.98 -5.88 58.22
CA LYS C 232 17.11 -5.93 59.39
C LYS C 232 15.75 -5.29 59.11
N GLU C 233 15.74 -4.16 58.41
CA GLU C 233 14.51 -3.42 58.15
C GLU C 233 13.57 -4.21 57.22
N ASN C 234 14.15 -4.88 56.24
CA ASN C 234 13.39 -5.72 55.31
C ASN C 234 12.91 -7.00 55.97
N GLN C 235 13.70 -7.58 56.86
CA GLN C 235 13.27 -8.73 57.67
C GLN C 235 12.04 -8.35 58.51
N GLN C 236 12.07 -7.18 59.14
CA GLN C 236 10.99 -6.72 60.01
C GLN C 236 9.75 -6.33 59.23
N GLU C 237 9.93 -5.79 58.03
CA GLU C 237 8.83 -5.44 57.15
C GLU C 237 8.07 -6.70 56.71
N GLU C 238 8.80 -7.72 56.28
CA GLU C 238 8.22 -8.99 55.89
C GLU C 238 7.52 -9.70 57.07
N ALA C 239 8.10 -9.63 58.26
CA ALA C 239 7.51 -10.26 59.44
C ALA C 239 6.20 -9.56 59.84
N ARG C 240 6.16 -8.24 59.69
CA ARG C 240 4.94 -7.47 59.97
C ARG C 240 3.83 -7.87 59.02
N CYS C 241 4.17 -8.04 57.74
CA CYS C 241 3.18 -8.42 56.75
C CYS C 241 2.63 -9.82 57.01
N LEU C 242 3.49 -10.77 57.36
CA LEU C 242 3.07 -12.14 57.62
C LEU C 242 2.12 -12.20 58.82
N GLU C 243 2.43 -11.45 59.87
CA GLU C 243 1.59 -11.40 61.06
C GLU C 243 0.22 -10.82 60.71
N GLU C 244 0.17 -9.81 59.84
CA GLU C 244 -1.09 -9.18 59.44
C GLU C 244 -1.93 -10.10 58.56
N VAL C 245 -1.27 -10.95 57.77
CA VAL C 245 -1.96 -11.98 57.01
C VAL C 245 -2.70 -12.92 57.96
N GLU C 246 -1.98 -13.41 58.97
CA GLU C 246 -2.55 -14.35 59.92
C GLU C 246 -3.71 -13.73 60.73
N ASP C 247 -3.55 -12.51 61.22
CA ASP C 247 -4.61 -11.79 61.93
C ASP C 247 -5.88 -11.65 61.08
N LEU C 248 -5.70 -11.43 59.78
CA LEU C 248 -6.83 -11.27 58.86
C LEU C 248 -7.56 -12.58 58.66
N ILE C 249 -6.84 -13.69 58.62
CA ILE C 249 -7.47 -15.00 58.50
C ILE C 249 -8.33 -15.25 59.76
N VAL C 250 -7.77 -14.97 60.92
CA VAL C 250 -8.47 -15.17 62.19
C VAL C 250 -9.70 -14.27 62.28
N LYS C 251 -9.55 -13.02 61.87
CA LYS C 251 -10.60 -12.03 61.94
C LYS C 251 -11.77 -12.40 61.01
N TYR C 252 -11.48 -12.92 59.83
CA TYR C 252 -12.53 -13.25 58.87
C TYR C 252 -13.22 -14.59 59.20
N ARG C 253 -12.54 -15.47 59.93
CA ARG C 253 -13.16 -16.68 60.48
C ARG C 253 -14.26 -16.29 61.44
N LYS C 254 -13.96 -15.35 62.33
CA LYS C 254 -14.93 -14.83 63.30
C LYS C 254 -16.12 -14.11 62.65
N LYS C 255 -15.87 -13.39 61.57
CA LYS C 255 -16.94 -12.74 60.80
C LYS C 255 -17.80 -13.74 60.00
N LYS C 256 -17.43 -15.01 60.01
CA LYS C 256 -18.12 -16.08 59.27
C LYS C 256 -18.00 -15.86 57.76
N LYS C 257 -16.85 -15.34 57.36
CA LYS C 257 -16.49 -15.16 55.96
C LYS C 257 -15.13 -15.88 55.78
N THR C 258 -15.14 -17.16 56.12
CA THR C 258 -13.93 -17.97 56.20
C THR C 258 -13.05 -17.83 54.98
N VAL C 259 -11.76 -17.64 55.22
CA VAL C 259 -10.76 -17.60 54.15
C VAL C 259 -10.49 -19.01 53.65
N ALA C 260 -11.04 -19.33 52.48
CA ALA C 260 -10.86 -20.64 51.85
C ALA C 260 -9.50 -20.75 51.14
N GLY C 261 -8.97 -19.62 50.68
CA GLY C 261 -7.70 -19.60 49.96
C GLY C 261 -6.99 -18.24 49.98
N ILE C 262 -5.67 -18.30 49.75
CA ILE C 262 -4.82 -17.11 49.64
C ILE C 262 -4.24 -17.06 48.25
N ILE C 263 -4.36 -15.92 47.58
CA ILE C 263 -3.74 -15.72 46.26
C ILE C 263 -2.65 -14.67 46.33
N VAL C 264 -1.52 -14.97 45.68
CA VAL C 264 -0.36 -14.07 45.63
C VAL C 264 0.45 -14.29 44.33
N GLU C 265 1.05 -13.22 43.80
CA GLU C 265 2.02 -13.31 42.72
C GLU C 265 3.43 -13.48 43.32
N PRO C 266 4.29 -14.29 42.72
CA PRO C 266 5.68 -14.39 43.19
C PRO C 266 6.43 -13.04 43.13
N ILE C 267 6.09 -12.23 42.13
CA ILE C 267 6.49 -10.83 42.02
C ILE C 267 5.24 -10.07 41.54
N GLN C 268 4.84 -9.01 42.26
CA GLN C 268 3.66 -8.23 41.89
C GLN C 268 4.02 -7.38 40.67
N SER C 269 3.30 -7.53 39.56
CA SER C 269 3.66 -6.86 38.29
C SER C 269 2.96 -5.51 38.10
N GLU C 270 1.67 -5.54 37.77
CA GLU C 270 0.93 -4.31 37.47
C GLU C 270 0.95 -3.32 38.62
N GLY C 271 1.03 -3.81 39.85
CA GLY C 271 1.09 -2.96 41.02
C GLY C 271 2.41 -2.30 41.30
N GLY C 272 3.47 -2.63 40.54
CA GLY C 272 4.75 -1.93 40.60
C GLY C 272 6.00 -2.78 40.78
N ASP C 273 6.04 -3.99 40.22
CA ASP C 273 7.18 -4.89 40.36
C ASP C 273 7.67 -4.96 41.81
N ASN C 274 6.78 -5.36 42.71
CA ASN C 274 7.12 -5.53 44.11
C ASN C 274 7.63 -6.94 44.38
N HIS C 275 8.85 -7.01 44.91
CA HIS C 275 9.53 -8.26 45.25
C HIS C 275 9.46 -8.51 46.75
N ALA C 276 9.59 -9.78 47.12
CA ALA C 276 9.82 -10.20 48.50
C ALA C 276 10.81 -11.35 48.50
N SER C 277 11.40 -11.63 49.67
CA SER C 277 12.37 -12.71 49.78
C SER C 277 11.67 -14.06 49.62
N ASP C 278 12.46 -15.08 49.26
CA ASP C 278 11.98 -16.44 49.16
C ASP C 278 11.51 -16.92 50.51
N ASP C 279 12.20 -16.48 51.57
CA ASP C 279 11.84 -16.79 52.94
C ASP C 279 10.42 -16.32 53.25
N PHE C 280 10.06 -15.14 52.77
CA PHE C 280 8.71 -14.63 52.96
C PHE C 280 7.65 -15.56 52.36
N PHE C 281 7.85 -16.02 51.12
CA PHE C 281 6.88 -16.88 50.46
C PHE C 281 6.80 -18.28 51.12
N ARG C 282 7.93 -18.79 51.61
CA ARG C 282 7.94 -20.07 52.32
C ARG C 282 7.10 -20.00 53.60
N LYS C 283 7.20 -18.89 54.33
CA LYS C 283 6.42 -18.68 55.54
C LYS C 283 4.96 -18.43 55.23
N LEU C 284 4.68 -17.70 54.16
CA LEU C 284 3.30 -17.46 53.75
C LEU C 284 2.62 -18.79 53.41
N ARG C 285 3.36 -19.67 52.73
CA ARG C 285 2.86 -20.99 52.40
C ARG C 285 2.53 -21.81 53.65
N ASP C 286 3.40 -21.73 54.67
CA ASP C 286 3.18 -22.39 55.96
C ASP C 286 1.94 -21.87 56.67
N ILE C 287 1.72 -20.55 56.60
CA ILE C 287 0.57 -19.92 57.23
C ILE C 287 -0.70 -20.42 56.56
N SER C 288 -0.67 -20.53 55.25
CA SER C 288 -1.80 -21.01 54.47
C SER C 288 -2.20 -22.41 54.93
N ARG C 289 -1.22 -23.31 55.00
CA ARG C 289 -1.45 -24.69 55.40
C ARG C 289 -1.95 -24.78 56.85
N LYS C 290 -1.38 -23.96 57.73
CA LYS C 290 -1.72 -23.96 59.15
C LYS C 290 -3.21 -23.68 59.40
N HIS C 291 -3.79 -22.80 58.59
CA HIS C 291 -5.18 -22.38 58.77
C HIS C 291 -6.15 -23.05 57.78
N GLY C 292 -5.69 -24.06 57.04
CA GLY C 292 -6.52 -24.79 56.10
C GLY C 292 -6.90 -24.03 54.83
N CYS C 293 -6.14 -22.97 54.50
CA CYS C 293 -6.35 -22.18 53.29
C CYS C 293 -5.57 -22.77 52.15
N ALA C 294 -6.21 -22.88 50.99
CA ALA C 294 -5.52 -23.26 49.77
C ALA C 294 -4.54 -22.16 49.38
N PHE C 295 -3.34 -22.54 49.00
CA PHE C 295 -2.37 -21.56 48.56
C PHE C 295 -2.38 -21.51 47.04
N LEU C 296 -2.82 -20.38 46.50
CA LEU C 296 -2.97 -20.15 45.07
C LEU C 296 -1.87 -19.21 44.57
N VAL C 297 -0.95 -19.73 43.76
CA VAL C 297 0.14 -18.93 43.24
C VAL C 297 -0.18 -18.53 41.80
N ASP C 298 -0.19 -17.21 41.55
CA ASP C 298 -0.52 -16.65 40.26
C ASP C 298 0.74 -16.34 39.47
N GLU C 299 1.04 -17.21 38.50
CA GLU C 299 2.21 -17.08 37.64
C GLU C 299 1.86 -16.67 36.21
N VAL C 300 0.70 -16.05 36.03
CA VAL C 300 0.28 -15.55 34.74
C VAL C 300 1.35 -14.68 34.09
N GLN C 301 1.96 -13.80 34.86
CA GLN C 301 3.00 -12.92 34.34
C GLN C 301 4.44 -13.39 34.63
N THR C 302 4.67 -14.07 35.76
CA THR C 302 6.02 -14.53 36.12
C THR C 302 6.41 -15.85 35.47
N GLY C 303 5.40 -16.63 35.06
CA GLY C 303 5.64 -17.94 34.47
C GLY C 303 6.17 -17.85 33.05
N GLY C 304 6.93 -18.88 32.67
CA GLY C 304 7.50 -18.97 31.34
C GLY C 304 8.98 -18.65 31.20
N GLY C 305 9.72 -18.62 32.31
CA GLY C 305 11.17 -18.67 32.27
C GLY C 305 11.96 -17.38 32.48
N SER C 306 11.32 -16.22 32.41
CA SER C 306 12.10 -14.97 32.41
C SER C 306 12.87 -14.69 33.71
N THR C 307 12.45 -15.28 34.84
CA THR C 307 13.18 -15.14 36.11
C THR C 307 14.37 -16.08 36.25
N GLY C 308 14.58 -16.95 35.26
CA GLY C 308 15.67 -17.92 35.28
C GLY C 308 15.24 -19.33 35.63
N LYS C 309 13.99 -19.49 36.09
CA LYS C 309 13.35 -20.80 36.25
C LYS C 309 12.02 -20.76 35.54
N PHE C 310 11.55 -21.92 35.08
CA PHE C 310 10.31 -21.94 34.32
C PHE C 310 9.19 -21.24 35.10
N TRP C 311 8.97 -21.64 36.34
CA TRP C 311 8.04 -20.96 37.24
C TRP C 311 8.86 -20.21 38.30
N ALA C 312 8.52 -18.96 38.54
CA ALA C 312 9.24 -18.14 39.54
C ALA C 312 9.23 -18.77 40.94
N HIS C 313 8.16 -19.49 41.29
CA HIS C 313 8.07 -20.11 42.63
C HIS C 313 9.14 -21.21 42.87
N GLU C 314 9.71 -21.74 41.79
CA GLU C 314 10.79 -22.72 41.89
C GLU C 314 12.00 -22.19 42.67
N HIS C 315 12.22 -20.87 42.63
CA HIS C 315 13.25 -20.21 43.45
C HIS C 315 13.08 -20.47 44.93
N TRP C 316 11.84 -20.65 45.38
CA TRP C 316 11.59 -20.88 46.80
C TRP C 316 12.20 -22.20 47.28
N GLY C 317 12.33 -23.18 46.39
CA GLY C 317 12.98 -24.44 46.71
C GLY C 317 12.13 -25.42 47.49
N LEU C 318 10.82 -25.31 47.36
CA LEU C 318 9.87 -26.16 48.12
C LEU C 318 9.39 -27.39 47.36
N ASP C 319 9.25 -28.49 48.11
CA ASP C 319 8.66 -29.71 47.58
C ASP C 319 7.15 -29.57 47.44
N ASP C 320 6.56 -28.74 48.28
CA ASP C 320 5.12 -28.46 48.28
C ASP C 320 4.96 -26.93 48.20
N PRO C 321 5.14 -26.36 47.02
CA PRO C 321 5.12 -24.89 46.87
C PRO C 321 3.73 -24.26 46.88
N ALA C 322 2.71 -25.05 46.55
CA ALA C 322 1.37 -24.52 46.40
C ALA C 322 0.34 -25.62 46.20
N ASP C 323 -0.92 -25.27 46.35
CA ASP C 323 -2.02 -26.17 46.07
C ASP C 323 -2.54 -26.00 44.66
N VAL C 324 -2.54 -24.75 44.19
CA VAL C 324 -3.00 -24.40 42.85
C VAL C 324 -2.04 -23.36 42.26
N MET C 325 -1.80 -23.44 40.96
CA MET C 325 -0.97 -22.46 40.25
C MET C 325 -1.55 -22.15 38.89
N THR C 326 -1.88 -20.87 38.68
CA THR C 326 -2.43 -20.41 37.41
C THR C 326 -1.33 -19.88 36.51
N PHE C 327 -1.62 -19.83 35.22
CA PHE C 327 -0.68 -19.37 34.21
C PHE C 327 -1.45 -18.90 32.98
N SER C 328 -0.73 -18.17 32.12
CA SER C 328 -1.25 -17.72 30.82
C SER C 328 -0.12 -17.00 30.06
N LYS C 329 -0.50 -16.13 29.14
CA LYS C 329 0.41 -15.21 28.46
C LYS C 329 1.47 -15.92 27.63
N LYS C 330 2.68 -16.00 28.16
CA LYS C 330 3.80 -16.70 27.53
C LYS C 330 3.47 -18.16 27.23
N MET C 331 2.62 -18.73 28.08
CA MET C 331 2.18 -20.11 27.94
C MET C 331 1.19 -20.30 26.79
N MET C 332 0.82 -19.23 26.10
CA MET C 332 -0.06 -19.27 24.92
C MET C 332 -1.52 -19.48 25.27
N THR C 333 -1.79 -20.58 26.01
CA THR C 333 -3.07 -20.85 26.66
C THR C 333 -2.96 -20.58 28.15
N GLY C 334 -4.11 -20.39 28.77
CA GLY C 334 -4.22 -20.30 30.22
C GLY C 334 -4.54 -21.64 30.85
N GLY C 335 -4.83 -21.61 32.15
CA GLY C 335 -5.21 -22.79 32.89
C GLY C 335 -4.59 -22.80 34.28
N PHE C 336 -4.69 -23.94 34.97
CA PHE C 336 -4.11 -24.10 36.30
C PHE C 336 -3.82 -25.56 36.62
N PHE C 337 -2.60 -25.78 37.11
CA PHE C 337 -2.22 -27.04 37.74
C PHE C 337 -2.76 -27.06 39.15
N HIS C 338 -2.90 -28.24 39.74
CA HIS C 338 -3.34 -28.36 41.12
C HIS C 338 -3.16 -29.77 41.69
N LYS C 339 -3.20 -29.89 43.00
CA LYS C 339 -3.02 -31.17 43.66
C LYS C 339 -4.23 -32.05 43.44
N GLU C 340 -4.00 -33.35 43.53
CA GLU C 340 -5.05 -34.35 43.35
C GLU C 340 -6.25 -34.11 44.26
N GLU C 341 -6.01 -33.67 45.50
CA GLU C 341 -7.09 -33.46 46.47
C GLU C 341 -8.02 -32.32 46.09
N PHE C 342 -7.60 -31.41 45.20
CA PHE C 342 -8.44 -30.31 44.71
C PHE C 342 -9.28 -30.69 43.46
N ARG C 343 -9.09 -31.91 42.98
CA ARG C 343 -9.88 -32.43 41.87
C ARG C 343 -11.38 -32.35 42.16
N PRO C 344 -12.13 -31.66 41.31
CA PRO C 344 -13.59 -31.62 41.44
C PRO C 344 -14.22 -33.02 41.52
N ASN C 345 -15.15 -33.20 42.45
CA ASN C 345 -15.81 -34.48 42.70
C ASN C 345 -16.80 -34.90 41.59
N ALA C 346 -17.36 -33.93 40.88
CA ALA C 346 -18.31 -34.19 39.82
C ALA C 346 -18.01 -33.30 38.61
N PRO C 347 -18.47 -33.73 37.42
CA PRO C 347 -18.32 -32.91 36.21
C PRO C 347 -19.25 -31.71 36.20
N TYR C 348 -19.05 -30.79 35.26
CA TYR C 348 -19.92 -29.63 35.05
C TYR C 348 -19.91 -28.61 36.19
N ARG C 349 -18.85 -28.62 37.00
CA ARG C 349 -18.65 -27.62 38.04
C ARG C 349 -17.57 -26.65 37.58
N ILE C 350 -16.42 -27.17 37.20
CA ILE C 350 -15.38 -26.40 36.52
C ILE C 350 -15.53 -26.72 35.05
N PHE C 351 -15.99 -25.74 34.28
CA PHE C 351 -16.42 -26.00 32.92
C PHE C 351 -16.69 -24.71 32.14
N ASN C 352 -16.39 -24.75 30.85
CA ASN C 352 -16.92 -23.76 29.92
C ASN C 352 -16.84 -24.33 28.52
N THR C 353 -17.28 -23.55 27.53
CA THR C 353 -17.37 -24.05 26.16
C THR C 353 -16.03 -24.54 25.62
N TRP C 354 -15.01 -23.70 25.65
CA TRP C 354 -13.76 -23.94 24.92
C TRP C 354 -12.60 -24.44 25.78
N LEU C 355 -12.51 -23.97 27.02
CA LEU C 355 -11.45 -24.42 27.94
C LEU C 355 -10.04 -24.30 27.33
N GLY C 356 -9.80 -23.17 26.69
CA GLY C 356 -8.56 -22.97 25.97
C GLY C 356 -8.78 -23.22 24.50
N ASP C 357 -7.75 -23.69 23.81
CA ASP C 357 -7.79 -23.85 22.36
C ASP C 357 -6.65 -24.78 21.93
N PRO C 358 -6.96 -25.89 21.27
CA PRO C 358 -5.91 -26.82 20.83
C PRO C 358 -4.84 -26.16 19.96
N SER C 359 -5.19 -25.16 19.17
CA SER C 359 -4.19 -24.45 18.38
C SER C 359 -3.14 -23.81 19.27
N LYS C 360 -3.53 -23.33 20.45
CA LYS C 360 -2.56 -22.71 21.36
C LYS C 360 -1.63 -23.75 21.99
N ASN C 361 -2.18 -24.93 22.30
CA ASN C 361 -1.39 -26.05 22.80
C ASN C 361 -0.36 -26.49 21.76
N LEU C 362 -0.76 -26.48 20.50
CA LEU C 362 0.13 -26.89 19.41
C LEU C 362 1.36 -25.99 19.36
N LEU C 363 1.13 -24.69 19.49
CA LEU C 363 2.20 -23.70 19.46
C LEU C 363 3.10 -23.83 20.69
N LEU C 364 2.47 -24.01 21.85
CA LEU C 364 3.19 -24.08 23.13
C LEU C 364 4.16 -25.27 23.20
N ALA C 365 3.77 -26.41 22.64
CA ALA C 365 4.62 -27.58 22.63
C ALA C 365 5.95 -27.26 21.95
N GLU C 366 5.88 -26.56 20.82
CA GLU C 366 7.08 -26.10 20.13
C GLU C 366 7.82 -25.02 20.93
N VAL C 367 7.08 -24.09 21.55
CA VAL C 367 7.73 -23.05 22.36
C VAL C 367 8.58 -23.70 23.43
N ILE C 368 8.01 -24.70 24.12
CA ILE C 368 8.70 -25.37 25.21
C ILE C 368 9.91 -26.16 24.73
N ASN C 369 9.78 -26.79 23.58
CA ASN C 369 10.89 -27.48 22.96
C ASN C 369 12.05 -26.52 22.66
N ILE C 370 11.73 -25.33 22.14
CA ILE C 370 12.76 -24.33 21.84
C ILE C 370 13.40 -23.86 23.15
N ILE C 371 12.60 -23.62 24.18
CA ILE C 371 13.14 -23.17 25.45
C ILE C 371 14.18 -24.15 26.03
N LYS C 372 13.90 -25.45 25.92
CA LYS C 372 14.79 -26.47 26.46
C LYS C 372 16.03 -26.70 25.60
N ARG C 373 15.84 -26.78 24.27
CA ARG C 373 16.94 -27.07 23.35
C ARG C 373 17.93 -25.90 23.28
N GLU C 374 17.43 -24.67 23.31
CA GLU C 374 18.26 -23.46 23.21
C GLU C 374 18.72 -22.97 24.59
N ASP C 375 18.40 -23.71 25.64
CA ASP C 375 18.87 -23.39 26.99
C ASP C 375 18.43 -21.96 27.43
N LEU C 376 17.19 -21.60 27.15
CA LEU C 376 16.70 -20.24 27.35
C LEU C 376 16.47 -19.81 28.81
N LEU C 377 16.25 -20.77 29.71
CA LEU C 377 16.15 -20.46 31.13
C LEU C 377 17.48 -19.88 31.65
N SER C 378 18.56 -20.59 31.41
CA SER C 378 19.89 -20.11 31.82
C SER C 378 20.28 -18.82 31.10
N ASN C 379 19.88 -18.68 29.85
CA ASN C 379 20.11 -17.43 29.14
C ASN C 379 19.40 -16.23 29.77
N ALA C 380 18.20 -16.44 30.30
CA ALA C 380 17.46 -15.35 30.94
C ALA C 380 18.18 -14.92 32.21
N ALA C 381 18.74 -15.87 32.95
CA ALA C 381 19.51 -15.56 34.15
C ALA C 381 20.74 -14.74 33.81
N HIS C 382 21.42 -15.10 32.73
CA HIS C 382 22.65 -14.44 32.32
C HIS C 382 22.39 -13.04 31.75
N ALA C 383 21.52 -12.97 30.75
CA ALA C 383 21.17 -11.70 30.12
C ALA C 383 20.52 -10.74 31.11
N GLY C 384 19.74 -11.31 32.03
CA GLY C 384 19.13 -10.55 33.10
C GLY C 384 20.16 -9.99 34.08
N LYS C 385 21.22 -10.75 34.31
CA LYS C 385 22.31 -10.30 35.16
C LYS C 385 23.03 -9.14 34.51
N VAL C 386 23.28 -9.23 33.21
CA VAL C 386 23.93 -8.14 32.49
C VAL C 386 23.04 -6.89 32.53
N LEU C 387 21.74 -7.08 32.30
CA LEU C 387 20.79 -5.97 32.32
C LEU C 387 20.85 -5.26 33.67
N LEU C 388 20.72 -6.04 34.74
CA LEU C 388 20.64 -5.52 36.09
C LEU C 388 21.92 -4.84 36.56
N THR C 389 23.07 -5.39 36.17
CA THR C 389 24.37 -4.77 36.45
C THR C 389 24.45 -3.39 35.79
N GLY C 390 23.96 -3.29 34.56
CA GLY C 390 23.95 -2.02 33.84
C GLY C 390 23.02 -1.00 34.48
N LEU C 391 21.87 -1.47 34.96
CA LEU C 391 20.90 -0.59 35.61
C LEU C 391 21.47 -0.06 36.91
N LEU C 392 22.20 -0.90 37.64
CA LEU C 392 22.86 -0.49 38.88
C LEU C 392 23.93 0.57 38.62
N ASP C 393 24.65 0.45 37.50
CA ASP C 393 25.63 1.45 37.10
C ASP C 393 24.93 2.79 36.83
N LEU C 394 23.85 2.74 36.07
CA LEU C 394 23.08 3.95 35.73
C LEU C 394 22.46 4.60 36.96
N GLN C 395 22.06 3.77 37.92
CA GLN C 395 21.55 4.26 39.20
C GLN C 395 22.62 5.05 39.96
N ALA C 396 23.85 4.54 39.96
CA ALA C 396 24.96 5.18 40.64
C ALA C 396 25.32 6.52 39.98
N ARG C 397 25.15 6.60 38.66
CA ARG C 397 25.51 7.80 37.88
C ARG C 397 24.38 8.83 37.80
N TYR C 398 23.14 8.40 38.01
CA TYR C 398 21.98 9.28 37.87
C TYR C 398 20.98 9.03 38.99
N PRO C 399 21.40 9.27 40.24
CA PRO C 399 20.52 9.07 41.39
C PRO C 399 19.34 10.04 41.44
N GLN C 400 19.43 11.14 40.67
CA GLN C 400 18.35 12.11 40.54
C GLN C 400 17.17 11.57 39.69
N PHE C 401 17.40 10.53 38.89
CA PHE C 401 16.36 9.94 38.02
C PHE C 401 16.05 8.46 38.31
N ILE C 402 17.03 7.72 38.83
CA ILE C 402 16.93 6.27 38.98
C ILE C 402 17.07 5.85 40.46
N SER C 403 16.12 5.09 40.95
CA SER C 403 16.26 4.49 42.27
C SER C 403 15.60 3.12 42.35
N ARG C 404 15.95 2.36 43.38
CA ARG C 404 15.35 1.06 43.66
C ARG C 404 15.49 0.06 42.51
N VAL C 405 16.66 0.04 41.87
CA VAL C 405 16.92 -0.92 40.81
C VAL C 405 16.80 -2.32 41.41
N ARG C 406 16.00 -3.16 40.76
CA ARG C 406 15.69 -4.48 41.27
C ARG C 406 15.30 -5.43 40.15
N GLY C 407 15.39 -6.73 40.41
CA GLY C 407 15.02 -7.73 39.44
C GLY C 407 15.41 -9.14 39.79
N ARG C 408 14.87 -10.06 39.01
CA ARG C 408 15.29 -11.45 39.01
C ARG C 408 15.19 -11.94 37.59
N GLY C 409 16.26 -12.54 37.08
CA GLY C 409 16.36 -12.81 35.65
C GLY C 409 16.24 -11.49 34.89
N THR C 410 15.53 -11.51 33.77
CA THR C 410 15.23 -10.31 33.00
C THR C 410 14.01 -9.55 33.54
N PHE C 411 13.37 -10.08 34.56
CA PHE C 411 12.20 -9.47 35.20
C PHE C 411 12.64 -8.31 36.10
N CYS C 412 13.10 -7.22 35.47
CA CYS C 412 13.75 -6.12 36.16
C CYS C 412 12.93 -4.84 36.13
N SER C 413 13.33 -3.88 36.97
CA SER C 413 12.65 -2.60 37.05
C SER C 413 13.44 -1.58 37.86
N PHE C 414 12.98 -0.34 37.79
CA PHE C 414 13.48 0.72 38.66
C PHE C 414 12.42 1.81 38.79
N ASP C 415 12.57 2.68 39.78
CA ASP C 415 11.66 3.80 39.97
C ASP C 415 12.26 5.10 39.45
N THR C 416 11.36 6.00 39.08
CA THR C 416 11.69 7.36 38.75
C THR C 416 11.04 8.28 39.78
N PRO C 417 11.41 9.56 39.80
CA PRO C 417 10.94 10.46 40.87
C PRO C 417 9.42 10.71 40.88
N ASP C 418 8.77 10.66 39.71
CA ASP C 418 7.31 10.84 39.63
C ASP C 418 6.75 10.34 38.30
N GLU C 419 5.42 10.23 38.24
CA GLU C 419 4.72 9.68 37.07
C GLU C 419 5.06 10.37 35.76
N SER C 420 5.29 11.67 35.84
CA SER C 420 5.53 12.50 34.66
C SER C 420 6.90 12.26 34.00
N ILE C 421 7.94 12.11 34.83
CA ILE C 421 9.27 11.76 34.35
C ILE C 421 9.29 10.32 33.83
N ARG C 422 8.51 9.44 34.47
CA ARG C 422 8.41 8.04 34.08
C ARG C 422 7.92 7.96 32.64
N ASN C 423 6.78 8.61 32.37
CA ASN C 423 6.17 8.60 31.04
C ASN C 423 7.05 9.30 30.03
N LYS C 424 7.75 10.34 30.46
CA LYS C 424 8.63 11.07 29.56
C LYS C 424 9.81 10.19 29.13
N LEU C 425 10.39 9.45 30.06
CA LEU C 425 11.54 8.58 29.76
C LEU C 425 11.13 7.39 28.88
N ILE C 426 9.94 6.85 29.09
CA ILE C 426 9.39 5.81 28.21
C ILE C 426 9.22 6.36 26.79
N SER C 427 8.70 7.58 26.71
CA SER C 427 8.39 8.20 25.43
C SER C 427 9.65 8.56 24.63
N ILE C 428 10.69 9.02 25.33
CA ILE C 428 11.98 9.34 24.69
C ILE C 428 12.64 8.06 24.21
N ALA C 429 12.64 7.04 25.06
CA ALA C 429 13.27 5.76 24.76
C ALA C 429 12.69 5.17 23.50
N ARG C 430 11.35 5.18 23.41
CA ARG C 430 10.62 4.67 22.27
C ARG C 430 11.00 5.36 20.95
N ASN C 431 11.14 6.69 20.99
CA ASN C 431 11.54 7.46 19.81
C ASN C 431 13.00 7.20 19.44
N LYS C 432 13.77 6.71 20.41
CA LYS C 432 15.17 6.32 20.19
C LYS C 432 15.35 4.84 19.82
N GLY C 433 14.24 4.09 19.76
CA GLY C 433 14.26 2.72 19.29
C GLY C 433 14.11 1.62 20.34
N VAL C 434 13.62 1.96 21.53
CA VAL C 434 13.44 0.97 22.60
C VAL C 434 12.09 1.10 23.28
N MET C 435 11.29 0.05 23.12
CA MET C 435 9.98 -0.10 23.75
C MET C 435 10.17 -0.52 25.20
N LEU C 436 9.80 0.34 26.14
CA LEU C 436 9.78 -0.02 27.56
C LEU C 436 8.36 0.01 28.09
N GLY C 437 8.15 -0.63 29.23
CA GLY C 437 6.85 -0.64 29.88
C GLY C 437 6.88 0.11 31.18
N GLY C 438 5.70 0.55 31.63
CA GLY C 438 5.54 1.14 32.95
C GLY C 438 4.73 0.23 33.84
N CYS C 439 4.90 0.38 35.16
CA CYS C 439 4.03 -0.24 36.15
C CYS C 439 3.99 0.62 37.40
N GLY C 440 3.00 0.41 38.26
CA GLY C 440 2.82 1.24 39.44
C GLY C 440 2.59 2.67 39.02
N ASP C 441 2.97 3.63 39.88
CA ASP C 441 2.79 5.06 39.56
C ASP C 441 3.99 5.63 38.81
N LYS C 442 5.20 5.17 39.18
CA LYS C 442 6.42 5.78 38.67
C LYS C 442 7.58 4.82 38.39
N SER C 443 7.25 3.56 38.12
CA SER C 443 8.26 2.55 37.81
C SER C 443 8.32 2.24 36.32
N ILE C 444 9.52 1.94 35.83
CA ILE C 444 9.72 1.39 34.50
C ILE C 444 10.08 -0.08 34.66
N ARG C 445 9.54 -0.92 33.80
CA ARG C 445 9.70 -2.37 33.90
C ARG C 445 10.24 -2.96 32.60
N PHE C 446 10.84 -4.14 32.72
CA PHE C 446 11.39 -4.87 31.59
C PHE C 446 10.71 -6.25 31.52
N ARG C 447 10.20 -6.59 30.34
CA ARG C 447 9.67 -7.92 30.06
C ARG C 447 10.16 -8.35 28.69
N PRO C 448 11.46 -8.64 28.57
CA PRO C 448 12.00 -9.06 27.29
C PRO C 448 11.58 -10.49 26.98
N THR C 449 11.45 -10.81 25.70
CA THR C 449 11.16 -12.17 25.25
C THR C 449 12.36 -13.03 25.58
N LEU C 450 12.19 -14.34 25.52
CA LEU C 450 13.23 -15.28 25.89
C LEU C 450 14.39 -15.39 24.90
N VAL C 451 14.31 -14.74 23.74
CA VAL C 451 15.48 -14.67 22.85
C VAL C 451 16.27 -13.37 23.08
N PHE C 452 16.06 -12.75 24.24
CA PHE C 452 16.80 -11.54 24.64
C PHE C 452 18.17 -11.98 25.18
N ARG C 453 19.23 -11.37 24.68
CA ARG C 453 20.60 -11.76 25.05
C ARG C 453 21.32 -10.60 25.71
N ASP C 454 22.54 -10.86 26.15
CA ASP C 454 23.32 -9.83 26.82
C ASP C 454 23.72 -8.70 25.86
N HIS C 455 23.87 -8.99 24.57
CA HIS C 455 24.12 -7.90 23.62
C HIS C 455 22.88 -7.00 23.46
N HIS C 456 21.67 -7.56 23.60
CA HIS C 456 20.46 -6.72 23.61
C HIS C 456 20.39 -5.84 24.85
N ALA C 457 20.84 -6.37 25.98
CA ALA C 457 20.93 -5.58 27.21
C ALA C 457 21.87 -4.40 27.03
N HIS C 458 23.05 -4.66 26.48
CA HIS C 458 24.03 -3.60 26.23
C HIS C 458 23.49 -2.57 25.23
N LEU C 459 22.71 -3.02 24.25
CA LEU C 459 22.10 -2.13 23.28
C LEU C 459 21.18 -1.11 23.98
N PHE C 460 20.32 -1.62 24.85
CA PHE C 460 19.43 -0.77 25.61
C PHE C 460 20.23 0.17 26.50
N LEU C 461 21.22 -0.36 27.21
CA LEU C 461 21.93 0.39 28.24
C LEU C 461 22.69 1.58 27.67
N ASN C 462 23.39 1.35 26.57
CA ASN C 462 24.01 2.40 25.79
C ASN C 462 23.05 3.51 25.36
N ILE C 463 21.93 3.15 24.75
CA ILE C 463 20.94 4.13 24.31
C ILE C 463 20.36 4.92 25.49
N PHE C 464 20.02 4.22 26.57
CA PHE C 464 19.40 4.85 27.74
C PHE C 464 20.38 5.73 28.50
N SER C 465 21.66 5.37 28.46
CA SER C 465 22.69 6.16 29.09
C SER C 465 22.81 7.53 28.41
N ASP C 466 22.70 7.54 27.08
CA ASP C 466 22.79 8.79 26.29
C ASP C 466 21.56 9.66 26.54
N ILE C 467 20.38 9.04 26.68
CA ILE C 467 19.14 9.76 27.00
C ILE C 467 19.27 10.47 28.35
N LEU C 468 19.81 9.76 29.33
CA LEU C 468 19.88 10.26 30.68
C LEU C 468 20.79 11.49 30.77
N ALA C 469 21.87 11.51 30.00
CA ALA C 469 22.80 12.65 29.96
C ALA C 469 22.17 13.95 29.43
N ASP C 470 21.16 13.82 28.57
CA ASP C 470 20.48 14.96 27.97
C ASP C 470 19.21 15.37 28.71
N PHE C 471 18.78 14.53 29.64
CA PHE C 471 17.45 14.68 30.22
C PHE C 471 17.30 15.89 31.15
N PHE D 11 -18.60 -29.27 0.49
CA PHE D 11 -17.98 -30.49 1.08
C PHE D 11 -18.89 -31.05 2.19
N ASP D 12 -19.55 -32.18 1.91
CA ASP D 12 -20.34 -32.89 2.91
C ASP D 12 -20.45 -34.38 2.57
N TYR D 13 -20.51 -35.23 3.60
CA TYR D 13 -20.69 -36.67 3.37
C TYR D 13 -22.16 -36.94 2.99
N ASP D 14 -22.47 -38.15 2.57
CA ASP D 14 -23.82 -38.47 2.09
C ASP D 14 -24.77 -38.93 3.20
N GLY D 15 -24.20 -39.23 4.36
CA GLY D 15 -24.98 -39.74 5.48
C GLY D 15 -24.08 -40.32 6.55
N PRO D 16 -24.67 -40.70 7.68
CA PRO D 16 -23.91 -41.28 8.80
C PRO D 16 -23.48 -42.72 8.52
N LEU D 17 -22.41 -43.15 9.18
CA LEU D 17 -21.86 -44.50 9.03
C LEU D 17 -21.29 -44.91 10.38
N MET D 18 -21.92 -45.89 11.03
CA MET D 18 -21.50 -46.36 12.35
C MET D 18 -20.74 -47.69 12.24
N LYS D 19 -19.62 -47.78 12.94
CA LYS D 19 -18.83 -49.01 13.06
C LYS D 19 -18.91 -49.63 14.46
N THR D 20 -19.05 -48.78 15.49
CA THR D 20 -19.13 -49.23 16.87
C THR D 20 -20.12 -48.39 17.68
N GLU D 21 -20.39 -48.91 18.87
CA GLU D 21 -21.06 -48.17 19.92
C GLU D 21 -20.19 -46.99 20.31
N VAL D 22 -20.83 -45.92 20.79
CA VAL D 22 -20.15 -44.67 21.13
C VAL D 22 -20.38 -44.37 22.60
N PRO D 23 -19.31 -44.16 23.38
CA PRO D 23 -17.92 -44.17 22.90
C PRO D 23 -17.41 -45.57 22.60
N GLY D 24 -16.58 -45.70 21.56
CA GLY D 24 -15.97 -46.97 21.19
C GLY D 24 -14.67 -47.22 21.92
N PRO D 25 -14.02 -48.35 21.61
CA PRO D 25 -12.80 -48.77 22.32
C PRO D 25 -11.68 -47.75 22.38
N ARG D 26 -11.36 -47.11 21.27
CA ARG D 26 -10.29 -46.11 21.22
C ARG D 26 -10.65 -44.86 22.04
N SER D 27 -11.92 -44.45 21.98
CA SER D 27 -12.40 -43.35 22.82
C SER D 27 -12.31 -43.68 24.31
N ARG D 28 -12.70 -44.90 24.70
CA ARG D 28 -12.74 -45.27 26.11
C ARG D 28 -11.31 -45.31 26.67
N GLU D 29 -10.37 -45.72 25.83
CA GLU D 29 -8.96 -45.72 26.21
C GLU D 29 -8.41 -44.30 26.41
N LEU D 30 -8.75 -43.38 25.52
CA LEU D 30 -8.26 -42.01 25.64
C LEU D 30 -8.94 -41.32 26.82
N MET D 31 -10.19 -41.69 27.10
CA MET D 31 -10.95 -41.16 28.25
C MET D 31 -10.31 -41.59 29.56
N LYS D 32 -9.76 -42.80 29.60
CA LYS D 32 -9.09 -43.31 30.80
C LYS D 32 -7.77 -42.55 31.04
N GLN D 33 -7.02 -42.29 29.96
CA GLN D 33 -5.78 -41.53 30.03
C GLN D 33 -6.06 -40.11 30.50
N LEU D 34 -7.05 -39.47 29.89
CA LEU D 34 -7.38 -38.12 30.30
C LEU D 34 -7.88 -38.08 31.75
N ASN D 35 -8.56 -39.14 32.18
CA ASN D 35 -9.10 -39.19 33.55
C ASN D 35 -8.01 -39.14 34.62
N ILE D 36 -6.78 -39.52 34.29
CA ILE D 36 -5.66 -39.41 35.24
C ILE D 36 -5.34 -37.96 35.62
N ILE D 37 -5.55 -37.04 34.68
CA ILE D 37 -5.08 -35.66 34.76
C ILE D 37 -6.17 -34.68 35.17
N GLN D 38 -7.42 -35.05 34.97
CA GLN D 38 -8.57 -34.20 35.32
C GLN D 38 -9.83 -35.06 35.36
N ASN D 39 -10.89 -34.52 35.95
CA ASN D 39 -12.18 -35.19 35.91
C ASN D 39 -12.67 -35.15 34.47
N ALA D 40 -12.85 -36.34 33.88
CA ALA D 40 -13.19 -36.46 32.48
C ALA D 40 -14.59 -37.05 32.26
N GLU D 41 -15.42 -37.04 33.28
CA GLU D 41 -16.76 -37.66 33.19
C GLU D 41 -17.69 -36.98 32.18
N ALA D 42 -17.46 -35.71 31.91
CA ALA D 42 -18.26 -34.98 30.92
C ALA D 42 -17.99 -35.43 29.47
N VAL D 43 -16.81 -36.03 29.24
CA VAL D 43 -16.38 -36.37 27.88
C VAL D 43 -17.33 -37.37 27.22
N HIS D 44 -17.89 -36.97 26.09
CA HIS D 44 -18.75 -37.84 25.32
C HIS D 44 -17.91 -38.91 24.58
N PHE D 45 -16.96 -38.40 23.80
CA PHE D 45 -16.01 -39.22 23.06
C PHE D 45 -14.91 -38.34 22.46
N PHE D 46 -13.87 -38.98 21.95
CA PHE D 46 -12.75 -38.31 21.32
C PHE D 46 -12.93 -38.29 19.80
N CYS D 47 -12.51 -37.20 19.17
CA CYS D 47 -12.85 -36.90 17.79
C CYS D 47 -11.65 -36.82 16.85
N ASN D 48 -11.89 -37.21 15.61
CA ASN D 48 -10.98 -37.01 14.50
C ASN D 48 -11.48 -35.82 13.67
N TYR D 49 -11.06 -34.63 14.06
CA TYR D 49 -11.47 -33.41 13.38
C TYR D 49 -10.93 -33.33 11.94
N GLU D 50 -9.77 -33.93 11.72
CA GLU D 50 -9.15 -33.92 10.40
C GLU D 50 -10.07 -34.58 9.34
N GLU D 51 -10.84 -35.60 9.73
CA GLU D 51 -11.70 -36.34 8.81
C GLU D 51 -13.16 -35.85 8.84
N SER D 52 -13.45 -34.95 9.77
CA SER D 52 -14.80 -34.41 9.90
C SER D 52 -15.05 -33.38 8.81
N ARG D 53 -16.27 -33.37 8.29
CA ARG D 53 -16.62 -32.52 7.17
C ARG D 53 -18.10 -32.12 7.22
N GLY D 54 -18.36 -30.84 6.98
CA GLY D 54 -19.71 -30.26 7.00
C GLY D 54 -20.51 -30.56 8.25
N ASN D 55 -21.62 -31.23 8.07
CA ASN D 55 -22.49 -31.60 9.18
C ASN D 55 -22.04 -32.87 9.92
N TYR D 56 -20.96 -33.50 9.50
CA TYR D 56 -20.54 -34.80 10.04
C TYR D 56 -19.28 -34.75 10.92
N LEU D 57 -19.45 -35.16 12.17
CA LEU D 57 -18.35 -35.35 13.12
C LEU D 57 -17.87 -36.80 13.08
N VAL D 58 -16.57 -37.00 12.87
CA VAL D 58 -16.01 -38.34 12.83
C VAL D 58 -15.22 -38.57 14.12
N ASP D 59 -15.41 -39.73 14.76
CA ASP D 59 -14.73 -40.04 16.03
C ASP D 59 -13.50 -40.92 15.80
N VAL D 60 -12.77 -41.21 16.87
CA VAL D 60 -11.51 -41.93 16.77
C VAL D 60 -11.68 -43.43 16.47
N ASP D 61 -12.91 -43.93 16.56
CA ASP D 61 -13.25 -45.31 16.23
C ASP D 61 -13.83 -45.44 14.81
N GLY D 62 -13.74 -44.37 14.04
CA GLY D 62 -14.21 -44.38 12.67
C GLY D 62 -15.71 -44.12 12.50
N ASN D 63 -16.42 -43.86 13.59
CA ASN D 63 -17.84 -43.53 13.51
C ASN D 63 -18.07 -42.16 12.92
N ARG D 64 -19.05 -42.06 12.03
CA ARG D 64 -19.39 -40.80 11.39
C ARG D 64 -20.85 -40.43 11.67
N MET D 65 -21.05 -39.37 12.44
CA MET D 65 -22.36 -39.00 12.96
C MET D 65 -22.81 -37.65 12.40
N LEU D 66 -24.08 -37.56 12.00
CA LEU D 66 -24.73 -36.28 11.74
C LEU D 66 -24.76 -35.45 13.01
N ASP D 67 -24.10 -34.30 12.99
CA ASP D 67 -23.88 -33.52 14.21
C ASP D 67 -24.84 -32.35 14.30
N LEU D 68 -25.85 -32.52 15.14
CA LEU D 68 -26.88 -31.50 15.35
C LEU D 68 -26.68 -30.78 16.69
N TYR D 69 -25.48 -30.86 17.24
CA TYR D 69 -25.10 -30.16 18.47
C TYR D 69 -23.98 -29.12 18.24
N SER D 70 -23.16 -29.34 17.21
CA SER D 70 -22.13 -28.40 16.74
C SER D 70 -21.21 -27.78 17.81
N GLN D 71 -20.67 -28.61 18.70
CA GLN D 71 -19.76 -28.17 19.76
C GLN D 71 -20.44 -27.14 20.65
N ILE D 72 -21.68 -27.47 21.02
CA ILE D 72 -22.56 -26.60 21.78
C ILE D 72 -22.74 -25.27 21.07
N SER D 73 -23.19 -25.37 19.82
CA SER D 73 -23.64 -24.23 19.04
C SER D 73 -22.51 -23.23 18.75
N SER D 74 -21.30 -23.74 18.51
CA SER D 74 -20.13 -22.88 18.32
C SER D 74 -19.43 -23.02 16.98
N ILE D 75 -19.81 -24.02 16.18
CA ILE D 75 -19.23 -24.22 14.85
C ILE D 75 -20.20 -23.63 13.80
N PRO D 76 -19.84 -22.53 13.15
CA PRO D 76 -20.78 -21.79 12.30
C PRO D 76 -21.10 -22.43 10.95
N ILE D 77 -20.09 -22.84 10.18
CA ILE D 77 -20.32 -23.32 8.82
C ILE D 77 -19.72 -24.70 8.57
N GLY D 78 -19.83 -25.56 9.58
CA GLY D 78 -19.42 -26.95 9.46
C GLY D 78 -17.94 -27.18 9.68
N TYR D 79 -17.60 -28.46 9.77
CA TYR D 79 -16.21 -28.88 9.97
C TYR D 79 -15.41 -28.81 8.67
N SER D 80 -14.13 -28.46 8.81
CA SER D 80 -13.19 -28.41 7.71
C SER D 80 -13.76 -27.68 6.49
N HIS D 81 -14.35 -26.51 6.70
CA HIS D 81 -14.88 -25.73 5.59
C HIS D 81 -13.74 -25.34 4.64
N PRO D 82 -13.87 -25.66 3.34
CA PRO D 82 -12.84 -25.38 2.33
C PRO D 82 -12.39 -23.92 2.26
N ALA D 83 -13.29 -22.98 2.46
CA ALA D 83 -12.92 -21.56 2.49
C ALA D 83 -12.01 -21.23 3.68
N LEU D 84 -12.24 -21.89 4.81
CA LEU D 84 -11.39 -21.70 5.98
C LEU D 84 -10.03 -22.38 5.81
N VAL D 85 -10.04 -23.55 5.16
CA VAL D 85 -8.80 -24.28 4.85
C VAL D 85 -7.88 -23.36 4.04
N LYS D 86 -8.43 -22.70 3.02
CA LYS D 86 -7.64 -21.80 2.16
C LYS D 86 -7.02 -20.65 2.92
N LEU D 87 -7.73 -20.05 3.88
CA LEU D 87 -7.17 -18.96 4.70
C LEU D 87 -5.89 -19.38 5.41
N VAL D 88 -5.92 -20.56 6.05
CA VAL D 88 -4.77 -21.06 6.79
C VAL D 88 -3.61 -21.38 5.86
N GLN D 89 -3.92 -21.76 4.62
CA GLN D 89 -2.90 -22.12 3.64
C GLN D 89 -2.19 -20.89 3.05
N GLN D 90 -2.79 -19.71 3.16
CA GLN D 90 -2.17 -18.48 2.59
C GLN D 90 -0.94 -18.07 3.41
N PRO D 91 0.22 -17.96 2.77
CA PRO D 91 1.46 -17.54 3.46
C PRO D 91 1.39 -16.19 4.17
N GLN D 92 0.56 -15.26 3.68
CA GLN D 92 0.44 -13.93 4.29
C GLN D 92 -0.27 -13.97 5.62
N ASN D 93 -1.00 -15.06 5.88
CA ASN D 93 -1.77 -15.20 7.13
C ASN D 93 -1.02 -15.88 8.27
N VAL D 94 0.22 -16.32 8.02
CA VAL D 94 1.01 -17.02 9.03
C VAL D 94 1.19 -16.19 10.30
N SER D 95 1.60 -14.94 10.13
CA SER D 95 1.88 -14.04 11.25
C SER D 95 0.69 -13.89 12.20
N THR D 96 -0.52 -13.83 11.64
CA THR D 96 -1.74 -13.66 12.42
C THR D 96 -1.93 -14.80 13.43
N PHE D 97 -1.57 -16.02 13.04
CA PHE D 97 -1.65 -17.19 13.92
C PHE D 97 -0.53 -17.33 14.95
N ILE D 98 0.66 -16.75 14.71
CA ILE D 98 1.82 -16.95 15.61
C ILE D 98 2.30 -15.70 16.38
N ASN D 99 1.73 -14.54 16.08
CA ASN D 99 2.12 -13.28 16.71
C ASN D 99 0.89 -12.66 17.33
N ARG D 100 0.51 -13.12 18.51
CA ARG D 100 -0.72 -12.63 19.14
C ARG D 100 -0.49 -11.33 19.89
N PRO D 101 -1.20 -10.27 19.51
CA PRO D 101 -0.98 -8.97 20.11
C PRO D 101 -1.76 -8.73 21.38
N ALA D 102 -1.19 -7.88 22.23
CA ALA D 102 -1.96 -7.21 23.26
C ALA D 102 -2.78 -6.15 22.55
N LEU D 103 -3.97 -6.55 22.09
CA LEU D 103 -4.80 -5.72 21.22
C LEU D 103 -5.12 -4.31 21.72
N GLY D 104 -5.25 -4.14 23.02
CA GLY D 104 -5.58 -2.84 23.59
C GLY D 104 -4.49 -1.77 23.46
N ILE D 105 -3.25 -2.19 23.27
CA ILE D 105 -2.13 -1.25 23.13
C ILE D 105 -1.38 -1.31 21.80
N LEU D 106 -1.33 -2.48 21.16
CA LEU D 106 -0.49 -2.66 19.99
C LEU D 106 -1.21 -3.47 18.90
N PRO D 107 -2.33 -2.94 18.41
CA PRO D 107 -3.11 -3.63 17.39
C PRO D 107 -2.39 -3.73 16.07
N PRO D 108 -2.69 -4.75 15.28
CA PRO D 108 -2.09 -4.91 13.96
C PRO D 108 -2.67 -3.91 12.98
N GLU D 109 -1.93 -3.61 11.90
CA GLU D 109 -2.31 -2.64 10.88
C GLU D 109 -3.71 -2.85 10.32
N ASN D 110 -4.10 -4.10 10.10
CA ASN D 110 -5.38 -4.43 9.48
C ASN D 110 -6.53 -4.57 10.49
N PHE D 111 -6.32 -4.16 11.73
CA PHE D 111 -7.28 -4.46 12.80
C PHE D 111 -8.65 -3.86 12.52
N VAL D 112 -8.67 -2.61 12.08
CA VAL D 112 -9.93 -1.91 11.83
C VAL D 112 -10.62 -2.42 10.57
N GLU D 113 -9.86 -2.63 9.49
CA GLU D 113 -10.43 -3.13 8.24
C GLU D 113 -11.06 -4.52 8.40
N LYS D 114 -10.39 -5.41 9.14
CA LYS D 114 -10.88 -6.77 9.32
C LYS D 114 -12.14 -6.75 10.19
N LEU D 115 -12.19 -5.83 11.14
CA LEU D 115 -13.42 -5.58 11.91
C LEU D 115 -14.55 -5.07 11.01
N ARG D 116 -14.21 -4.25 10.01
CA ARG D 116 -15.19 -3.81 9.01
C ARG D 116 -15.70 -4.95 8.12
N GLU D 117 -14.85 -5.94 7.84
CA GLU D 117 -15.24 -7.07 7.01
C GLU D 117 -16.06 -8.08 7.81
N SER D 118 -15.94 -8.03 9.15
CA SER D 118 -16.59 -9.02 10.01
C SER D 118 -17.66 -8.35 10.89
N LEU D 119 -17.32 -8.04 12.15
CA LEU D 119 -18.31 -7.67 13.16
C LEU D 119 -19.08 -6.37 12.89
N LEU D 120 -18.41 -5.37 12.32
CA LEU D 120 -19.09 -4.11 12.05
C LEU D 120 -20.11 -4.24 10.92
N SER D 121 -19.92 -5.20 10.02
CA SER D 121 -20.89 -5.42 8.93
C SER D 121 -22.18 -6.08 9.44
N VAL D 122 -22.19 -6.58 10.66
CA VAL D 122 -23.42 -7.13 11.24
C VAL D 122 -23.84 -6.46 12.54
N ALA D 123 -23.50 -5.18 12.70
CA ALA D 123 -23.78 -4.46 13.94
C ALA D 123 -25.28 -4.37 14.18
N PRO D 124 -25.74 -4.60 15.40
CA PRO D 124 -27.15 -4.43 15.72
C PRO D 124 -27.56 -2.97 15.60
N LYS D 125 -28.85 -2.72 15.43
CA LYS D 125 -29.34 -1.35 15.27
C LYS D 125 -29.05 -0.50 16.49
N GLY D 126 -28.66 0.74 16.26
CA GLY D 126 -28.41 1.72 17.30
C GLY D 126 -27.14 1.53 18.11
N MET D 127 -26.27 0.59 17.75
CA MET D 127 -25.03 0.33 18.49
C MET D 127 -23.77 0.54 17.63
N SER D 128 -23.15 1.73 17.79
CA SER D 128 -21.98 2.12 17.00
C SER D 128 -20.66 1.64 17.61
N GLN D 129 -20.69 1.23 18.87
CA GLN D 129 -19.47 0.85 19.60
C GLN D 129 -19.27 -0.66 19.62
N LEU D 130 -17.99 -1.07 19.67
CA LEU D 130 -17.63 -2.46 19.72
C LEU D 130 -16.34 -2.65 20.50
N ILE D 131 -16.36 -3.61 21.42
CA ILE D 131 -15.16 -4.09 22.09
C ILE D 131 -15.13 -5.61 21.95
N THR D 132 -13.94 -6.16 21.68
CA THR D 132 -13.79 -7.60 21.51
C THR D 132 -13.31 -8.26 22.79
N MET D 133 -13.66 -9.53 22.93
CA MET D 133 -13.31 -10.36 24.08
C MET D 133 -13.11 -11.78 23.60
N ALA D 134 -12.41 -12.60 24.38
CA ALA D 134 -12.07 -13.96 23.94
C ALA D 134 -13.20 -14.97 24.09
N CYS D 135 -14.16 -14.72 24.98
CA CYS D 135 -15.26 -15.65 25.19
C CYS D 135 -16.55 -14.98 25.70
N GLY D 136 -17.58 -15.79 25.95
CA GLY D 136 -18.89 -15.29 26.35
C GLY D 136 -18.89 -14.81 27.78
N SER D 137 -18.07 -15.44 28.62
CA SER D 137 -18.04 -15.07 30.03
C SER D 137 -17.39 -13.70 30.21
N CYS D 138 -16.21 -13.46 29.62
CA CYS D 138 -15.60 -12.13 29.80
C CYS D 138 -16.38 -11.07 29.03
N SER D 139 -17.15 -11.48 28.02
CA SER D 139 -18.06 -10.56 27.31
C SER D 139 -19.12 -10.04 28.28
N ASN D 140 -19.76 -10.95 29.00
CA ASN D 140 -20.81 -10.53 29.95
C ASN D 140 -20.25 -9.80 31.16
N GLU D 141 -19.09 -10.24 31.66
CA GLU D 141 -18.44 -9.60 32.79
C GLU D 141 -18.16 -8.14 32.45
N ASN D 142 -17.54 -7.92 31.30
CA ASN D 142 -17.17 -6.58 30.88
C ASN D 142 -18.37 -5.75 30.44
N ALA D 143 -19.43 -6.41 29.97
CA ALA D 143 -20.69 -5.73 29.70
C ALA D 143 -21.27 -5.23 31.01
N PHE D 144 -21.23 -6.06 32.07
CA PHE D 144 -21.70 -5.66 33.40
C PHE D 144 -20.94 -4.43 33.90
N LYS D 145 -19.62 -4.44 33.76
CA LYS D 145 -18.78 -3.35 34.26
C LYS D 145 -19.05 -2.07 33.46
N THR D 146 -19.23 -2.22 32.14
CA THR D 146 -19.53 -1.09 31.25
C THR D 146 -20.82 -0.43 31.72
N ILE D 147 -21.78 -1.27 32.13
CA ILE D 147 -23.07 -0.81 32.64
C ILE D 147 -22.92 -0.11 34.00
N PHE D 148 -22.12 -0.67 34.90
CA PHE D 148 -21.96 -0.08 36.23
C PHE D 148 -21.31 1.30 36.10
N MET D 149 -20.28 1.39 35.26
CA MET D 149 -19.57 2.64 34.99
C MET D 149 -20.49 3.71 34.43
N TRP D 150 -21.32 3.32 33.46
CA TRP D 150 -22.30 4.21 32.84
C TRP D 150 -23.28 4.73 33.89
N TYR D 151 -23.76 3.84 34.74
CA TYR D 151 -24.71 4.20 35.75
C TYR D 151 -24.16 5.22 36.73
N ARG D 152 -22.95 4.98 37.25
CA ARG D 152 -22.29 5.95 38.14
C ARG D 152 -22.04 7.25 37.40
N SER D 153 -21.71 7.15 36.12
CA SER D 153 -21.50 8.34 35.33
C SER D 153 -22.75 9.22 35.23
N LYS D 154 -23.94 8.62 35.15
CA LYS D 154 -25.19 9.39 35.21
C LYS D 154 -25.35 10.11 36.56
N GLU D 155 -25.04 9.40 37.65
CA GLU D 155 -25.22 9.93 39.00
C GLU D 155 -24.25 11.08 39.29
N ARG D 156 -22.98 10.93 38.91
CA ARG D 156 -22.01 11.95 39.29
C ARG D 156 -21.90 13.07 38.26
N GLY D 157 -22.39 12.84 37.03
CA GLY D 157 -22.32 13.85 35.99
C GLY D 157 -20.93 14.41 35.69
N GLN D 158 -20.82 15.74 35.74
CA GLN D 158 -19.58 16.45 35.43
C GLN D 158 -18.52 16.37 36.57
N SER D 159 -18.93 15.90 37.75
CA SER D 159 -17.99 15.72 38.84
C SER D 159 -17.02 14.60 38.54
N ALA D 160 -15.81 14.73 39.08
CA ALA D 160 -14.78 13.70 38.98
C ALA D 160 -14.96 12.68 40.11
N PHE D 161 -14.20 11.58 40.00
CA PHE D 161 -14.09 10.59 41.07
C PHE D 161 -13.71 11.37 42.33
N SER D 162 -14.43 11.16 43.42
CA SER D 162 -14.14 11.83 44.69
C SER D 162 -12.94 11.16 45.35
N LYS D 163 -12.31 11.86 46.29
CA LYS D 163 -11.18 11.30 47.03
C LYS D 163 -11.64 10.05 47.77
N GLU D 164 -12.80 10.12 48.39
CA GLU D 164 -13.35 8.99 49.14
C GLU D 164 -13.52 7.75 48.26
N GLU D 165 -14.02 7.95 47.03
CA GLU D 165 -14.24 6.86 46.09
C GLU D 165 -12.92 6.25 45.65
N LEU D 166 -11.93 7.08 45.35
CA LEU D 166 -10.62 6.59 44.90
C LEU D 166 -9.94 5.75 45.98
N GLU D 167 -10.12 6.13 47.24
CA GLU D 167 -9.51 5.42 48.37
C GLU D 167 -10.24 4.12 48.71
N THR D 168 -11.56 4.19 48.80
CA THR D 168 -12.36 3.00 49.18
C THR D 168 -12.39 1.90 48.13
N CYS D 169 -12.30 2.27 46.85
CA CYS D 169 -12.43 1.30 45.77
C CYS D 169 -11.24 0.34 45.77
N MET D 170 -10.09 0.81 46.24
CA MET D 170 -8.88 -0.01 46.31
C MET D 170 -9.01 -1.14 47.37
N ILE D 171 -9.82 -0.88 48.40
CA ILE D 171 -10.07 -1.85 49.46
C ILE D 171 -11.50 -2.41 49.45
N ASN D 172 -12.07 -2.53 48.25
CA ASN D 172 -13.34 -3.25 48.04
C ASN D 172 -14.54 -2.70 48.83
N GLN D 173 -14.54 -1.40 49.10
CA GLN D 173 -15.56 -0.77 49.93
C GLN D 173 -16.34 0.30 49.15
N ALA D 174 -17.60 0.49 49.53
CA ALA D 174 -18.41 1.63 49.09
C ALA D 174 -17.85 2.90 49.70
N PRO D 175 -18.01 4.08 49.08
CA PRO D 175 -18.78 4.25 47.83
C PRO D 175 -17.98 3.96 46.54
N GLY D 176 -16.66 3.81 46.65
CA GLY D 176 -15.83 3.51 45.50
C GLY D 176 -16.25 2.25 44.76
N CYS D 177 -16.67 1.24 45.50
CA CYS D 177 -17.28 0.03 44.96
C CYS D 177 -18.77 0.04 45.31
N PRO D 178 -19.64 0.45 44.39
CA PRO D 178 -21.06 0.61 44.69
C PRO D 178 -21.74 -0.75 44.85
N ASP D 179 -22.86 -0.75 45.56
CA ASP D 179 -23.60 -1.99 45.83
C ASP D 179 -24.69 -2.21 44.78
N TYR D 180 -24.37 -1.92 43.53
CA TYR D 180 -25.35 -2.03 42.44
C TYR D 180 -25.50 -3.47 41.96
N SER D 181 -26.59 -3.71 41.25
CA SER D 181 -27.00 -5.07 40.85
C SER D 181 -27.33 -5.16 39.38
N ILE D 182 -27.28 -6.39 38.86
CA ILE D 182 -27.79 -6.73 37.54
C ILE D 182 -28.95 -7.68 37.76
N LEU D 183 -30.11 -7.36 37.19
CA LEU D 183 -31.28 -8.25 37.30
C LEU D 183 -31.18 -9.37 36.27
N SER D 184 -31.45 -10.59 36.70
CA SER D 184 -31.42 -11.76 35.84
C SER D 184 -32.66 -12.65 36.03
N PHE D 185 -32.79 -13.66 35.18
CA PHE D 185 -33.99 -14.49 35.15
C PHE D 185 -33.72 -15.93 35.59
N MET D 186 -34.71 -16.53 36.25
CA MET D 186 -34.69 -17.96 36.53
C MET D 186 -34.63 -18.69 35.19
N GLY D 187 -33.86 -19.79 35.15
CA GLY D 187 -33.54 -20.51 33.92
C GLY D 187 -32.40 -19.94 33.07
N ALA D 188 -31.83 -18.82 33.48
CA ALA D 188 -30.83 -18.15 32.66
C ALA D 188 -29.48 -18.84 32.77
N PHE D 189 -28.66 -18.65 31.73
CA PHE D 189 -27.25 -19.01 31.75
C PHE D 189 -26.43 -17.96 30.98
N HIS D 190 -25.45 -17.37 31.67
CA HIS D 190 -24.62 -16.26 31.15
C HIS D 190 -23.12 -16.47 31.37
N GLY D 191 -22.74 -17.66 31.84
CA GLY D 191 -21.35 -17.96 32.12
C GLY D 191 -21.13 -18.31 33.58
N ARG D 192 -19.90 -18.63 33.90
CA ARG D 192 -19.59 -19.24 35.19
C ARG D 192 -18.44 -18.59 35.93
N THR D 193 -17.90 -17.50 35.40
CA THR D 193 -17.04 -16.65 36.21
C THR D 193 -17.93 -16.02 37.26
N MET D 194 -17.37 -15.56 38.36
CA MET D 194 -18.21 -15.26 39.54
C MET D 194 -19.23 -14.14 39.37
N GLY D 195 -18.99 -13.23 38.43
CA GLY D 195 -19.98 -12.23 38.07
C GLY D 195 -21.12 -12.80 37.24
N CYS D 196 -20.78 -13.41 36.11
CA CYS D 196 -21.73 -14.14 35.26
C CYS D 196 -22.55 -15.15 36.05
N LEU D 197 -21.89 -15.86 36.95
CA LEU D 197 -22.52 -16.97 37.66
C LEU D 197 -23.67 -16.45 38.51
N ALA D 198 -23.50 -15.28 39.10
CA ALA D 198 -24.59 -14.63 39.86
C ALA D 198 -25.84 -14.45 39.01
N THR D 199 -25.70 -14.21 37.72
CA THR D 199 -26.86 -14.02 36.84
C THR D 199 -27.39 -15.32 36.19
N THR D 200 -26.68 -16.41 36.44
CA THR D 200 -27.01 -17.75 35.96
C THR D 200 -27.90 -18.48 36.96
N HIS D 201 -28.96 -19.13 36.47
CA HIS D 201 -29.94 -19.88 37.32
C HIS D 201 -30.45 -21.10 36.55
N SER D 202 -29.48 -21.94 36.14
CA SER D 202 -29.73 -23.01 35.20
C SER D 202 -29.91 -24.34 35.93
N LYS D 203 -28.88 -24.72 36.66
CA LYS D 203 -28.79 -26.02 37.30
C LYS D 203 -28.00 -25.87 38.60
N ALA D 204 -28.42 -26.57 39.65
CA ALA D 204 -27.79 -26.42 40.97
C ALA D 204 -26.31 -26.79 40.97
N ILE D 205 -25.95 -27.80 40.18
CA ILE D 205 -24.56 -28.24 40.11
C ILE D 205 -23.63 -27.14 39.59
N HIS D 206 -24.17 -26.25 38.77
CA HIS D 206 -23.44 -25.08 38.29
C HIS D 206 -23.16 -24.03 39.38
N LYS D 207 -24.05 -23.95 40.37
CA LYS D 207 -24.05 -22.84 41.32
C LYS D 207 -23.51 -23.16 42.72
N ILE D 208 -23.65 -24.43 43.11
CA ILE D 208 -23.48 -24.81 44.51
C ILE D 208 -22.04 -24.69 44.99
N ASP D 209 -21.90 -24.20 46.24
CA ASP D 209 -20.61 -23.95 46.90
C ASP D 209 -19.84 -22.70 46.45
N ILE D 210 -20.39 -21.94 45.50
CA ILE D 210 -19.72 -20.73 45.02
C ILE D 210 -20.38 -19.47 45.59
N PRO D 211 -19.60 -18.57 46.20
CA PRO D 211 -20.12 -17.28 46.66
C PRO D 211 -20.78 -16.49 45.52
N SER D 212 -21.82 -15.75 45.88
CA SER D 212 -22.64 -15.07 44.91
C SER D 212 -22.90 -13.61 45.31
N PHE D 213 -23.78 -12.96 44.56
CA PHE D 213 -24.19 -11.59 44.79
C PHE D 213 -25.68 -11.59 45.05
N ASP D 214 -26.13 -10.75 45.96
CA ASP D 214 -27.56 -10.60 46.25
C ASP D 214 -28.16 -9.66 45.21
N TRP D 215 -28.51 -10.21 44.05
CA TRP D 215 -29.07 -9.44 42.94
C TRP D 215 -30.44 -10.02 42.60
N PRO D 216 -31.36 -9.19 42.11
CA PRO D 216 -32.76 -9.62 41.91
C PRO D 216 -32.89 -10.66 40.80
N ILE D 217 -33.74 -11.66 41.04
CA ILE D 217 -33.97 -12.75 40.11
C ILE D 217 -35.47 -12.86 39.78
N ALA D 218 -35.82 -12.56 38.54
CA ALA D 218 -37.20 -12.55 38.08
C ALA D 218 -37.55 -13.86 37.37
N PRO D 219 -38.82 -14.21 37.38
CA PRO D 219 -39.27 -15.39 36.62
C PRO D 219 -39.27 -15.12 35.10
N PHE D 220 -38.79 -16.11 34.34
CA PHE D 220 -38.93 -16.10 32.88
C PHE D 220 -40.22 -16.87 32.54
N PRO D 221 -41.00 -16.39 31.58
CA PRO D 221 -42.27 -17.04 31.22
C PRO D 221 -42.16 -18.52 30.86
N ARG D 222 -43.02 -19.34 31.45
CA ARG D 222 -43.24 -20.70 30.99
C ARG D 222 -44.50 -20.74 30.12
N LEU D 223 -44.31 -20.71 28.80
CA LEU D 223 -45.38 -20.88 27.84
C LEU D 223 -45.90 -22.31 27.87
N LYS D 224 -47.18 -22.44 27.54
CA LYS D 224 -47.87 -23.72 27.41
C LYS D 224 -48.12 -23.99 25.94
N TYR D 225 -48.06 -25.27 25.57
CA TYR D 225 -48.14 -25.71 24.19
C TYR D 225 -49.29 -26.71 24.01
N PRO D 226 -49.91 -26.77 22.83
CA PRO D 226 -49.57 -25.91 21.67
C PRO D 226 -49.96 -24.45 21.88
N LEU D 227 -49.26 -23.54 21.21
CA LEU D 227 -49.42 -22.11 21.44
C LEU D 227 -50.81 -21.58 21.11
N GLU D 228 -51.46 -22.16 20.09
CA GLU D 228 -52.78 -21.67 19.65
C GLU D 228 -53.93 -22.10 20.57
N GLU D 229 -53.68 -23.05 21.46
CA GLU D 229 -54.68 -23.48 22.45
C GLU D 229 -54.49 -22.77 23.79
N PHE D 230 -53.48 -21.91 23.90
CA PHE D 230 -53.14 -21.24 25.15
C PHE D 230 -52.79 -19.76 24.95
N VAL D 231 -53.50 -19.08 24.04
CA VAL D 231 -53.26 -17.66 23.76
C VAL D 231 -53.38 -16.80 25.02
N LYS D 232 -54.54 -16.88 25.67
CA LYS D 232 -54.85 -16.10 26.86
C LYS D 232 -53.93 -16.45 28.03
N GLU D 233 -53.69 -17.73 28.24
CA GLU D 233 -52.90 -18.21 29.36
C GLU D 233 -51.45 -17.73 29.20
N ASN D 234 -50.93 -17.80 28.00
CA ASN D 234 -49.55 -17.37 27.73
C ASN D 234 -49.40 -15.85 27.80
N GLN D 235 -50.42 -15.12 27.36
CA GLN D 235 -50.47 -13.68 27.54
C GLN D 235 -50.38 -13.29 29.03
N GLN D 236 -51.18 -13.97 29.87
CA GLN D 236 -51.24 -13.69 31.31
C GLN D 236 -49.95 -14.11 32.04
N GLU D 237 -49.33 -15.18 31.59
CA GLU D 237 -48.05 -15.66 32.16
C GLU D 237 -46.96 -14.62 31.89
N GLU D 238 -46.87 -14.15 30.65
CA GLU D 238 -45.91 -13.12 30.28
C GLU D 238 -46.15 -11.79 31.02
N ALA D 239 -47.43 -11.43 31.20
CA ALA D 239 -47.77 -10.21 31.92
C ALA D 239 -47.39 -10.31 33.40
N ARG D 240 -47.57 -11.49 33.99
CA ARG D 240 -47.22 -11.71 35.39
C ARG D 240 -45.69 -11.56 35.57
N CYS D 241 -44.93 -12.06 34.63
CA CYS D 241 -43.48 -12.00 34.71
C CYS D 241 -42.97 -10.57 34.56
N LEU D 242 -43.58 -9.80 33.66
CA LEU D 242 -43.18 -8.41 33.44
C LEU D 242 -43.46 -7.57 34.69
N GLU D 243 -44.60 -7.80 35.32
CA GLU D 243 -44.94 -7.09 36.54
C GLU D 243 -43.94 -7.41 37.67
N GLU D 244 -43.53 -8.67 37.75
CA GLU D 244 -42.59 -9.09 38.81
C GLU D 244 -41.20 -8.52 38.58
N VAL D 245 -40.81 -8.35 37.31
CA VAL D 245 -39.54 -7.70 36.96
C VAL D 245 -39.57 -6.28 37.50
N GLU D 246 -40.65 -5.56 37.21
CA GLU D 246 -40.76 -4.17 37.65
C GLU D 246 -40.75 -4.04 39.17
N ASP D 247 -41.53 -4.88 39.88
CA ASP D 247 -41.55 -4.89 41.35
C ASP D 247 -40.15 -5.11 41.93
N LEU D 248 -39.36 -5.98 41.30
CA LEU D 248 -38.01 -6.28 41.76
C LEU D 248 -37.07 -5.11 41.58
N ILE D 249 -37.22 -4.35 40.50
CA ILE D 249 -36.43 -3.15 40.30
C ILE D 249 -36.74 -2.14 41.41
N VAL D 250 -38.02 -1.94 41.69
CA VAL D 250 -38.46 -1.01 42.71
C VAL D 250 -37.96 -1.44 44.09
N LYS D 251 -38.07 -2.73 44.36
CA LYS D 251 -37.69 -3.28 45.66
C LYS D 251 -36.19 -3.10 45.90
N TYR D 252 -35.39 -3.34 44.86
CA TYR D 252 -33.94 -3.27 44.99
C TYR D 252 -33.41 -1.83 45.06
N ARG D 253 -34.16 -0.89 44.49
CA ARG D 253 -33.87 0.53 44.63
C ARG D 253 -33.97 0.93 46.10
N LYS D 254 -35.05 0.48 46.75
CA LYS D 254 -35.28 0.74 48.18
C LYS D 254 -34.22 0.08 49.07
N LYS D 255 -33.78 -1.11 48.73
CA LYS D 255 -32.67 -1.78 49.44
C LYS D 255 -31.29 -1.11 49.22
N LYS D 256 -31.24 -0.07 48.37
CA LYS D 256 -29.99 0.61 48.02
C LYS D 256 -29.00 -0.33 47.31
N LYS D 257 -29.58 -1.22 46.50
CA LYS D 257 -28.84 -2.12 45.63
C LYS D 257 -29.39 -1.92 44.22
N THR D 258 -29.33 -0.66 43.79
CA THR D 258 -29.94 -0.20 42.53
C THR D 258 -29.63 -1.13 41.37
N VAL D 259 -30.67 -1.49 40.62
CA VAL D 259 -30.53 -2.26 39.40
C VAL D 259 -29.99 -1.36 38.30
N ALA D 260 -28.70 -1.54 37.98
CA ALA D 260 -28.05 -0.78 36.93
C ALA D 260 -28.35 -1.32 35.53
N GLY D 261 -28.65 -2.62 35.45
CA GLY D 261 -28.93 -3.26 34.18
C GLY D 261 -29.71 -4.55 34.30
N ILE D 262 -30.36 -4.94 33.20
CA ILE D 262 -31.10 -6.20 33.08
C ILE D 262 -30.46 -7.05 31.98
N ILE D 263 -30.15 -8.30 32.30
CA ILE D 263 -29.62 -9.24 31.31
C ILE D 263 -30.64 -10.37 31.03
N VAL D 264 -30.80 -10.68 29.75
CA VAL D 264 -31.71 -11.72 29.28
C VAL D 264 -31.20 -12.36 27.96
N GLU D 265 -31.49 -13.65 27.79
CA GLU D 265 -31.27 -14.32 26.50
C GLU D 265 -32.56 -14.18 25.69
N PRO D 266 -32.45 -13.99 24.37
CA PRO D 266 -33.66 -14.02 23.51
C PRO D 266 -34.40 -15.36 23.57
N ILE D 267 -33.64 -16.44 23.72
CA ILE D 267 -34.15 -17.79 24.03
C ILE D 267 -33.22 -18.38 25.08
N GLN D 268 -33.75 -18.85 26.21
CA GLN D 268 -32.91 -19.39 27.28
C GLN D 268 -32.42 -20.76 26.84
N SER D 269 -31.11 -20.98 26.76
CA SER D 269 -30.56 -22.23 26.20
C SER D 269 -30.32 -23.29 27.26
N GLU D 270 -29.25 -23.17 28.04
CA GLU D 270 -28.86 -24.20 29.01
C GLU D 270 -29.99 -24.51 30.00
N GLY D 271 -30.81 -23.52 30.32
CA GLY D 271 -31.90 -23.69 31.25
C GLY D 271 -33.11 -24.44 30.71
N GLY D 272 -33.13 -24.74 29.42
CA GLY D 272 -34.16 -25.61 28.83
C GLY D 272 -34.87 -25.11 27.57
N ASP D 273 -34.20 -24.34 26.73
CA ASP D 273 -34.81 -23.76 25.53
C ASP D 273 -36.17 -23.10 25.81
N ASN D 274 -36.15 -22.14 26.73
CA ASN D 274 -37.36 -21.41 27.06
C ASN D 274 -37.54 -20.20 26.14
N HIS D 275 -38.69 -20.18 25.47
CA HIS D 275 -39.08 -19.12 24.55
C HIS D 275 -40.06 -18.19 25.23
N ALA D 276 -40.11 -16.96 24.71
CA ALA D 276 -41.18 -16.00 25.01
C ALA D 276 -41.51 -15.22 23.73
N SER D 277 -42.68 -14.60 23.71
CA SER D 277 -43.13 -13.85 22.54
C SER D 277 -42.26 -12.62 22.32
N ASP D 278 -42.23 -12.15 21.08
CA ASP D 278 -41.53 -10.91 20.75
C ASP D 278 -42.12 -9.73 21.53
N ASP D 279 -43.43 -9.77 21.74
CA ASP D 279 -44.13 -8.76 22.52
C ASP D 279 -43.55 -8.67 23.94
N PHE D 280 -43.27 -9.82 24.54
CA PHE D 280 -42.67 -9.85 25.86
C PHE D 280 -41.35 -9.11 25.92
N PHE D 281 -40.47 -9.37 24.95
CA PHE D 281 -39.16 -8.72 24.93
C PHE D 281 -39.24 -7.21 24.66
N ARG D 282 -40.21 -6.80 23.83
CA ARG D 282 -40.42 -5.38 23.57
C ARG D 282 -40.84 -4.65 24.85
N LYS D 283 -41.72 -5.26 25.64
CA LYS D 283 -42.18 -4.67 26.88
C LYS D 283 -41.06 -4.68 27.92
N LEU D 284 -40.28 -5.75 27.95
CA LEU D 284 -39.16 -5.84 28.89
C LEU D 284 -38.17 -4.72 28.62
N ARG D 285 -37.91 -4.47 27.34
CA ARG D 285 -37.04 -3.38 26.94
C ARG D 285 -37.57 -2.02 27.40
N ASP D 286 -38.87 -1.80 27.26
CA ASP D 286 -39.53 -0.57 27.72
C ASP D 286 -39.40 -0.39 29.23
N ILE D 287 -39.54 -1.47 29.98
CA ILE D 287 -39.45 -1.43 31.44
C ILE D 287 -38.01 -1.04 31.83
N SER D 288 -37.05 -1.61 31.13
CA SER D 288 -35.63 -1.31 31.35
C SER D 288 -35.37 0.19 31.21
N ARG D 289 -35.84 0.76 30.09
CA ARG D 289 -35.63 2.18 29.80
C ARG D 289 -36.34 3.06 30.84
N LYS D 290 -37.57 2.67 31.20
CA LYS D 290 -38.41 3.42 32.14
C LYS D 290 -37.70 3.63 33.48
N HIS D 291 -36.95 2.62 33.94
CA HIS D 291 -36.26 2.63 35.25
C HIS D 291 -34.77 2.97 35.17
N GLY D 292 -34.30 3.38 34.01
CA GLY D 292 -32.90 3.76 33.82
C GLY D 292 -31.93 2.60 33.85
N CYS D 293 -32.44 1.38 33.63
CA CYS D 293 -31.60 0.18 33.58
C CYS D 293 -31.14 -0.05 32.17
N ALA D 294 -29.83 -0.33 32.01
CA ALA D 294 -29.27 -0.74 30.74
C ALA D 294 -29.86 -2.10 30.36
N PHE D 295 -30.26 -2.25 29.10
CA PHE D 295 -30.80 -3.52 28.64
C PHE D 295 -29.72 -4.31 27.92
N LEU D 296 -29.30 -5.41 28.54
CA LEU D 296 -28.21 -6.23 28.07
C LEU D 296 -28.77 -7.52 27.47
N VAL D 297 -28.61 -7.68 26.17
CA VAL D 297 -29.10 -8.87 25.48
C VAL D 297 -27.94 -9.83 25.21
N ASP D 298 -28.07 -11.05 25.73
CA ASP D 298 -27.05 -12.08 25.62
C ASP D 298 -27.35 -13.02 24.44
N GLU D 299 -26.63 -12.80 23.35
CA GLU D 299 -26.73 -13.58 22.11
C GLU D 299 -25.53 -14.51 21.88
N VAL D 300 -24.83 -14.85 22.95
CA VAL D 300 -23.74 -15.80 22.88
C VAL D 300 -24.17 -17.09 22.17
N GLN D 301 -25.33 -17.63 22.52
CA GLN D 301 -25.81 -18.86 21.90
C GLN D 301 -26.83 -18.66 20.75
N THR D 302 -27.64 -17.61 20.81
CA THR D 302 -28.66 -17.35 19.78
C THR D 302 -28.10 -16.61 18.55
N GLY D 303 -26.97 -15.94 18.74
CA GLY D 303 -26.37 -15.15 17.67
C GLY D 303 -25.68 -16.01 16.63
N GLY D 304 -25.61 -15.49 15.41
CA GLY D 304 -24.99 -16.19 14.31
C GLY D 304 -25.93 -16.88 13.33
N GLY D 305 -27.22 -16.54 13.33
CA GLY D 305 -28.08 -16.85 12.20
C GLY D 305 -29.05 -18.02 12.32
N SER D 306 -28.86 -18.91 13.29
CA SER D 306 -29.64 -20.14 13.30
C SER D 306 -31.15 -19.92 13.50
N THR D 307 -31.57 -18.79 14.08
CA THR D 307 -33.00 -18.49 14.21
C THR D 307 -33.64 -17.92 12.94
N GLY D 308 -32.84 -17.68 11.90
CA GLY D 308 -33.30 -17.12 10.65
C GLY D 308 -32.91 -15.66 10.46
N LYS D 309 -32.45 -15.01 11.52
CA LYS D 309 -31.89 -13.67 11.46
C LYS D 309 -30.53 -13.75 12.11
N PHE D 310 -29.60 -12.88 11.72
CA PHE D 310 -28.26 -12.95 12.27
C PHE D 310 -28.30 -12.91 13.79
N TRP D 311 -28.98 -11.90 14.36
CA TRP D 311 -29.21 -11.82 15.80
C TRP D 311 -30.69 -12.14 16.05
N ALA D 312 -30.95 -13.01 17.03
CA ALA D 312 -32.32 -13.40 17.36
C ALA D 312 -33.19 -12.20 17.72
N HIS D 313 -32.61 -11.19 18.36
CA HIS D 313 -33.38 -10.01 18.76
C HIS D 313 -33.97 -9.21 17.59
N GLU D 314 -33.40 -9.37 16.40
CA GLU D 314 -33.92 -8.73 15.19
C GLU D 314 -35.39 -9.09 14.92
N HIS D 315 -35.81 -10.29 15.32
CA HIS D 315 -37.20 -10.70 15.19
C HIS D 315 -38.14 -9.73 15.94
N TRP D 316 -37.65 -9.10 17.02
CA TRP D 316 -38.48 -8.18 17.80
C TRP D 316 -38.92 -6.96 16.99
N GLY D 317 -38.13 -6.59 15.98
CA GLY D 317 -38.48 -5.52 15.05
C GLY D 317 -38.27 -4.12 15.60
N LEU D 318 -37.35 -3.95 16.54
CA LEU D 318 -37.12 -2.67 17.20
C LEU D 318 -35.97 -1.89 16.59
N ASP D 319 -36.13 -0.57 16.50
CA ASP D 319 -35.08 0.36 16.12
C ASP D 319 -34.05 0.52 17.25
N ASP D 320 -34.51 0.40 18.49
CA ASP D 320 -33.69 0.50 19.70
C ASP D 320 -33.92 -0.80 20.51
N PRO D 321 -33.30 -1.89 20.08
CA PRO D 321 -33.53 -3.20 20.71
C PRO D 321 -32.86 -3.37 22.05
N ALA D 322 -31.75 -2.67 22.27
CA ALA D 322 -30.89 -2.89 23.45
C ALA D 322 -29.84 -1.82 23.57
N ASP D 323 -29.23 -1.76 24.76
CA ASP D 323 -28.13 -0.86 25.02
C ASP D 323 -26.80 -1.56 24.77
N VAL D 324 -26.74 -2.84 25.14
CA VAL D 324 -25.54 -3.68 25.00
C VAL D 324 -25.94 -5.08 24.52
N MET D 325 -25.12 -5.68 23.67
CA MET D 325 -25.35 -7.04 23.20
C MET D 325 -24.07 -7.81 23.14
N THR D 326 -24.02 -8.92 23.87
CA THR D 326 -22.86 -9.80 23.88
C THR D 326 -23.02 -10.95 22.89
N PHE D 327 -21.88 -11.50 22.48
CA PHE D 327 -21.84 -12.61 21.53
C PHE D 327 -20.57 -13.41 21.74
N SER D 328 -20.55 -14.61 21.15
CA SER D 328 -19.38 -15.49 21.10
C SER D 328 -19.72 -16.71 20.25
N LYS D 329 -19.04 -17.83 20.50
CA LYS D 329 -19.35 -19.12 19.89
C LYS D 329 -19.25 -19.11 18.36
N LYS D 330 -20.38 -19.09 17.69
CA LYS D 330 -20.44 -18.99 16.22
C LYS D 330 -19.58 -17.87 15.64
N MET D 331 -19.53 -16.75 16.38
CA MET D 331 -18.79 -15.57 15.97
C MET D 331 -17.27 -15.76 16.07
N MET D 332 -16.84 -16.87 16.66
CA MET D 332 -15.43 -17.29 16.75
C MET D 332 -14.67 -16.51 17.85
N THR D 333 -14.77 -15.20 17.81
CA THR D 333 -14.38 -14.32 18.92
C THR D 333 -15.62 -13.94 19.73
N GLY D 334 -15.37 -13.48 20.95
CA GLY D 334 -16.38 -12.85 21.77
C GLY D 334 -16.33 -11.35 21.62
N GLY D 335 -17.11 -10.68 22.46
CA GLY D 335 -17.13 -9.23 22.57
C GLY D 335 -18.53 -8.71 22.87
N PHE D 336 -18.72 -7.41 22.68
CA PHE D 336 -20.05 -6.83 22.76
C PHE D 336 -20.16 -5.52 22.00
N PHE D 337 -21.27 -5.36 21.29
CA PHE D 337 -21.68 -4.08 20.72
C PHE D 337 -22.37 -3.26 21.81
N HIS D 338 -22.34 -1.93 21.67
CA HIS D 338 -23.12 -1.07 22.56
C HIS D 338 -23.32 0.34 22.02
N LYS D 339 -24.28 1.07 22.61
CA LYS D 339 -24.56 2.45 22.23
C LYS D 339 -23.40 3.36 22.60
N GLU D 340 -23.27 4.46 21.86
CA GLU D 340 -22.23 5.46 22.08
C GLU D 340 -22.20 5.95 23.53
N GLU D 341 -23.37 6.16 24.12
CA GLU D 341 -23.45 6.67 25.50
C GLU D 341 -22.86 5.73 26.56
N PHE D 342 -22.71 4.45 26.23
CA PHE D 342 -22.04 3.49 27.12
C PHE D 342 -20.52 3.40 26.95
N ARG D 343 -19.98 4.15 26.01
CA ARG D 343 -18.54 4.24 25.81
C ARG D 343 -17.85 4.66 27.10
N PRO D 344 -16.90 3.86 27.58
CA PRO D 344 -16.09 4.26 28.74
C PRO D 344 -15.45 5.64 28.55
N ASN D 345 -15.48 6.45 29.60
CA ASN D 345 -14.89 7.80 29.62
C ASN D 345 -13.35 7.83 29.61
N ALA D 346 -12.72 6.79 30.15
CA ALA D 346 -11.26 6.72 30.24
C ALA D 346 -10.76 5.35 29.85
N PRO D 347 -9.50 5.25 29.42
CA PRO D 347 -8.90 3.95 29.09
C PRO D 347 -8.58 3.16 30.36
N TYR D 348 -8.25 1.88 30.18
CA TYR D 348 -7.81 1.01 31.28
C TYR D 348 -8.90 0.68 32.30
N ARG D 349 -10.16 0.83 31.92
CA ARG D 349 -11.28 0.41 32.74
C ARG D 349 -11.88 -0.89 32.19
N ILE D 350 -12.22 -0.88 30.91
CA ILE D 350 -12.54 -2.10 30.19
C ILE D 350 -11.30 -2.51 29.42
N PHE D 351 -10.65 -3.58 29.87
CA PHE D 351 -9.31 -3.91 29.38
C PHE D 351 -8.90 -5.30 29.83
N ASN D 352 -8.11 -5.96 28.99
CA ASN D 352 -7.33 -7.12 29.37
C ASN D 352 -6.23 -7.34 28.35
N THR D 353 -5.41 -8.38 28.55
CA THR D 353 -4.23 -8.57 27.73
C THR D 353 -4.56 -8.72 26.26
N TRP D 354 -5.44 -9.66 25.93
CA TRP D 354 -5.62 -10.09 24.53
C TRP D 354 -6.87 -9.53 23.84
N LEU D 355 -7.95 -9.34 24.58
CA LEU D 355 -9.20 -8.77 24.06
C LEU D 355 -9.68 -9.50 22.82
N GLY D 356 -9.63 -10.82 22.85
CA GLY D 356 -9.91 -11.62 21.67
C GLY D 356 -8.64 -12.07 21.02
N ASP D 357 -8.68 -12.23 19.70
CA ASP D 357 -7.56 -12.76 18.94
C ASP D 357 -7.76 -12.42 17.47
N PRO D 358 -6.79 -11.73 16.85
CA PRO D 358 -6.91 -11.42 15.42
C PRO D 358 -7.13 -12.64 14.53
N SER D 359 -6.56 -13.78 14.87
CA SER D 359 -6.76 -15.00 14.09
C SER D 359 -8.24 -15.36 14.02
N LYS D 360 -8.97 -15.14 15.11
CA LYS D 360 -10.39 -15.42 15.13
C LYS D 360 -11.20 -14.47 14.26
N ASN D 361 -10.80 -13.19 14.24
CA ASN D 361 -11.42 -12.20 13.36
C ASN D 361 -11.20 -12.52 11.88
N LEU D 362 -10.02 -13.02 11.57
CA LEU D 362 -9.67 -13.44 10.20
C LEU D 362 -10.65 -14.53 9.73
N LEU D 363 -10.88 -15.52 10.58
CA LEU D 363 -11.78 -16.63 10.24
C LEU D 363 -13.21 -16.12 10.13
N LEU D 364 -13.61 -15.26 11.05
CA LEU D 364 -14.97 -14.75 11.10
C LEU D 364 -15.36 -13.95 9.86
N ALA D 365 -14.44 -13.15 9.34
CA ALA D 365 -14.69 -12.36 8.14
C ALA D 365 -15.10 -13.28 7.00
N GLU D 366 -14.39 -14.41 6.85
CA GLU D 366 -14.75 -15.38 5.85
C GLU D 366 -16.07 -16.09 6.18
N VAL D 367 -16.29 -16.44 7.44
CA VAL D 367 -17.54 -17.08 7.85
C VAL D 367 -18.71 -16.19 7.41
N ILE D 368 -18.63 -14.90 7.73
CA ILE D 368 -19.72 -13.97 7.43
C ILE D 368 -19.93 -13.84 5.93
N ASN D 369 -18.85 -13.80 5.18
CA ASN D 369 -18.92 -13.78 3.72
C ASN D 369 -19.65 -15.00 3.16
N ILE D 370 -19.35 -16.18 3.72
CA ILE D 370 -20.03 -17.41 3.31
C ILE D 370 -21.51 -17.35 3.66
N ILE D 371 -21.83 -16.89 4.87
CA ILE D 371 -23.22 -16.80 5.29
C ILE D 371 -24.05 -15.94 4.31
N LYS D 372 -23.49 -14.81 3.88
CA LYS D 372 -24.24 -13.90 3.00
C LYS D 372 -24.31 -14.45 1.56
N ARG D 373 -23.20 -14.94 1.03
CA ARG D 373 -23.15 -15.39 -0.37
C ARG D 373 -23.97 -16.67 -0.60
N GLU D 374 -23.98 -17.55 0.40
CA GLU D 374 -24.74 -18.80 0.32
C GLU D 374 -26.15 -18.68 0.90
N ASP D 375 -26.57 -17.47 1.27
CA ASP D 375 -27.94 -17.22 1.73
C ASP D 375 -28.32 -18.11 2.93
N LEU D 376 -27.40 -18.25 3.89
CA LEU D 376 -27.58 -19.18 5.00
C LEU D 376 -28.57 -18.78 6.09
N LEU D 377 -28.87 -17.48 6.24
CA LEU D 377 -29.93 -17.05 7.15
C LEU D 377 -31.28 -17.62 6.70
N SER D 378 -31.64 -17.37 5.44
CA SER D 378 -32.91 -17.89 4.89
C SER D 378 -32.93 -19.42 4.90
N ASN D 379 -31.77 -20.04 4.64
CA ASN D 379 -31.69 -21.49 4.67
C ASN D 379 -32.00 -22.08 6.05
N ALA D 380 -31.59 -21.39 7.09
CA ALA D 380 -31.87 -21.80 8.46
C ALA D 380 -33.37 -21.73 8.75
N ALA D 381 -34.02 -20.68 8.27
CA ALA D 381 -35.48 -20.56 8.42
C ALA D 381 -36.16 -21.74 7.72
N HIS D 382 -35.73 -22.04 6.50
CA HIS D 382 -36.38 -23.05 5.69
C HIS D 382 -36.14 -24.47 6.27
N ALA D 383 -34.88 -24.81 6.52
CA ALA D 383 -34.49 -26.12 7.05
C ALA D 383 -35.03 -26.33 8.45
N GLY D 384 -35.06 -25.24 9.22
CA GLY D 384 -35.67 -25.24 10.55
C GLY D 384 -37.17 -25.48 10.50
N LYS D 385 -37.83 -24.94 9.48
CA LYS D 385 -39.26 -25.18 9.29
C LYS D 385 -39.50 -26.65 8.99
N VAL D 386 -38.67 -27.24 8.14
CA VAL D 386 -38.82 -28.66 7.82
C VAL D 386 -38.58 -29.49 9.09
N LEU D 387 -37.57 -29.14 9.86
CA LEU D 387 -37.26 -29.88 11.09
C LEU D 387 -38.46 -29.85 12.04
N LEU D 388 -38.96 -28.65 12.29
CA LEU D 388 -40.03 -28.42 13.24
C LEU D 388 -41.35 -29.09 12.81
N THR D 389 -41.64 -29.06 11.52
CA THR D 389 -42.81 -29.75 11.00
C THR D 389 -42.70 -31.26 11.27
N GLY D 390 -41.51 -31.82 11.11
CA GLY D 390 -41.29 -33.24 11.37
C GLY D 390 -41.42 -33.57 12.85
N LEU D 391 -40.91 -32.68 13.71
CA LEU D 391 -41.02 -32.89 15.15
C LEU D 391 -42.49 -32.85 15.60
N LEU D 392 -43.27 -31.95 15.00
CA LEU D 392 -44.70 -31.86 15.30
C LEU D 392 -45.42 -33.15 14.91
N ASP D 393 -45.03 -33.73 13.79
CA ASP D 393 -45.60 -35.00 13.35
C ASP D 393 -45.28 -36.10 14.36
N LEU D 394 -44.02 -36.18 14.78
CA LEU D 394 -43.57 -37.18 15.74
C LEU D 394 -44.25 -37.01 17.09
N GLN D 395 -44.49 -35.76 17.48
CA GLN D 395 -45.24 -35.43 18.70
C GLN D 395 -46.67 -35.98 18.65
N ALA D 396 -47.32 -35.83 17.50
CA ALA D 396 -48.67 -36.30 17.30
C ALA D 396 -48.75 -37.84 17.34
N ARG D 397 -47.69 -38.51 16.89
CA ARG D 397 -47.64 -39.98 16.83
C ARG D 397 -47.13 -40.62 18.12
N TYR D 398 -46.36 -39.87 18.92
CA TYR D 398 -45.73 -40.42 20.11
C TYR D 398 -45.87 -39.45 21.29
N PRO D 399 -47.10 -39.17 21.70
CA PRO D 399 -47.36 -38.23 22.81
C PRO D 399 -46.85 -38.77 24.14
N GLN D 400 -46.60 -40.07 24.21
CA GLN D 400 -46.03 -40.70 25.40
C GLN D 400 -44.53 -40.41 25.58
N PHE D 401 -43.87 -39.93 24.53
CA PHE D 401 -42.44 -39.60 24.62
C PHE D 401 -42.11 -38.13 24.29
N ILE D 402 -42.95 -37.48 23.49
CA ILE D 402 -42.65 -36.15 22.95
C ILE D 402 -43.71 -35.15 23.35
N SER D 403 -43.29 -34.03 23.94
CA SER D 403 -44.20 -32.91 24.19
C SER D 403 -43.50 -31.55 24.05
N ARG D 404 -44.31 -30.50 23.94
CA ARG D 404 -43.84 -29.14 23.91
C ARG D 404 -42.84 -28.87 22.77
N VAL D 405 -43.08 -29.45 21.61
CA VAL D 405 -42.23 -29.19 20.44
C VAL D 405 -42.26 -27.66 20.15
N ARG D 406 -41.08 -27.08 20.03
CA ARG D 406 -40.95 -25.65 19.87
C ARG D 406 -39.66 -25.30 19.16
N GLY D 407 -39.60 -24.09 18.61
CA GLY D 407 -38.41 -23.63 17.93
C GLY D 407 -38.59 -22.35 17.15
N ARG D 408 -37.45 -21.82 16.73
CA ARG D 408 -37.38 -20.72 15.77
C ARG D 408 -36.13 -20.95 14.93
N GLY D 409 -36.29 -20.93 13.61
CA GLY D 409 -35.23 -21.41 12.73
C GLY D 409 -34.92 -22.86 13.07
N THR D 410 -33.65 -23.23 13.03
CA THR D 410 -33.19 -24.54 13.46
C THR D 410 -32.97 -24.64 14.98
N PHE D 411 -33.19 -23.54 15.69
CA PHE D 411 -33.09 -23.49 17.16
C PHE D 411 -34.34 -24.16 17.79
N CYS D 412 -34.39 -25.49 17.71
CA CYS D 412 -35.57 -26.26 18.08
C CYS D 412 -35.33 -27.18 19.27
N SER D 413 -36.43 -27.69 19.81
CA SER D 413 -36.39 -28.57 20.97
C SER D 413 -37.73 -29.19 21.26
N PHE D 414 -37.69 -30.18 22.14
CA PHE D 414 -38.88 -30.77 22.70
C PHE D 414 -38.55 -31.38 24.06
N ASP D 415 -39.57 -31.66 24.86
CA ASP D 415 -39.42 -32.34 26.14
C ASP D 415 -39.72 -33.82 26.05
N THR D 416 -39.11 -34.55 26.97
CA THR D 416 -39.41 -35.96 27.20
C THR D 416 -39.98 -36.10 28.61
N PRO D 417 -40.54 -37.26 28.96
CA PRO D 417 -41.22 -37.41 30.25
C PRO D 417 -40.33 -37.25 31.48
N ASP D 418 -39.04 -37.61 31.40
CA ASP D 418 -38.11 -37.46 32.53
C ASP D 418 -36.65 -37.52 32.07
N GLU D 419 -35.74 -37.18 32.98
CA GLU D 419 -34.31 -37.09 32.67
C GLU D 419 -33.72 -38.39 32.11
N SER D 420 -34.23 -39.51 32.61
CA SER D 420 -33.70 -40.82 32.24
C SER D 420 -34.04 -41.22 30.78
N ILE D 421 -35.27 -40.95 30.36
CA ILE D 421 -35.68 -41.20 28.98
C ILE D 421 -34.95 -40.23 28.03
N ARG D 422 -34.74 -39.00 28.49
CA ARG D 422 -34.04 -37.99 27.72
C ARG D 422 -32.63 -38.47 27.37
N ASN D 423 -31.89 -38.90 28.39
CA ASN D 423 -30.53 -39.40 28.19
C ASN D 423 -30.51 -40.67 27.39
N LYS D 424 -31.51 -41.52 27.58
CA LYS D 424 -31.58 -42.77 26.83
C LYS D 424 -31.80 -42.49 25.34
N LEU D 425 -32.70 -41.56 25.01
CA LEU D 425 -32.99 -41.23 23.61
C LEU D 425 -31.77 -40.59 22.93
N ILE D 426 -31.04 -39.74 23.65
CA ILE D 426 -29.81 -39.14 23.14
C ILE D 426 -28.77 -40.22 22.86
N SER D 427 -28.68 -41.19 23.77
CA SER D 427 -27.70 -42.25 23.67
C SER D 427 -28.02 -43.22 22.51
N ILE D 428 -29.30 -43.52 22.30
CA ILE D 428 -29.73 -44.39 21.19
C ILE D 428 -29.44 -43.69 19.87
N ALA D 429 -29.84 -42.43 19.79
CA ALA D 429 -29.71 -41.62 18.57
C ALA D 429 -28.26 -41.54 18.13
N ARG D 430 -27.37 -41.32 19.09
CA ARG D 430 -25.94 -41.28 18.83
C ARG D 430 -25.38 -42.59 18.24
N ASN D 431 -25.78 -43.71 18.81
CA ASN D 431 -25.38 -45.01 18.29
C ASN D 431 -25.98 -45.30 16.90
N LYS D 432 -27.08 -44.62 16.56
CA LYS D 432 -27.70 -44.72 15.25
C LYS D 432 -27.21 -43.66 14.25
N GLY D 433 -26.26 -42.82 14.65
CA GLY D 433 -25.61 -41.87 13.75
C GLY D 433 -26.01 -40.41 13.85
N VAL D 434 -26.66 -40.03 14.94
CA VAL D 434 -27.09 -38.64 15.13
C VAL D 434 -26.76 -38.10 16.53
N MET D 435 -25.90 -37.08 16.54
CA MET D 435 -25.49 -36.37 17.74
C MET D 435 -26.55 -35.34 18.11
N LEU D 436 -27.24 -35.55 19.23
CA LEU D 436 -28.20 -34.58 19.76
C LEU D 436 -27.68 -34.00 21.07
N GLY D 437 -28.26 -32.88 21.48
CA GLY D 437 -27.90 -32.27 22.75
C GLY D 437 -29.07 -32.27 23.71
N GLY D 438 -28.76 -32.16 25.00
CA GLY D 438 -29.75 -32.01 26.04
C GLY D 438 -29.67 -30.62 26.65
N CYS D 439 -30.79 -30.16 27.22
CA CYS D 439 -30.83 -28.95 28.01
C CYS D 439 -31.94 -29.08 29.03
N GLY D 440 -31.89 -28.27 30.09
CA GLY D 440 -32.84 -28.36 31.19
C GLY D 440 -32.74 -29.73 31.86
N ASP D 441 -33.83 -30.20 32.47
CA ASP D 441 -33.84 -31.53 33.10
C ASP D 441 -34.19 -32.63 32.13
N LYS D 442 -35.07 -32.36 31.17
CA LYS D 442 -35.64 -33.41 30.32
C LYS D 442 -35.94 -33.00 28.88
N SER D 443 -35.28 -31.95 28.39
CA SER D 443 -35.44 -31.50 27.02
C SER D 443 -34.29 -31.98 26.12
N ILE D 444 -34.61 -32.27 24.86
CA ILE D 444 -33.61 -32.46 23.81
C ILE D 444 -33.61 -31.20 22.94
N ARG D 445 -32.43 -30.79 22.50
CA ARG D 445 -32.28 -29.54 21.75
C ARG D 445 -31.53 -29.78 20.45
N PHE D 446 -31.68 -28.85 19.51
CA PHE D 446 -31.01 -28.91 18.22
C PHE D 446 -30.18 -27.63 18.01
N ARG D 447 -28.92 -27.81 17.66
CA ARG D 447 -28.06 -26.68 17.30
C ARG D 447 -27.26 -27.04 16.07
N PRO D 448 -27.93 -27.18 14.93
CA PRO D 448 -27.23 -27.59 13.72
C PRO D 448 -26.38 -26.43 13.21
N THR D 449 -25.26 -26.73 12.56
CA THR D 449 -24.44 -25.72 11.89
C THR D 449 -25.24 -25.09 10.77
N LEU D 450 -24.75 -23.98 10.24
CA LEU D 450 -25.47 -23.25 9.18
C LEU D 450 -25.46 -23.92 7.79
N VAL D 451 -24.71 -25.02 7.64
CA VAL D 451 -24.76 -25.83 6.42
C VAL D 451 -25.71 -27.04 6.53
N PHE D 452 -26.50 -27.08 7.60
CA PHE D 452 -27.57 -28.04 7.77
C PHE D 452 -28.73 -27.70 6.83
N ARG D 453 -29.11 -28.66 5.97
CA ARG D 453 -30.20 -28.46 4.98
C ARG D 453 -31.42 -29.31 5.28
N ASP D 454 -32.48 -29.10 4.51
CA ASP D 454 -33.72 -29.87 4.71
C ASP D 454 -33.51 -31.39 4.60
N HIS D 455 -32.57 -31.85 3.78
CA HIS D 455 -32.36 -33.28 3.66
C HIS D 455 -31.67 -33.86 4.92
N HIS D 456 -30.84 -33.06 5.58
CA HIS D 456 -30.24 -33.47 6.84
C HIS D 456 -31.32 -33.59 7.92
N ALA D 457 -32.30 -32.68 7.89
CA ALA D 457 -33.44 -32.78 8.76
C ALA D 457 -34.22 -34.08 8.56
N HIS D 458 -34.47 -34.49 7.31
CA HIS D 458 -35.21 -35.73 7.03
C HIS D 458 -34.43 -36.98 7.43
N LEU D 459 -33.12 -36.89 7.27
CA LEU D 459 -32.20 -37.92 7.70
C LEU D 459 -32.39 -38.18 9.19
N PHE D 460 -32.38 -37.10 9.98
CA PHE D 460 -32.57 -37.21 11.42
C PHE D 460 -33.96 -37.74 11.76
N LEU D 461 -34.98 -37.21 11.10
CA LEU D 461 -36.38 -37.58 11.40
C LEU D 461 -36.69 -39.03 11.11
N ASN D 462 -36.07 -39.58 10.08
CA ASN D 462 -36.28 -40.98 9.73
C ASN D 462 -35.63 -41.87 10.81
N ILE D 463 -34.39 -41.54 11.19
CA ILE D 463 -33.69 -42.25 12.27
C ILE D 463 -34.48 -42.14 13.58
N PHE D 464 -34.86 -40.93 13.96
CA PHE D 464 -35.64 -40.75 15.19
C PHE D 464 -36.99 -41.48 15.20
N SER D 465 -37.67 -41.51 14.05
CA SER D 465 -38.91 -42.26 13.88
C SER D 465 -38.76 -43.75 14.21
N ASP D 466 -37.69 -44.37 13.70
CA ASP D 466 -37.42 -45.77 14.00
C ASP D 466 -37.12 -45.97 15.47
N ILE D 467 -36.40 -45.04 16.09
CA ILE D 467 -36.06 -45.17 17.49
C ILE D 467 -37.34 -45.21 18.34
N LEU D 468 -38.26 -44.30 18.07
CA LEU D 468 -39.51 -44.21 18.82
C LEU D 468 -40.43 -45.41 18.62
N ALA D 469 -40.41 -46.02 17.43
CA ALA D 469 -41.25 -47.21 17.19
C ALA D 469 -40.83 -48.37 18.08
N ASP D 470 -39.53 -48.44 18.39
CA ASP D 470 -38.94 -49.56 19.11
C ASP D 470 -38.61 -49.25 20.58
N PHE D 471 -38.82 -48.00 21.00
CA PHE D 471 -38.39 -47.58 22.33
C PHE D 471 -39.24 -48.25 23.41
#